data_7Q5N
#
_entry.id   7Q5N
#
_cell.length_a   185.430
_cell.length_b   197.220
_cell.length_c   139.180
_cell.angle_alpha   90.000
_cell.angle_beta   90.000
_cell.angle_gamma   90.000
#
_symmetry.space_group_name_H-M   'C 2 2 21'
#
loop_
_entity.id
_entity.type
_entity.pdbx_description
1 polymer 'Thioredoxin domain-containing protein'
2 polymer 'Ubiquitin-related modifier 1'
3 non-polymer 'ZINC ION'
4 water water
#
loop_
_entity_poly.entity_id
_entity_poly.type
_entity_poly.pdbx_seq_one_letter_code
_entity_poly.pdbx_strand_id
1 'polypeptide(L)'
;GAMAPLQPGDSFPANVVFSYIPPTGSLDLTVSGRPIEYNASEALAKGTSVLVAVPGAFTPT(CSS)QEKHVTGFIAKLDQ
LRQAGVDRVLFIASNDAFVMSAWGKANGIKDESILFLSDSDTAFSSSIGWANAGRTGRYAIVVKDGKVVYAAVDTVRGST
EKSGVDAVLTVLGNQGKL
;
A,B,C,D,E,F
2 'polypeptide(L)'
;MASSKAKLEEIPITVDFSGGLEMLFDNQRRHSISLPAKDTEGKPVTIAFLIDYISKKLMKDPRTDLFVLDNHIRPGILVL
INDADWELEGEEAYEIQPNDNILFVSTLHGG
;
G,H,I,J,K,L
#
loop_
_chem_comp.id
_chem_comp.type
_chem_comp.name
_chem_comp.formula
ZN non-polymer 'ZINC ION' 'Zn 2'
#
# COMPACT_ATOMS: atom_id res chain seq x y z
N GLY A 1 -15.20 -26.38 29.40
CA GLY A 1 -15.41 -27.56 28.51
C GLY A 1 -14.41 -28.67 28.81
N ALA A 2 -14.28 -29.61 27.88
CA ALA A 2 -13.32 -30.69 27.98
C ALA A 2 -12.04 -30.30 27.25
N MET A 3 -10.90 -30.71 27.79
CA MET A 3 -9.60 -30.36 27.24
C MET A 3 -8.74 -31.61 27.16
N ALA A 4 -8.06 -31.79 26.01
CA ALA A 4 -7.13 -32.88 25.83
C ALA A 4 -6.04 -32.36 24.90
N PRO A 5 -4.76 -32.45 25.29
CA PRO A 5 -3.70 -31.95 24.40
C PRO A 5 -3.74 -32.65 23.05
N LEU A 6 -3.46 -31.87 22.01
CA LEU A 6 -3.36 -32.40 20.65
C LEU A 6 -1.89 -32.56 20.32
N GLN A 7 -1.46 -33.80 20.13
CA GLN A 7 -0.05 -34.17 20.09
C GLN A 7 0.25 -34.95 18.83
N PRO A 8 1.52 -34.94 18.39
CA PRO A 8 1.88 -35.69 17.17
C PRO A 8 1.47 -37.14 17.27
N GLY A 9 1.00 -37.69 16.16
CA GLY A 9 0.49 -39.05 16.12
C GLY A 9 -0.97 -39.19 16.43
N ASP A 10 -1.64 -38.11 16.81
CA ASP A 10 -3.07 -38.14 17.07
C ASP A 10 -3.86 -37.97 15.77
N SER A 11 -5.07 -38.51 15.76
CA SER A 11 -6.03 -38.13 14.73
C SER A 11 -6.52 -36.71 15.01
N PHE A 12 -6.55 -35.87 14.00
CA PHE A 12 -7.07 -34.53 14.18
C PHE A 12 -8.52 -34.61 14.65
N PRO A 13 -8.92 -33.81 15.64
CA PRO A 13 -10.24 -33.99 16.25
C PRO A 13 -11.36 -33.83 15.23
N ALA A 14 -12.44 -34.56 15.45
CA ALA A 14 -13.63 -34.46 14.61
C ALA A 14 -14.47 -33.26 15.04
N ASN A 15 -15.47 -32.94 14.21
CA ASN A 15 -16.43 -31.88 14.51
C ASN A 15 -15.76 -30.52 14.72
N VAL A 16 -14.59 -30.32 14.13
CA VAL A 16 -13.91 -29.04 14.22
C VAL A 16 -14.38 -28.17 13.06
N VAL A 17 -15.02 -27.04 13.39
CA VAL A 17 -15.61 -26.16 12.41
C VAL A 17 -15.16 -24.73 12.69
N PHE A 18 -14.92 -23.97 11.63
CA PHE A 18 -14.61 -22.56 11.72
C PHE A 18 -15.62 -21.77 10.89
N SER A 19 -15.70 -20.47 11.16
CA SER A 19 -16.54 -19.55 10.42
C SER A 19 -15.66 -18.62 9.62
N TYR A 20 -15.97 -18.54 8.32
CA TYR A 20 -15.12 -17.73 7.41
C TYR A 20 -15.87 -17.23 6.19
N ILE A 21 -15.32 -16.22 5.54
CA ILE A 21 -15.84 -15.65 4.32
C ILE A 21 -14.93 -16.09 3.17
N PRO A 22 -15.41 -16.91 2.23
CA PRO A 22 -14.52 -17.39 1.16
C PRO A 22 -13.94 -16.26 0.36
N PRO A 23 -12.68 -16.37 -0.06
CA PRO A 23 -12.07 -15.29 -0.87
C PRO A 23 -12.74 -15.20 -2.22
N THR A 24 -13.17 -13.99 -2.58
CA THR A 24 -13.81 -13.72 -3.86
C THR A 24 -12.84 -13.14 -4.90
N GLY A 25 -11.65 -12.72 -4.48
CA GLY A 25 -10.72 -12.04 -5.35
C GLY A 25 -10.61 -10.55 -5.13
N SER A 26 -11.42 -10.00 -4.23
CA SER A 26 -11.40 -8.57 -3.94
C SER A 26 -10.45 -8.25 -2.79
N LEU A 27 -9.88 -7.06 -2.84
CA LEU A 27 -9.09 -6.51 -1.74
C LEU A 27 -9.78 -5.30 -1.10
N ASP A 28 -11.07 -5.13 -1.35
CA ASP A 28 -11.84 -4.02 -0.77
C ASP A 28 -12.29 -4.42 0.62
N LEU A 29 -11.85 -3.67 1.63
CA LEU A 29 -12.21 -3.96 3.01
C LEU A 29 -13.56 -3.39 3.41
N THR A 30 -14.15 -2.52 2.58
CA THR A 30 -15.45 -1.94 2.89
C THR A 30 -16.61 -2.82 2.42
N VAL A 31 -16.36 -3.79 1.55
CA VAL A 31 -17.40 -4.69 1.06
C VAL A 31 -17.12 -6.07 1.68
N SER A 32 -18.01 -6.52 2.55
CA SER A 32 -17.85 -7.77 3.26
C SER A 32 -18.73 -8.85 2.64
N GLY A 33 -18.22 -10.07 2.62
CA GLY A 33 -18.96 -11.20 2.07
C GLY A 33 -19.96 -11.77 3.05
N ARG A 34 -20.21 -13.08 2.90
CA ARG A 34 -21.18 -13.79 3.73
C ARG A 34 -20.48 -14.95 4.43
N PRO A 35 -20.38 -14.95 5.76
CA PRO A 35 -19.72 -16.07 6.43
C PRO A 35 -20.45 -17.38 6.21
N ILE A 36 -19.67 -18.47 6.11
CA ILE A 36 -20.17 -19.83 6.05
C ILE A 36 -19.30 -20.71 6.93
N GLU A 37 -19.66 -21.97 7.04
CA GLU A 37 -18.92 -22.92 7.86
C GLU A 37 -17.82 -23.58 7.05
N TYR A 38 -16.68 -23.82 7.70
CA TYR A 38 -15.55 -24.54 7.12
C TYR A 38 -15.32 -25.78 7.97
N ASN A 39 -15.46 -26.95 7.36
CA ASN A 39 -15.32 -28.23 8.09
C ASN A 39 -13.85 -28.61 8.10
N ALA A 40 -13.13 -28.10 9.10
CA ALA A 40 -11.70 -28.37 9.19
C ALA A 40 -11.41 -29.87 9.26
N SER A 41 -12.23 -30.61 10.01
CA SER A 41 -11.99 -32.05 10.15
C SER A 41 -12.00 -32.75 8.80
N GLU A 42 -12.91 -32.35 7.89
CA GLU A 42 -12.98 -33.01 6.60
C GLU A 42 -11.85 -32.55 5.68
N ALA A 43 -11.55 -31.25 5.66
CA ALA A 43 -10.53 -30.67 4.76
C ALA A 43 -9.16 -31.25 5.10
N LEU A 44 -8.85 -31.43 6.37
CA LEU A 44 -7.53 -31.93 6.82
C LEU A 44 -7.45 -33.44 6.64
N ALA A 45 -8.56 -34.14 6.39
CA ALA A 45 -8.56 -35.60 6.30
C ALA A 45 -7.80 -36.12 5.08
N LYS A 46 -7.42 -35.25 4.14
CA LYS A 46 -6.61 -35.64 3.00
C LYS A 46 -5.59 -34.54 2.71
N GLY A 47 -4.34 -34.89 2.40
CA GLY A 47 -3.30 -33.91 2.03
C GLY A 47 -2.66 -33.21 3.21
N THR A 48 -1.53 -32.52 2.98
CA THR A 48 -0.81 -31.77 4.04
C THR A 48 -1.53 -30.47 4.31
N SER A 49 -1.70 -30.09 5.58
CA SER A 49 -2.40 -28.85 5.99
C SER A 49 -1.47 -28.11 6.94
N VAL A 50 -1.65 -26.80 7.13
CA VAL A 50 -0.89 -25.99 8.14
C VAL A 50 -1.90 -25.07 8.84
N LEU A 51 -2.39 -25.44 10.03
CA LEU A 51 -3.36 -24.65 10.82
C LEU A 51 -2.60 -23.77 11.82
N VAL A 52 -2.59 -22.44 11.63
CA VAL A 52 -1.87 -21.51 12.50
C VAL A 52 -2.92 -20.67 13.24
N ALA A 53 -2.77 -20.58 14.56
CA ALA A 53 -3.65 -19.79 15.40
C ALA A 53 -2.91 -18.56 15.89
N VAL A 54 -3.61 -17.43 15.94
CA VAL A 54 -3.01 -16.19 16.43
C VAL A 54 -3.91 -15.57 17.48
N PRO A 55 -3.33 -14.90 18.49
CA PRO A 55 -4.18 -14.25 19.51
C PRO A 55 -5.17 -13.25 18.93
N GLY A 56 -4.71 -12.34 18.07
CA GLY A 56 -5.55 -11.24 17.64
C GLY A 56 -5.22 -10.69 16.27
N ALA A 57 -6.26 -10.54 15.43
CA ALA A 57 -6.07 -9.92 14.13
C ALA A 57 -5.76 -8.44 14.29
N PHE A 58 -4.96 -7.92 13.35
CA PHE A 58 -4.56 -6.52 13.31
C PHE A 58 -3.72 -6.10 14.50
N THR A 59 -3.13 -7.03 15.24
CA THR A 59 -2.23 -6.67 16.32
C THR A 59 -0.78 -6.76 15.87
N PRO A 60 0.15 -6.14 16.61
CA PRO A 60 1.51 -5.97 16.08
C PRO A 60 2.25 -7.26 15.76
N THR A 61 2.44 -8.14 16.74
CA THR A 61 3.22 -9.35 16.50
C THR A 61 2.46 -10.30 15.57
N CSS A 62 1.15 -10.35 15.75
CA CSS A 62 0.31 -11.21 14.95
CB CSS A 62 -1.13 -11.20 15.38
SG CSS A 62 -1.39 -11.85 16.99
SD CSS A 62 -1.44 -10.43 18.53
C CSS A 62 0.38 -10.82 13.47
O CSS A 62 0.25 -11.62 12.55
N GLN A 63 0.61 -9.53 13.27
CA GLN A 63 0.68 -8.97 11.94
C GLN A 63 2.10 -8.88 11.40
N GLU A 64 2.95 -8.10 12.08
CA GLU A 64 4.24 -7.73 11.53
C GLU A 64 5.25 -8.88 11.50
N LYS A 65 4.98 -9.98 12.18
CA LYS A 65 5.90 -11.12 12.20
C LYS A 65 5.25 -12.39 11.69
N HIS A 66 4.15 -12.83 12.32
CA HIS A 66 3.67 -14.19 12.12
C HIS A 66 3.10 -14.39 10.72
N VAL A 67 2.02 -13.67 10.38
CA VAL A 67 1.39 -13.89 9.10
C VAL A 67 2.29 -13.44 7.96
N THR A 68 3.03 -12.35 8.17
CA THR A 68 3.94 -11.88 7.12
C THR A 68 4.98 -12.95 6.76
N GLY A 69 5.42 -13.73 7.74
CA GLY A 69 6.37 -14.80 7.45
C GLY A 69 5.78 -15.87 6.55
N PHE A 70 4.55 -16.30 6.85
CA PHE A 70 3.92 -17.32 6.02
C PHE A 70 3.64 -16.81 4.62
N ILE A 71 3.19 -15.56 4.51
CA ILE A 71 2.93 -14.99 3.19
C ILE A 71 4.22 -14.89 2.39
N ALA A 72 5.32 -14.53 3.04
CA ALA A 72 6.58 -14.35 2.34
C ALA A 72 7.12 -15.64 1.76
N LYS A 73 6.67 -16.80 2.25
CA LYS A 73 7.27 -18.08 1.92
C LYS A 73 6.22 -19.08 1.47
N LEU A 74 5.18 -18.59 0.78
CA LEU A 74 4.17 -19.51 0.26
C LEU A 74 4.76 -20.39 -0.84
N ASP A 75 5.59 -19.82 -1.72
CA ASP A 75 6.25 -20.63 -2.73
C ASP A 75 7.03 -21.76 -2.07
N GLN A 76 7.73 -21.48 -0.97
CA GLN A 76 8.51 -22.51 -0.29
C GLN A 76 7.58 -23.53 0.38
N LEU A 77 6.44 -23.08 0.91
CA LEU A 77 5.48 -24.01 1.49
C LEU A 77 4.84 -24.87 0.40
N ARG A 78 4.51 -24.27 -0.74
CA ARG A 78 3.96 -25.05 -1.86
C ARG A 78 4.97 -26.10 -2.32
N GLN A 79 6.22 -25.69 -2.53
CA GLN A 79 7.24 -26.63 -2.98
C GLN A 79 7.41 -27.78 -1.99
N ALA A 80 7.12 -27.55 -0.72
CA ALA A 80 7.26 -28.57 0.31
C ALA A 80 6.09 -29.54 0.37
N GLY A 81 5.04 -29.30 -0.41
CA GLY A 81 3.90 -30.20 -0.46
C GLY A 81 2.66 -29.74 0.28
N VAL A 82 2.65 -28.53 0.85
CA VAL A 82 1.51 -28.05 1.67
C VAL A 82 0.33 -27.81 0.71
N ASP A 83 -0.82 -28.44 0.96
CA ASP A 83 -2.02 -28.31 0.10
C ASP A 83 -2.88 -27.13 0.55
N ARG A 84 -2.85 -26.76 1.84
CA ARG A 84 -3.69 -25.65 2.38
C ARG A 84 -3.07 -24.99 3.60
N VAL A 85 -3.18 -23.67 3.75
CA VAL A 85 -2.75 -22.94 4.94
C VAL A 85 -3.96 -22.24 5.54
N LEU A 86 -4.25 -22.52 6.81
CA LEU A 86 -5.39 -21.93 7.52
C LEU A 86 -4.81 -21.02 8.59
N PHE A 87 -5.31 -19.81 8.77
CA PHE A 87 -5.04 -18.91 9.89
C PHE A 87 -6.35 -18.67 10.63
N ILE A 88 -6.37 -18.98 11.92
CA ILE A 88 -7.57 -18.84 12.74
C ILE A 88 -7.29 -17.90 13.90
N ALA A 89 -8.37 -17.37 14.46
CA ALA A 89 -8.33 -16.51 15.64
C ALA A 89 -9.75 -16.39 16.16
N SER A 90 -9.87 -15.84 17.37
CA SER A 90 -11.19 -15.62 17.96
C SER A 90 -11.95 -14.51 17.25
N ASN A 91 -11.26 -13.65 16.51
CA ASN A 91 -11.93 -12.60 15.75
C ASN A 91 -13.03 -13.19 14.88
N ASP A 92 -14.11 -12.42 14.68
CA ASP A 92 -15.21 -12.94 13.88
C ASP A 92 -14.79 -13.02 12.41
N ALA A 93 -15.62 -13.71 11.61
CA ALA A 93 -15.25 -13.98 10.23
C ALA A 93 -15.10 -12.71 9.40
N PHE A 94 -15.85 -11.66 9.75
CA PHE A 94 -15.72 -10.41 9.01
C PHE A 94 -14.35 -9.77 9.25
N VAL A 95 -13.93 -9.70 10.51
CA VAL A 95 -12.64 -9.12 10.82
C VAL A 95 -11.51 -9.94 10.21
N MET A 96 -11.64 -11.28 10.27
CA MET A 96 -10.63 -12.13 9.66
C MET A 96 -10.53 -11.88 8.16
N SER A 97 -11.67 -11.77 7.48
CA SER A 97 -11.66 -11.50 6.06
C SER A 97 -10.98 -10.17 5.76
N ALA A 98 -11.26 -9.15 6.58
CA ALA A 98 -10.60 -7.86 6.39
C ALA A 98 -9.11 -7.94 6.67
N TRP A 99 -8.70 -8.78 7.63
CA TRP A 99 -7.27 -8.94 7.92
C TRP A 99 -6.55 -9.59 6.73
N GLY A 100 -7.13 -10.65 6.18
CA GLY A 100 -6.52 -11.29 5.01
C GLY A 100 -6.39 -10.33 3.84
N LYS A 101 -7.44 -9.58 3.56
CA LYS A 101 -7.38 -8.58 2.49
C LYS A 101 -6.27 -7.56 2.77
N ALA A 102 -6.21 -7.06 4.00
CA ALA A 102 -5.17 -6.10 4.37
C ALA A 102 -3.78 -6.65 4.08
N ASN A 103 -3.63 -7.96 3.96
CA ASN A 103 -2.37 -8.60 3.63
C ASN A 103 -2.29 -9.03 2.17
N GLY A 104 -3.19 -8.52 1.33
CA GLY A 104 -3.12 -8.79 -0.10
C GLY A 104 -3.53 -10.18 -0.52
N ILE A 105 -4.08 -10.99 0.38
CA ILE A 105 -4.49 -12.34 0.04
C ILE A 105 -5.88 -12.28 -0.59
N LYS A 106 -5.95 -12.56 -1.89
CA LYS A 106 -7.21 -12.55 -2.64
C LYS A 106 -7.71 -13.93 -2.99
N ASP A 107 -6.92 -14.98 -2.75
CA ASP A 107 -7.25 -16.32 -3.21
C ASP A 107 -7.23 -17.26 -2.00
N GLU A 108 -7.14 -18.56 -2.28
CA GLU A 108 -7.20 -19.58 -1.25
C GLU A 108 -5.83 -20.00 -0.75
N SER A 109 -4.76 -19.34 -1.20
CA SER A 109 -3.43 -19.70 -0.73
C SER A 109 -3.37 -19.74 0.79
N ILE A 110 -3.95 -18.73 1.44
CA ILE A 110 -4.13 -18.70 2.89
C ILE A 110 -5.58 -18.33 3.17
N LEU A 111 -6.27 -19.17 3.93
CA LEU A 111 -7.63 -18.88 4.36
C LEU A 111 -7.61 -18.26 5.75
N PHE A 112 -8.52 -17.33 5.99
CA PHE A 112 -8.62 -16.59 7.25
C PHE A 112 -9.98 -16.87 7.86
N LEU A 113 -10.00 -17.66 8.92
CA LEU A 113 -11.23 -18.16 9.52
C LEU A 113 -11.27 -17.79 11.00
N SER A 114 -12.42 -18.02 11.61
CA SER A 114 -12.67 -17.65 13.00
C SER A 114 -12.95 -18.90 13.82
N ASP A 115 -12.19 -19.09 14.90
CA ASP A 115 -12.45 -20.14 15.87
C ASP A 115 -13.41 -19.56 16.90
N SER A 116 -14.70 -19.68 16.60
CA SER A 116 -15.72 -18.96 17.36
C SER A 116 -15.71 -19.36 18.82
N ASP A 117 -15.61 -18.35 19.69
CA ASP A 117 -15.54 -18.56 21.14
C ASP A 117 -14.40 -19.50 21.52
N THR A 118 -13.32 -19.49 20.73
CA THR A 118 -12.16 -20.32 20.99
C THR A 118 -12.56 -21.76 21.31
N ALA A 119 -13.58 -22.25 20.60
CA ALA A 119 -14.09 -23.59 20.89
C ALA A 119 -13.05 -24.66 20.60
N PHE A 120 -12.46 -24.62 19.40
CA PHE A 120 -11.42 -25.60 19.08
C PHE A 120 -10.16 -25.38 19.92
N SER A 121 -9.67 -24.14 19.95
CA SER A 121 -8.42 -23.87 20.67
C SER A 121 -8.52 -24.26 22.14
N SER A 122 -9.67 -23.97 22.76
CA SER A 122 -9.84 -24.33 24.16
C SER A 122 -9.86 -25.84 24.35
N SER A 123 -10.36 -26.59 23.35
CA SER A 123 -10.44 -28.03 23.48
C SER A 123 -9.06 -28.70 23.48
N ILE A 124 -8.05 -28.04 22.91
CA ILE A 124 -6.70 -28.57 22.92
C ILE A 124 -5.80 -27.84 23.92
N GLY A 125 -6.37 -26.95 24.72
CA GLY A 125 -5.65 -26.34 25.81
C GLY A 125 -4.86 -25.10 25.49
N TRP A 126 -5.10 -24.48 24.33
CA TRP A 126 -4.29 -23.34 23.90
C TRP A 126 -5.17 -22.13 23.64
N ALA A 127 -5.83 -21.64 24.67
CA ALA A 127 -6.67 -20.45 24.59
C ALA A 127 -6.80 -19.88 25.99
N ASN A 128 -7.16 -18.59 26.06
CA ASN A 128 -7.37 -17.97 27.35
C ASN A 128 -8.05 -16.63 27.17
N ALA A 129 -9.03 -16.35 28.05
CA ALA A 129 -9.70 -15.05 28.10
C ALA A 129 -10.26 -14.64 26.74
N GLY A 130 -10.86 -15.59 26.03
CA GLY A 130 -11.54 -15.29 24.79
C GLY A 130 -10.66 -15.08 23.59
N ARG A 131 -9.37 -15.40 23.68
CA ARG A 131 -8.47 -15.35 22.54
C ARG A 131 -7.77 -16.70 22.42
N THR A 132 -7.44 -17.09 21.19
CA THR A 132 -6.65 -18.29 20.99
C THR A 132 -5.18 -18.00 21.32
N GLY A 133 -4.45 -19.07 21.63
CA GLY A 133 -3.03 -18.96 21.76
C GLY A 133 -2.35 -18.85 20.40
N ARG A 134 -1.03 -18.63 20.43
CA ARG A 134 -0.23 -18.61 19.22
C ARG A 134 0.37 -20.00 19.05
N TYR A 135 -0.24 -20.82 18.20
CA TYR A 135 0.25 -22.16 17.94
C TYR A 135 0.16 -22.48 16.45
N ALA A 136 0.72 -23.62 16.07
CA ALA A 136 0.72 -24.10 14.70
C ALA A 136 0.56 -25.61 14.73
N ILE A 137 -0.35 -26.15 13.90
CA ILE A 137 -0.63 -27.62 13.83
C ILE A 137 -0.43 -28.05 12.38
N VAL A 138 0.60 -28.83 12.07
CA VAL A 138 0.80 -29.41 10.72
C VAL A 138 0.01 -30.71 10.77
N VAL A 139 -0.76 -31.06 9.73
CA VAL A 139 -1.61 -32.29 9.68
C VAL A 139 -1.31 -32.95 8.34
N LYS A 140 -1.42 -34.27 8.22
CA LYS A 140 -1.15 -35.02 6.98
C LYS A 140 -2.08 -36.23 6.91
N ASP A 141 -3.07 -36.23 6.01
CA ASP A 141 -4.05 -37.32 5.84
C ASP A 141 -4.71 -37.68 7.16
N GLY A 142 -5.17 -36.66 7.88
CA GLY A 142 -5.92 -36.84 9.10
C GLY A 142 -5.10 -36.93 10.37
N LYS A 143 -3.82 -37.27 10.28
CA LYS A 143 -2.99 -37.49 11.45
C LYS A 143 -2.13 -36.26 11.73
N VAL A 144 -2.06 -35.87 13.00
CA VAL A 144 -1.22 -34.75 13.40
C VAL A 144 0.24 -35.17 13.34
N VAL A 145 1.08 -34.28 12.82
CA VAL A 145 2.51 -34.51 12.80
C VAL A 145 3.27 -33.51 13.67
N TYR A 146 2.67 -32.37 13.99
CA TYR A 146 3.36 -31.34 14.76
C TYR A 146 2.32 -30.40 15.35
N ALA A 147 2.46 -30.06 16.63
CA ALA A 147 1.54 -29.18 17.31
C ALA A 147 2.31 -28.52 18.45
N ALA A 148 2.73 -27.27 18.25
CA ALA A 148 3.50 -26.54 19.23
C ALA A 148 2.92 -25.15 19.41
N VAL A 149 3.00 -24.65 20.65
CA VAL A 149 2.48 -23.34 21.02
C VAL A 149 3.64 -22.46 21.46
N ASP A 150 3.57 -21.18 21.09
CA ASP A 150 4.50 -20.17 21.58
C ASP A 150 3.89 -19.51 22.81
N THR A 151 4.53 -19.69 23.97
CA THR A 151 4.00 -19.16 25.22
C THR A 151 4.40 -17.72 25.47
N VAL A 152 5.65 -17.39 25.17
CA VAL A 152 6.16 -16.01 25.41
C VAL A 152 5.56 -15.08 24.37
N ARG A 153 5.01 -13.94 24.80
CA ARG A 153 4.43 -12.97 23.86
C ARG A 153 5.53 -12.44 22.95
N GLY A 154 5.27 -12.36 21.65
CA GLY A 154 6.28 -11.90 20.69
C GLY A 154 7.02 -13.04 20.02
N SER A 155 7.05 -14.22 20.64
CA SER A 155 7.83 -15.30 20.06
C SER A 155 7.03 -16.00 18.97
N THR A 156 7.65 -16.22 17.82
CA THR A 156 7.12 -17.06 16.76
C THR A 156 8.09 -18.21 16.47
N GLU A 157 8.85 -18.62 17.49
CA GLU A 157 9.87 -19.65 17.27
C GLU A 157 9.24 -21.00 16.96
N LYS A 158 8.17 -21.35 17.67
CA LYS A 158 7.57 -22.67 17.48
C LYS A 158 6.43 -22.66 16.46
N SER A 159 5.65 -21.58 16.38
CA SER A 159 4.50 -21.51 15.49
C SER A 159 4.76 -20.72 14.21
N GLY A 160 5.99 -20.23 14.03
CA GLY A 160 6.30 -19.44 12.86
C GLY A 160 6.53 -20.28 11.63
N VAL A 161 6.70 -19.59 10.50
CA VAL A 161 6.84 -20.28 9.21
C VAL A 161 8.06 -21.19 9.22
N ASP A 162 9.19 -20.67 9.73
CA ASP A 162 10.43 -21.44 9.66
C ASP A 162 10.36 -22.72 10.47
N ALA A 163 9.63 -22.71 11.59
CA ALA A 163 9.40 -23.94 12.34
C ALA A 163 8.66 -24.96 11.46
N VAL A 164 7.61 -24.52 10.79
CA VAL A 164 6.81 -25.44 9.99
C VAL A 164 7.63 -26.01 8.84
N LEU A 165 8.40 -25.16 8.17
CA LEU A 165 9.24 -25.64 7.06
C LEU A 165 10.22 -26.71 7.55
N THR A 166 10.88 -26.45 8.68
CA THR A 166 11.81 -27.43 9.23
C THR A 166 11.12 -28.76 9.49
N VAL A 167 9.90 -28.72 10.03
CA VAL A 167 9.17 -29.95 10.31
C VAL A 167 8.82 -30.67 9.02
N LEU A 168 8.53 -29.94 7.96
CA LEU A 168 8.11 -30.58 6.71
C LEU A 168 9.27 -31.27 6.02
N GLY A 169 10.48 -30.72 6.12
CA GLY A 169 11.64 -31.31 5.50
C GLY A 169 12.17 -32.56 6.15
N ASN A 170 11.57 -32.98 7.26
CA ASN A 170 12.04 -34.15 8.02
C ASN A 170 11.15 -35.36 7.79
N GLN A 171 10.78 -35.62 6.54
CA GLN A 171 9.93 -36.76 6.21
C GLN A 171 10.28 -37.32 4.83
N MET B 3 -27.78 -0.78 36.31
CA MET B 3 -28.26 -0.50 34.93
C MET B 3 -29.60 0.24 34.94
N ALA B 4 -29.71 1.25 34.07
CA ALA B 4 -30.97 1.94 33.81
C ALA B 4 -30.86 2.60 32.45
N PRO B 5 -31.94 2.67 31.68
CA PRO B 5 -31.85 3.32 30.37
C PRO B 5 -31.40 4.78 30.53
N LEU B 6 -30.46 5.18 29.68
CA LEU B 6 -30.00 6.56 29.63
C LEU B 6 -30.94 7.36 28.75
N GLN B 7 -31.45 8.47 29.27
CA GLN B 7 -32.50 9.24 28.63
C GLN B 7 -32.10 10.69 28.45
N PRO B 8 -32.68 11.39 27.49
CA PRO B 8 -32.41 12.83 27.35
C PRO B 8 -32.70 13.57 28.65
N GLY B 9 -31.94 14.64 28.87
CA GLY B 9 -32.01 15.39 30.10
C GLY B 9 -31.16 14.84 31.22
N ASP B 10 -30.65 13.62 31.09
CA ASP B 10 -29.74 13.06 32.07
C ASP B 10 -28.35 13.63 31.88
N SER B 11 -27.57 13.63 32.96
CA SER B 11 -26.14 13.90 32.86
C SER B 11 -25.44 12.65 32.34
N PHE B 12 -24.54 12.83 31.39
CA PHE B 12 -23.76 11.70 30.88
C PHE B 12 -22.98 11.06 32.03
N PRO B 13 -22.95 9.73 32.10
CA PRO B 13 -22.33 9.09 33.27
C PRO B 13 -20.84 9.43 33.41
N ALA B 14 -20.35 9.34 34.63
CA ALA B 14 -18.95 9.58 34.92
C ALA B 14 -18.15 8.28 34.82
N ASN B 15 -16.83 8.43 34.71
CA ASN B 15 -15.91 7.30 34.70
C ASN B 15 -16.10 6.41 33.48
N VAL B 16 -16.47 7.00 32.34
CA VAL B 16 -16.63 6.26 31.10
C VAL B 16 -15.34 6.42 30.29
N VAL B 17 -14.67 5.31 30.04
CA VAL B 17 -13.36 5.31 29.38
C VAL B 17 -13.40 4.32 28.23
N PHE B 18 -12.75 4.68 27.13
CA PHE B 18 -12.59 3.80 25.98
C PHE B 18 -11.12 3.62 25.66
N SER B 19 -10.79 2.50 25.04
CA SER B 19 -9.44 2.21 24.57
C SER B 19 -9.38 2.45 23.07
N TYR B 20 -8.37 3.18 22.63
CA TYR B 20 -8.30 3.56 21.22
C TYR B 20 -6.88 3.96 20.85
N ILE B 21 -6.59 3.83 19.56
CA ILE B 21 -5.30 4.20 18.99
C ILE B 21 -5.45 5.57 18.34
N PRO B 22 -4.85 6.64 18.89
CA PRO B 22 -4.99 7.97 18.29
C PRO B 22 -4.58 7.95 16.83
N PRO B 23 -5.34 8.61 15.95
CA PRO B 23 -4.96 8.60 14.53
C PRO B 23 -3.64 9.31 14.31
N THR B 24 -2.80 8.72 13.46
CA THR B 24 -1.49 9.25 13.15
C THR B 24 -1.43 9.92 11.78
N GLY B 25 -2.48 9.79 10.97
CA GLY B 25 -2.46 10.26 9.59
C GLY B 25 -2.22 9.17 8.58
N SER B 26 -2.03 7.93 9.02
CA SER B 26 -1.78 6.81 8.13
C SER B 26 -3.06 6.06 7.80
N LEU B 27 -3.10 5.51 6.59
CA LEU B 27 -4.15 4.59 6.17
C LEU B 27 -3.62 3.17 6.01
N ASP B 28 -2.44 2.90 6.57
CA ASP B 28 -1.82 1.58 6.45
C ASP B 28 -2.41 0.65 7.50
N LEU B 29 -3.12 -0.39 7.05
CA LEU B 29 -3.80 -1.29 7.96
C LEU B 29 -2.84 -2.25 8.65
N THR B 30 -1.63 -2.43 8.11
CA THR B 30 -0.67 -3.38 8.64
C THR B 30 0.20 -2.81 9.75
N VAL B 31 0.12 -1.51 10.02
CA VAL B 31 0.95 -0.86 11.03
C VAL B 31 0.04 -0.42 12.16
N SER B 32 0.19 -1.06 13.31
CA SER B 32 -0.60 -0.72 14.49
C SER B 32 0.14 0.29 15.35
N GLY B 33 -0.60 1.25 15.88
CA GLY B 33 -0.09 2.17 16.88
C GLY B 33 -0.11 1.53 18.25
N ARG B 34 -0.24 2.37 19.28
CA ARG B 34 -0.31 1.88 20.66
C ARG B 34 -1.59 2.34 21.33
N PRO B 35 -2.45 1.44 21.79
CA PRO B 35 -3.70 1.88 22.42
C PRO B 35 -3.44 2.65 23.70
N ILE B 36 -4.33 3.61 23.98
CA ILE B 36 -4.32 4.39 25.21
C ILE B 36 -5.77 4.58 25.68
N GLU B 37 -5.93 5.24 26.81
CA GLU B 37 -7.24 5.50 27.38
C GLU B 37 -7.83 6.80 26.83
N TYR B 38 -9.13 6.80 26.61
CA TYR B 38 -9.89 7.99 26.24
C TYR B 38 -10.92 8.21 27.34
N ASN B 39 -10.91 9.40 27.95
CA ASN B 39 -11.85 9.72 29.02
C ASN B 39 -13.07 10.37 28.39
N ALA B 40 -14.05 9.54 28.02
CA ALA B 40 -15.22 10.05 27.34
C ALA B 40 -15.98 11.05 28.21
N SER B 41 -16.08 10.77 29.52
CA SER B 41 -16.80 11.66 30.41
C SER B 41 -16.20 13.06 30.39
N GLU B 42 -14.86 13.15 30.40
CA GLU B 42 -14.22 14.47 30.39
C GLU B 42 -14.39 15.15 29.04
N ALA B 43 -14.21 14.42 27.94
CA ALA B 43 -14.31 15.03 26.61
C ALA B 43 -15.72 15.55 26.35
N LEU B 44 -16.74 14.79 26.76
CA LEU B 44 -18.12 15.18 26.52
C LEU B 44 -18.59 16.30 27.44
N ALA B 45 -17.83 16.62 28.49
CA ALA B 45 -18.29 17.59 29.48
C ALA B 45 -18.46 19.00 28.93
N LYS B 46 -17.80 19.34 27.83
CA LYS B 46 -17.89 20.67 27.20
C LYS B 46 -18.13 20.46 25.71
N GLY B 47 -19.06 21.18 25.08
CA GLY B 47 -19.30 21.08 23.66
C GLY B 47 -20.32 20.02 23.32
N THR B 48 -20.63 19.93 22.03
CA THR B 48 -21.63 18.99 21.52
C THR B 48 -20.91 17.77 20.94
N SER B 49 -21.26 16.59 21.45
CA SER B 49 -20.64 15.33 21.06
C SER B 49 -21.67 14.38 20.49
N VAL B 50 -21.23 13.54 19.56
CA VAL B 50 -22.05 12.48 18.99
C VAL B 50 -21.33 11.16 19.19
N LEU B 51 -21.94 10.26 19.95
CA LEU B 51 -21.36 8.96 20.27
C LEU B 51 -22.25 7.86 19.66
N VAL B 52 -21.67 7.06 18.77
CA VAL B 52 -22.37 6.02 18.05
C VAL B 52 -21.73 4.68 18.37
N ALA B 53 -22.56 3.68 18.69
CA ALA B 53 -22.10 2.32 18.94
C ALA B 53 -22.59 1.42 17.83
N VAL B 54 -21.77 0.43 17.45
CA VAL B 54 -22.13 -0.51 16.40
C VAL B 54 -21.87 -1.93 16.89
N PRO B 55 -22.74 -2.90 16.59
CA PRO B 55 -22.47 -4.28 17.03
C PRO B 55 -21.08 -4.79 16.69
N GLY B 56 -20.59 -4.53 15.48
CA GLY B 56 -19.35 -5.13 15.05
C GLY B 56 -18.65 -4.41 13.92
N ALA B 57 -17.37 -4.13 14.11
CA ALA B 57 -16.56 -3.55 13.05
C ALA B 57 -16.44 -4.53 11.90
N PHE B 58 -16.32 -3.98 10.68
CA PHE B 58 -16.18 -4.72 9.43
C PHE B 58 -17.40 -5.59 9.10
N THR B 59 -18.53 -5.41 9.79
CA THR B 59 -19.71 -6.17 9.43
C THR B 59 -20.57 -5.40 8.43
N PRO B 60 -21.46 -6.08 7.72
CA PRO B 60 -22.11 -5.44 6.56
C PRO B 60 -22.92 -4.19 6.88
N THR B 61 -23.97 -4.31 7.67
CA THR B 61 -24.84 -3.15 7.93
C THR B 61 -24.08 -2.06 8.68
N CSS B 62 -23.25 -2.48 9.62
CA CSS B 62 -22.48 -1.55 10.42
CB CSS B 62 -21.71 -2.23 11.52
SG CSS B 62 -22.72 -3.01 12.74
SD CSS B 62 -22.72 -5.12 12.55
C CSS B 62 -21.53 -0.76 9.52
O CSS B 62 -21.23 0.42 9.72
N GLN B 63 -21.07 -1.43 8.47
CA GLN B 63 -20.18 -0.82 7.49
C GLN B 63 -20.93 -0.09 6.38
N GLU B 64 -21.72 -0.84 5.61
CA GLU B 64 -22.32 -0.33 4.39
C GLU B 64 -23.41 0.71 4.63
N LYS B 65 -23.90 0.86 5.86
CA LYS B 65 -24.98 1.79 6.11
C LYS B 65 -24.64 2.78 7.22
N HIS B 66 -24.24 2.27 8.38
CA HIS B 66 -24.20 3.11 9.57
C HIS B 66 -23.00 4.07 9.55
N VAL B 67 -21.77 3.54 9.50
CA VAL B 67 -20.62 4.44 9.54
C VAL B 67 -20.49 5.19 8.21
N THR B 68 -20.87 4.55 7.09
CA THR B 68 -20.87 5.25 5.82
C THR B 68 -21.76 6.48 5.86
N GLY B 69 -22.97 6.33 6.44
CA GLY B 69 -23.88 7.46 6.51
C GLY B 69 -23.29 8.65 7.23
N PHE B 70 -22.62 8.39 8.37
CA PHE B 70 -21.98 9.48 9.09
C PHE B 70 -20.83 10.06 8.29
N ILE B 71 -20.02 9.20 7.65
CA ILE B 71 -18.89 9.70 6.86
C ILE B 71 -19.39 10.60 5.74
N ALA B 72 -20.55 10.29 5.17
CA ALA B 72 -21.04 11.07 4.04
C ALA B 72 -21.45 12.48 4.43
N LYS B 73 -21.74 12.73 5.70
CA LYS B 73 -22.32 14.01 6.12
C LYS B 73 -21.56 14.61 7.30
N LEU B 74 -20.21 14.56 7.26
CA LEU B 74 -19.44 15.30 8.25
C LEU B 74 -19.65 16.80 8.08
N ASP B 75 -19.55 17.29 6.83
CA ASP B 75 -19.76 18.70 6.56
C ASP B 75 -21.08 19.18 7.17
N GLN B 76 -22.14 18.39 7.04
CA GLN B 76 -23.41 18.76 7.64
C GLN B 76 -23.34 18.69 9.17
N LEU B 77 -22.64 17.69 9.70
CA LEU B 77 -22.48 17.59 11.15
C LEU B 77 -21.65 18.76 11.69
N ARG B 78 -20.55 19.07 11.02
CA ARG B 78 -19.75 20.23 11.41
C ARG B 78 -20.61 21.50 11.39
N GLN B 79 -21.33 21.73 10.29
CA GLN B 79 -22.20 22.91 10.12
C GLN B 79 -23.16 22.96 11.30
N ALA B 80 -23.61 21.80 11.81
CA ALA B 80 -24.56 21.76 12.90
C ALA B 80 -23.93 22.09 14.24
N GLY B 81 -22.61 22.22 14.31
CA GLY B 81 -21.92 22.55 15.53
C GLY B 81 -21.30 21.37 16.25
N VAL B 82 -21.36 20.17 15.67
CA VAL B 82 -20.79 19.01 16.34
C VAL B 82 -19.28 19.18 16.47
N ASP B 83 -18.77 19.00 17.68
CA ASP B 83 -17.35 19.18 17.95
C ASP B 83 -16.56 17.89 17.85
N ARG B 84 -17.20 16.73 18.04
CA ARG B 84 -16.51 15.46 17.96
C ARG B 84 -17.51 14.35 17.66
N VAL B 85 -17.07 13.37 16.88
CA VAL B 85 -17.83 12.17 16.57
C VAL B 85 -17.03 10.96 17.01
N LEU B 86 -17.64 10.10 17.83
CA LEU B 86 -17.02 8.89 18.34
C LEU B 86 -17.80 7.67 17.85
N PHE B 87 -17.07 6.63 17.45
CA PHE B 87 -17.64 5.35 17.05
C PHE B 87 -17.01 4.27 17.92
N ILE B 88 -17.85 3.51 18.63
CA ILE B 88 -17.37 2.49 19.55
C ILE B 88 -17.95 1.13 19.18
N ALA B 89 -17.30 0.09 19.67
CA ALA B 89 -17.77 -1.28 19.55
C ALA B 89 -16.97 -2.13 20.53
N SER B 90 -17.39 -3.38 20.69
CA SER B 90 -16.64 -4.31 21.53
C SER B 90 -15.30 -4.68 20.94
N ASN B 91 -15.14 -4.50 19.63
CA ASN B 91 -13.87 -4.81 18.97
C ASN B 91 -12.71 -4.10 19.67
N ASP B 92 -11.55 -4.74 19.68
CA ASP B 92 -10.41 -4.16 20.38
C ASP B 92 -9.88 -2.95 19.61
N ALA B 93 -9.06 -2.15 20.31
CA ALA B 93 -8.60 -0.88 19.76
C ALA B 93 -7.80 -1.03 18.48
N PHE B 94 -7.19 -2.19 18.27
CA PHE B 94 -6.47 -2.42 17.01
C PHE B 94 -7.45 -2.60 15.86
N VAL B 95 -8.48 -3.41 16.07
CA VAL B 95 -9.47 -3.64 15.01
C VAL B 95 -10.22 -2.35 14.70
N MET B 96 -10.62 -1.61 15.72
CA MET B 96 -11.32 -0.35 15.49
C MET B 96 -10.47 0.62 14.68
N SER B 97 -9.17 0.68 14.97
CA SER B 97 -8.31 1.60 14.22
C SER B 97 -8.20 1.16 12.76
N ALA B 98 -8.12 -0.14 12.51
CA ALA B 98 -8.07 -0.63 11.14
C ALA B 98 -9.40 -0.35 10.42
N TRP B 99 -10.52 -0.45 11.14
CA TRP B 99 -11.81 -0.13 10.54
C TRP B 99 -11.85 1.35 10.13
N GLY B 100 -11.40 2.23 11.01
CA GLY B 100 -11.36 3.65 10.65
C GLY B 100 -10.49 3.89 9.42
N LYS B 101 -9.30 3.29 9.40
CA LYS B 101 -8.44 3.45 8.23
C LYS B 101 -9.12 2.91 6.97
N ALA B 102 -9.73 1.72 7.07
CA ALA B 102 -10.41 1.15 5.91
C ALA B 102 -11.44 2.11 5.33
N ASN B 103 -11.97 3.01 6.15
CA ASN B 103 -12.94 4.01 5.71
C ASN B 103 -12.28 5.33 5.34
N GLY B 104 -10.95 5.38 5.23
CA GLY B 104 -10.28 6.57 4.79
C GLY B 104 -10.18 7.68 5.81
N ILE B 105 -10.44 7.39 7.08
CA ILE B 105 -10.34 8.38 8.14
C ILE B 105 -8.91 8.39 8.66
N LYS B 106 -8.18 9.48 8.39
CA LYS B 106 -6.81 9.64 8.85
C LYS B 106 -6.66 10.61 10.02
N ASP B 107 -7.72 11.32 10.38
CA ASP B 107 -7.64 12.37 11.38
C ASP B 107 -8.66 12.13 12.48
N GLU B 108 -8.93 13.17 13.27
CA GLU B 108 -9.83 13.08 14.41
C GLU B 108 -11.29 13.37 14.05
N SER B 109 -11.59 13.56 12.77
CA SER B 109 -12.97 13.86 12.38
C SER B 109 -13.93 12.82 12.93
N ILE B 110 -13.58 11.54 12.83
CA ILE B 110 -14.27 10.46 13.53
C ILE B 110 -13.22 9.61 14.21
N LEU B 111 -13.40 9.37 15.51
CA LEU B 111 -12.52 8.51 16.28
C LEU B 111 -13.13 7.13 16.42
N PHE B 112 -12.27 6.11 16.42
CA PHE B 112 -12.70 4.72 16.47
C PHE B 112 -12.11 4.07 17.72
N LEU B 113 -12.96 3.78 18.69
CA LEU B 113 -12.55 3.39 20.03
C LEU B 113 -13.24 2.09 20.41
N SER B 114 -12.79 1.48 21.51
CA SER B 114 -13.27 0.19 21.97
C SER B 114 -13.94 0.35 23.32
N ASP B 115 -15.21 -0.10 23.41
CA ASP B 115 -15.89 -0.23 24.69
C ASP B 115 -15.56 -1.62 25.24
N SER B 116 -14.39 -1.71 25.86
CA SER B 116 -13.85 -2.99 26.27
C SER B 116 -14.82 -3.75 27.17
N ASP B 117 -15.08 -5.01 26.83
CA ASP B 117 -16.01 -5.85 27.57
C ASP B 117 -17.39 -5.18 27.70
N THR B 118 -17.73 -4.35 26.71
CA THR B 118 -19.00 -3.64 26.70
C THR B 118 -19.32 -3.07 28.08
N ALA B 119 -18.32 -2.52 28.74
CA ALA B 119 -18.50 -2.04 30.11
C ALA B 119 -19.44 -0.85 30.14
N PHE B 120 -19.23 0.12 29.26
CA PHE B 120 -20.13 1.27 29.21
C PHE B 120 -21.51 0.87 28.69
N SER B 121 -21.55 0.21 27.53
CA SER B 121 -22.84 -0.16 26.93
C SER B 121 -23.67 -1.01 27.89
N SER B 122 -23.03 -1.95 28.59
CA SER B 122 -23.77 -2.77 29.54
C SER B 122 -24.34 -1.95 30.68
N SER B 123 -23.62 -0.90 31.10
CA SER B 123 -24.09 -0.09 32.22
C SER B 123 -25.33 0.72 31.87
N ILE B 124 -25.58 0.98 30.59
CA ILE B 124 -26.77 1.69 30.16
C ILE B 124 -27.79 0.75 29.53
N GLY B 125 -27.54 -0.56 29.57
CA GLY B 125 -28.52 -1.53 29.16
C GLY B 125 -28.62 -1.78 27.66
N TRP B 126 -27.58 -1.45 26.89
CA TRP B 126 -27.60 -1.60 25.45
C TRP B 126 -26.38 -2.43 25.01
N ALA B 127 -26.31 -3.66 25.50
CA ALA B 127 -25.27 -4.60 25.11
C ALA B 127 -25.79 -6.01 25.29
N ASN B 128 -25.18 -6.95 24.58
CA ASN B 128 -25.57 -8.34 24.71
C ASN B 128 -24.50 -9.25 24.11
N ALA B 129 -24.21 -10.35 24.81
CA ALA B 129 -23.36 -11.41 24.29
C ALA B 129 -22.03 -10.88 23.78
N GLY B 130 -21.43 -9.99 24.55
CA GLY B 130 -20.10 -9.48 24.22
C GLY B 130 -20.04 -8.44 23.15
N ARG B 131 -21.19 -7.97 22.66
CA ARG B 131 -21.24 -6.94 21.63
C ARG B 131 -22.10 -5.78 22.13
N THR B 132 -21.74 -4.58 21.70
CA THR B 132 -22.59 -3.42 21.97
C THR B 132 -23.81 -3.46 21.05
N GLY B 133 -24.86 -2.75 21.48
CA GLY B 133 -26.00 -2.52 20.63
C GLY B 133 -25.70 -1.47 19.58
N ARG B 134 -26.68 -1.25 18.70
CA ARG B 134 -26.60 -0.19 17.70
C ARG B 134 -27.38 1.00 18.25
N TYR B 135 -26.67 1.97 18.83
CA TYR B 135 -27.31 3.15 19.39
C TYR B 135 -26.47 4.39 19.10
N ALA B 136 -27.04 5.54 19.40
CA ALA B 136 -26.40 6.82 19.18
C ALA B 136 -26.77 7.74 20.34
N ILE B 137 -25.76 8.35 20.96
CA ILE B 137 -25.97 9.33 22.02
C ILE B 137 -25.45 10.67 21.55
N VAL B 138 -26.24 11.72 21.80
CA VAL B 138 -25.84 13.10 21.53
C VAL B 138 -25.73 13.79 22.88
N VAL B 139 -24.63 14.49 23.10
CA VAL B 139 -24.36 15.16 24.37
C VAL B 139 -24.02 16.62 24.09
N LYS B 140 -24.39 17.47 25.04
CA LYS B 140 -24.13 18.91 24.95
C LYS B 140 -23.76 19.39 26.35
N ASP B 141 -22.49 19.74 26.54
CA ASP B 141 -22.01 20.26 27.81
C ASP B 141 -22.40 19.36 28.97
N GLY B 142 -22.11 18.06 28.83
CA GLY B 142 -22.31 17.09 29.87
C GLY B 142 -23.70 16.47 29.92
N LYS B 143 -24.71 17.12 29.35
CA LYS B 143 -26.09 16.67 29.47
C LYS B 143 -26.52 15.90 28.21
N VAL B 144 -27.13 14.74 28.43
CA VAL B 144 -27.62 13.95 27.30
C VAL B 144 -28.79 14.67 26.64
N VAL B 145 -28.76 14.76 25.31
CA VAL B 145 -29.85 15.35 24.55
C VAL B 145 -30.55 14.34 23.65
N TYR B 146 -30.07 13.11 23.59
CA TYR B 146 -30.65 12.09 22.71
C TYR B 146 -29.96 10.76 22.98
N ALA B 147 -30.75 9.69 23.09
CA ALA B 147 -30.20 8.37 23.38
C ALA B 147 -31.21 7.34 22.90
N ALA B 148 -30.94 6.76 21.73
CA ALA B 148 -31.86 5.81 21.11
C ALA B 148 -31.07 4.64 20.56
N VAL B 149 -31.69 3.46 20.62
CA VAL B 149 -31.09 2.21 20.16
C VAL B 149 -31.99 1.62 19.07
N ASP B 150 -31.36 1.09 18.02
CA ASP B 150 -32.07 0.43 16.94
C ASP B 150 -32.17 -1.06 17.28
N THR B 151 -33.37 -1.50 17.65
CA THR B 151 -33.60 -2.89 18.03
C THR B 151 -33.96 -3.77 16.84
N VAL B 152 -34.55 -3.21 15.80
CA VAL B 152 -34.93 -3.98 14.63
C VAL B 152 -33.69 -4.31 13.81
N ARG B 153 -33.55 -5.58 13.46
CA ARG B 153 -32.38 -6.05 12.72
C ARG B 153 -32.16 -5.24 11.45
N GLY B 154 -30.96 -4.67 11.32
CA GLY B 154 -30.57 -3.95 10.12
C GLY B 154 -31.01 -2.51 10.07
N SER B 155 -31.86 -2.06 10.99
CA SER B 155 -32.33 -0.69 10.98
C SER B 155 -31.27 0.27 11.51
N THR B 156 -31.18 1.44 10.87
CA THR B 156 -30.41 2.58 11.36
C THR B 156 -31.31 3.79 11.56
N GLU B 157 -32.62 3.56 11.77
CA GLU B 157 -33.56 4.66 11.84
C GLU B 157 -33.28 5.56 13.04
N LYS B 158 -33.01 4.96 14.20
CA LYS B 158 -32.86 5.73 15.42
C LYS B 158 -31.42 6.13 15.72
N SER B 159 -30.45 5.33 15.26
CA SER B 159 -29.05 5.57 15.56
C SER B 159 -28.25 6.09 14.37
N GLY B 160 -28.91 6.34 13.23
CA GLY B 160 -28.19 6.78 12.06
C GLY B 160 -27.95 8.26 12.03
N VAL B 161 -27.18 8.69 11.02
CA VAL B 161 -26.74 10.08 10.94
C VAL B 161 -27.94 11.01 10.88
N ASP B 162 -28.95 10.66 10.06
CA ASP B 162 -30.09 11.56 9.87
C ASP B 162 -30.84 11.79 11.16
N ALA B 163 -31.04 10.74 11.96
CA ALA B 163 -31.68 10.92 13.26
C ALA B 163 -30.89 11.89 14.12
N VAL B 164 -29.57 11.84 14.06
CA VAL B 164 -28.75 12.74 14.88
C VAL B 164 -28.85 14.17 14.37
N LEU B 165 -28.87 14.35 13.05
CA LEU B 165 -28.97 15.68 12.49
C LEU B 165 -30.29 16.35 12.89
N THR B 166 -31.39 15.61 12.87
CA THR B 166 -32.69 16.18 13.19
C THR B 166 -32.72 16.65 14.64
N VAL B 167 -32.28 15.80 15.57
CA VAL B 167 -32.29 16.19 16.97
C VAL B 167 -31.35 17.37 17.22
N LEU B 168 -30.26 17.48 16.45
CA LEU B 168 -29.36 18.61 16.62
C LEU B 168 -30.05 19.91 16.23
N GLY B 169 -30.86 19.89 15.17
CA GLY B 169 -31.57 21.09 14.74
C GLY B 169 -32.50 21.68 15.78
N ASN B 170 -32.74 20.97 16.88
CA ASN B 170 -33.54 21.49 17.98
C ASN B 170 -32.69 22.08 19.10
N GLN B 171 -31.47 22.53 18.72
CA GLN B 171 -30.51 23.11 19.70
C GLN B 171 -29.58 24.05 18.94
N GLY B 172 -28.93 24.99 19.64
CA GLY B 172 -27.97 25.88 19.00
C GLY B 172 -26.73 26.14 19.84
N LYS B 173 -25.58 25.62 19.41
CA LYS B 173 -24.31 25.81 20.10
C LYS B 173 -23.19 25.15 19.30
N LEU B 174 -21.95 25.48 19.67
CA LEU B 174 -20.77 24.85 19.08
C LEU B 174 -19.73 24.56 20.15
N MET C 3 45.90 -3.25 4.75
CA MET C 3 45.16 -3.52 3.48
C MET C 3 45.72 -4.74 2.78
N ALA C 4 44.84 -5.64 2.35
CA ALA C 4 45.22 -6.85 1.62
C ALA C 4 44.23 -7.06 0.49
N PRO C 5 44.57 -6.65 -0.75
CA PRO C 5 43.60 -6.76 -1.83
C PRO C 5 43.27 -8.21 -2.14
N LEU C 6 41.98 -8.48 -2.33
CA LEU C 6 41.50 -9.84 -2.53
C LEU C 6 41.68 -10.26 -3.99
N GLN C 7 42.18 -11.46 -4.19
CA GLN C 7 42.43 -12.00 -5.52
C GLN C 7 41.88 -13.42 -5.60
N PRO C 8 41.60 -13.90 -6.82
CA PRO C 8 41.10 -15.28 -6.96
C PRO C 8 42.07 -16.30 -6.40
N GLY C 9 41.52 -17.39 -5.88
CA GLY C 9 42.31 -18.41 -5.24
C GLY C 9 42.58 -18.20 -3.77
N ASP C 10 42.33 -17.00 -3.27
CA ASP C 10 42.53 -16.71 -1.85
C ASP C 10 41.40 -17.30 -1.02
N SER C 11 41.68 -17.46 0.27
CA SER C 11 40.63 -17.80 1.23
C SER C 11 39.94 -16.53 1.69
N PHE C 12 38.62 -16.55 1.70
CA PHE C 12 37.87 -15.39 2.19
C PHE C 12 38.29 -15.10 3.64
N PRO C 13 38.52 -13.84 3.99
CA PRO C 13 39.03 -13.54 5.34
C PRO C 13 38.11 -14.08 6.42
N ALA C 14 38.70 -14.38 7.56
CA ALA C 14 37.94 -14.82 8.73
C ALA C 14 37.53 -13.61 9.57
N ASN C 15 36.62 -13.86 10.51
CA ASN C 15 36.16 -12.85 11.45
C ASN C 15 35.54 -11.65 10.75
N VAL C 16 34.88 -11.87 9.61
CA VAL C 16 34.11 -10.82 8.95
C VAL C 16 32.66 -10.92 9.42
N VAL C 17 32.16 -9.88 10.05
CA VAL C 17 30.82 -9.87 10.62
C VAL C 17 30.10 -8.61 10.16
N PHE C 18 28.81 -8.75 9.85
CA PHE C 18 27.95 -7.64 9.49
C PHE C 18 26.78 -7.58 10.46
N SER C 19 26.20 -6.39 10.57
CA SER C 19 25.02 -6.15 11.38
C SER C 19 23.82 -5.96 10.47
N TYR C 20 22.79 -6.77 10.67
CA TYR C 20 21.62 -6.76 9.77
C TYR C 20 20.37 -7.20 10.50
N ILE C 21 19.22 -6.73 10.06
CA ILE C 21 17.92 -7.11 10.60
C ILE C 21 17.37 -8.25 9.72
N PRO C 22 17.27 -9.46 10.23
CA PRO C 22 16.75 -10.56 9.40
C PRO C 22 15.40 -10.20 8.81
N PRO C 23 15.14 -10.57 7.56
CA PRO C 23 13.82 -10.28 6.97
C PRO C 23 12.73 -11.06 7.69
N THR C 24 11.64 -10.36 8.04
CA THR C 24 10.50 -10.99 8.67
C THR C 24 9.40 -11.37 7.69
N GLY C 25 9.45 -10.82 6.47
CA GLY C 25 8.37 -10.95 5.51
C GLY C 25 7.57 -9.68 5.31
N SER C 26 7.86 -8.63 6.07
CA SER C 26 7.12 -7.39 6.00
C SER C 26 7.84 -6.37 5.12
N LEU C 27 7.05 -5.56 4.42
CA LEU C 27 7.55 -4.42 3.67
C LEU C 27 7.22 -3.10 4.35
N ASP C 28 6.76 -3.15 5.59
CA ASP C 28 6.37 -1.95 6.34
C ASP C 28 7.64 -1.26 6.83
N LEU C 29 7.90 -0.07 6.31
CA LEU C 29 9.09 0.68 6.70
C LEU C 29 8.95 1.37 8.04
N THR C 30 7.72 1.50 8.55
CA THR C 30 7.50 2.14 9.85
C THR C 30 7.91 1.24 11.00
N VAL C 31 7.95 -0.06 10.73
CA VAL C 31 8.28 -1.03 11.80
C VAL C 31 9.75 -1.44 11.61
N SER C 32 10.48 -1.51 12.72
CA SER C 32 11.91 -1.83 12.65
C SER C 32 12.17 -3.06 13.52
N GLY C 33 12.91 -4.04 13.01
CA GLY C 33 13.25 -5.20 13.83
C GLY C 33 14.46 -4.94 14.71
N ARG C 34 15.10 -6.00 15.17
CA ARG C 34 16.23 -5.87 16.08
C ARG C 34 17.49 -6.36 15.37
N PRO C 35 18.55 -5.56 15.24
CA PRO C 35 19.75 -6.05 14.56
C PRO C 35 20.44 -7.14 15.35
N ILE C 36 21.09 -8.03 14.60
CA ILE C 36 21.93 -9.08 15.14
C ILE C 36 23.18 -9.14 14.28
N GLU C 37 24.07 -10.09 14.60
CA GLU C 37 25.30 -10.25 13.86
C GLU C 37 25.13 -11.30 12.77
N TYR C 38 25.78 -11.07 11.63
CA TYR C 38 25.85 -12.02 10.53
C TYR C 38 27.29 -12.44 10.35
N ASN C 39 27.57 -13.72 10.57
CA ASN C 39 28.93 -14.24 10.38
C ASN C 39 29.10 -14.57 8.90
N ALA C 40 29.62 -13.58 8.16
CA ALA C 40 29.85 -13.78 6.74
C ALA C 40 30.89 -14.87 6.49
N SER C 41 31.95 -14.91 7.30
CA SER C 41 32.98 -15.93 7.12
C SER C 41 32.38 -17.33 7.12
N GLU C 42 31.58 -17.65 8.14
CA GLU C 42 30.98 -18.97 8.23
C GLU C 42 30.02 -19.21 7.09
N ALA C 43 29.15 -18.23 6.81
CA ALA C 43 28.15 -18.42 5.75
C ALA C 43 28.81 -18.69 4.41
N LEU C 44 29.87 -17.95 4.09
CA LEU C 44 30.55 -18.11 2.81
C LEU C 44 31.36 -19.40 2.75
N ALA C 45 31.65 -20.01 3.89
CA ALA C 45 32.57 -21.14 3.93
C ALA C 45 32.05 -22.30 3.09
N LYS C 46 30.74 -22.39 2.89
CA LYS C 46 30.11 -23.45 2.11
C LYS C 46 29.23 -22.84 1.04
N GLY C 47 29.31 -23.39 -0.18
CA GLY C 47 28.43 -22.98 -1.25
C GLY C 47 28.89 -21.71 -1.95
N THR C 48 28.23 -21.47 -3.10
CA THR C 48 28.57 -20.29 -3.92
C THR C 48 27.81 -19.08 -3.39
N SER C 49 28.46 -17.93 -3.32
CA SER C 49 27.78 -16.77 -2.70
C SER C 49 28.30 -15.45 -3.25
N VAL C 50 27.41 -14.48 -3.44
CA VAL C 50 27.81 -13.18 -4.05
C VAL C 50 27.70 -12.08 -3.02
N LEU C 51 28.81 -11.41 -2.71
CA LEU C 51 28.82 -10.28 -1.80
C LEU C 51 29.04 -9.00 -2.60
N VAL C 52 28.09 -8.08 -2.53
CA VAL C 52 28.16 -6.81 -3.23
C VAL C 52 28.17 -5.68 -2.20
N ALA C 53 29.00 -4.67 -2.44
CA ALA C 53 29.08 -3.49 -1.59
C ALA C 53 28.70 -2.26 -2.41
N VAL C 54 28.00 -1.33 -1.78
CA VAL C 54 27.57 -0.11 -2.45
C VAL C 54 27.95 1.09 -1.58
N PRO C 55 28.34 2.22 -2.18
CA PRO C 55 28.66 3.39 -1.35
C PRO C 55 27.55 3.79 -0.40
N GLY C 56 26.31 3.87 -0.88
CA GLY C 56 25.22 4.38 -0.07
C GLY C 56 23.85 3.87 -0.46
N ALA C 57 23.06 3.48 0.53
CA ALA C 57 21.69 3.07 0.29
C ALA C 57 20.85 4.26 -0.13
N PHE C 58 19.81 4.00 -0.93
CA PHE C 58 18.86 5.00 -1.41
C PHE C 58 19.50 6.04 -2.31
N THR C 59 20.72 5.81 -2.78
CA THR C 59 21.46 6.73 -3.64
C THR C 59 21.23 6.35 -5.11
N PRO C 60 21.10 7.34 -6.04
CA PRO C 60 20.57 7.01 -7.37
C PRO C 60 21.22 5.83 -8.06
N THR C 61 22.53 5.88 -8.27
CA THR C 61 23.20 4.81 -9.02
C THR C 61 23.15 3.49 -8.26
N CSS C 62 23.28 3.57 -6.94
CA CSS C 62 23.28 2.38 -6.11
CB CSS C 62 23.63 2.63 -4.66
SG CSS C 62 25.25 3.25 -4.34
SD CSS C 62 25.38 5.11 -5.29
C CSS C 62 21.91 1.72 -6.19
O CSS C 62 21.72 0.50 -6.09
N GLN C 63 20.90 2.56 -6.38
CA GLN C 63 19.52 2.12 -6.43
C GLN C 63 19.08 1.79 -7.86
N GLU C 64 19.09 2.80 -8.72
CA GLU C 64 18.51 2.66 -10.05
C GLU C 64 19.31 1.77 -10.98
N LYS C 65 20.52 1.35 -10.59
CA LYS C 65 21.34 0.56 -11.48
C LYS C 65 21.90 -0.70 -10.83
N HIS C 66 22.51 -0.57 -9.65
CA HIS C 66 23.27 -1.68 -9.09
C HIS C 66 22.36 -2.73 -8.47
N VAL C 67 21.59 -2.36 -7.45
CA VAL C 67 20.75 -3.35 -6.78
C VAL C 67 19.60 -3.79 -7.69
N THR C 68 19.03 -2.84 -8.44
CA THR C 68 17.98 -3.20 -9.39
C THR C 68 18.47 -4.24 -10.39
N GLY C 69 19.75 -4.18 -10.75
CA GLY C 69 20.27 -5.15 -11.70
C GLY C 69 20.34 -6.55 -11.13
N PHE C 70 20.77 -6.67 -9.87
CA PHE C 70 20.76 -7.98 -9.23
C PHE C 70 19.34 -8.45 -8.97
N ILE C 71 18.43 -7.53 -8.62
CA ILE C 71 17.05 -7.92 -8.38
C ILE C 71 16.40 -8.41 -9.66
N ALA C 72 16.79 -7.85 -10.80
CA ALA C 72 16.17 -8.23 -12.06
C ALA C 72 16.56 -9.63 -12.51
N LYS C 73 17.66 -10.18 -12.00
CA LYS C 73 18.20 -11.43 -12.49
C LYS C 73 18.53 -12.38 -11.34
N LEU C 74 17.60 -12.52 -10.39
CA LEU C 74 17.74 -13.57 -9.38
C LEU C 74 17.57 -14.94 -10.02
N ASP C 75 16.54 -15.10 -10.85
CA ASP C 75 16.31 -16.37 -11.52
C ASP C 75 17.55 -16.83 -12.27
N GLN C 76 18.26 -15.89 -12.91
CA GLN C 76 19.49 -16.25 -13.61
C GLN C 76 20.59 -16.59 -12.62
N LEU C 77 20.71 -15.82 -11.53
CA LEU C 77 21.71 -16.11 -10.51
C LEU C 77 21.41 -17.44 -9.82
N ARG C 78 20.13 -17.72 -9.54
CA ARG C 78 19.76 -19.01 -8.99
C ARG C 78 20.15 -20.14 -9.94
N GLN C 79 19.73 -20.04 -11.20
CA GLN C 79 20.05 -21.07 -12.18
C GLN C 79 21.55 -21.27 -12.30
N ALA C 80 22.35 -20.24 -12.01
CA ALA C 80 23.80 -20.35 -12.08
C ALA C 80 24.40 -21.03 -10.86
N GLY C 81 23.61 -21.30 -9.82
CA GLY C 81 24.09 -22.01 -8.65
C GLY C 81 24.30 -21.15 -7.42
N VAL C 82 24.06 -19.84 -7.50
CA VAL C 82 24.29 -18.96 -6.37
C VAL C 82 23.33 -19.33 -5.25
N ASP C 83 23.88 -19.48 -4.04
CA ASP C 83 23.11 -19.86 -2.87
C ASP C 83 22.68 -18.68 -2.02
N ARG C 84 23.41 -17.57 -2.05
CA ARG C 84 23.06 -16.41 -1.25
C ARG C 84 23.67 -15.16 -1.88
N VAL C 85 22.95 -14.05 -1.80
CA VAL C 85 23.40 -12.75 -2.28
C VAL C 85 23.36 -11.79 -1.10
N LEU C 86 24.50 -11.16 -0.82
CA LEU C 86 24.62 -10.18 0.25
C LEU C 86 24.87 -8.81 -0.36
N PHE C 87 24.16 -7.80 0.16
CA PHE C 87 24.43 -6.41 -0.17
C PHE C 87 24.79 -5.69 1.12
N ILE C 88 25.94 -5.01 1.11
CA ILE C 88 26.43 -4.32 2.30
C ILE C 88 26.69 -2.86 1.96
N ALA C 89 26.73 -2.04 3.00
CA ALA C 89 27.06 -0.62 2.88
C ALA C 89 27.41 -0.11 4.27
N SER C 90 27.92 1.12 4.31
CA SER C 90 28.22 1.74 5.60
C SER C 90 26.97 2.18 6.34
N ASN C 91 25.82 2.24 5.67
CA ASN C 91 24.57 2.57 6.32
C ASN C 91 24.29 1.58 7.45
N ASP C 92 23.59 2.05 8.48
CA ASP C 92 23.27 1.18 9.61
C ASP C 92 22.24 0.13 9.21
N ALA C 93 22.12 -0.91 10.04
CA ALA C 93 21.27 -2.04 9.72
C ALA C 93 19.82 -1.60 9.49
N PHE C 94 19.38 -0.55 10.17
CA PHE C 94 18.00 -0.10 10.02
C PHE C 94 17.76 0.50 8.65
N VAL C 95 18.67 1.36 8.19
CA VAL C 95 18.54 1.95 6.87
C VAL C 95 18.68 0.87 5.80
N MET C 96 19.55 -0.12 6.04
CA MET C 96 19.70 -1.21 5.08
C MET C 96 18.44 -2.05 4.99
N SER C 97 17.86 -2.40 6.14
CA SER C 97 16.62 -3.15 6.13
C SER C 97 15.52 -2.39 5.40
N ALA C 98 15.41 -1.08 5.63
CA ALA C 98 14.43 -0.28 4.92
C ALA C 98 14.72 -0.26 3.42
N TRP C 99 16.00 -0.18 3.04
CA TRP C 99 16.35 -0.16 1.63
C TRP C 99 15.91 -1.45 0.95
N GLY C 100 16.16 -2.60 1.58
CA GLY C 100 15.69 -3.85 1.02
C GLY C 100 14.18 -3.89 0.88
N LYS C 101 13.46 -3.41 1.90
CA LYS C 101 12.01 -3.38 1.85
C LYS C 101 11.52 -2.50 0.71
N ALA C 102 12.17 -1.36 0.49
CA ALA C 102 11.78 -0.47 -0.59
C ALA C 102 11.97 -1.11 -1.95
N ASN C 103 12.76 -2.18 -2.04
CA ASN C 103 12.97 -2.90 -3.29
C ASN C 103 12.14 -4.18 -3.37
N GLY C 104 11.20 -4.36 -2.45
CA GLY C 104 10.32 -5.51 -2.50
C GLY C 104 10.93 -6.82 -2.08
N ILE C 105 12.06 -6.81 -1.39
CA ILE C 105 12.69 -8.04 -0.91
C ILE C 105 12.16 -8.30 0.48
N LYS C 106 11.38 -9.38 0.63
CA LYS C 106 10.82 -9.77 1.92
C LYS C 106 11.37 -11.10 2.43
N ASP C 107 12.27 -11.73 1.69
CA ASP C 107 12.80 -13.03 2.09
C ASP C 107 14.33 -12.93 2.12
N GLU C 108 14.99 -14.08 2.13
CA GLU C 108 16.45 -14.15 2.18
C GLU C 108 17.08 -14.18 0.79
N SER C 109 16.30 -13.95 -0.27
CA SER C 109 16.85 -13.96 -1.62
C SER C 109 18.02 -12.99 -1.74
N ILE C 110 17.85 -11.77 -1.21
CA ILE C 110 18.94 -10.82 -1.06
C ILE C 110 18.90 -10.29 0.37
N LEU C 111 20.01 -10.39 1.07
CA LEU C 111 20.15 -9.82 2.41
C LEU C 111 20.82 -8.45 2.32
N PHE C 112 20.45 -7.57 3.23
CA PHE C 112 20.92 -6.19 3.25
C PHE C 112 21.54 -5.93 4.62
N LEU C 113 22.86 -5.91 4.67
CA LEU C 113 23.60 -5.83 5.93
C LEU C 113 24.45 -4.56 5.96
N SER C 114 24.94 -4.24 7.15
CA SER C 114 25.75 -3.06 7.38
C SER C 114 27.18 -3.48 7.67
N ASP C 115 28.12 -2.97 6.87
CA ASP C 115 29.56 -3.07 7.17
C ASP C 115 29.86 -1.88 8.07
N SER C 116 29.78 -2.12 9.39
CA SER C 116 29.85 -1.03 10.36
C SER C 116 31.23 -0.37 10.32
N ASP C 117 31.24 0.95 10.18
CA ASP C 117 32.46 1.73 10.13
C ASP C 117 33.41 1.21 9.05
N THR C 118 32.84 0.57 8.02
CA THR C 118 33.60 0.07 6.88
C THR C 118 34.80 -0.77 7.35
N ALA C 119 34.60 -1.53 8.42
CA ALA C 119 35.70 -2.32 8.97
C ALA C 119 36.18 -3.36 7.97
N PHE C 120 35.26 -4.08 7.34
CA PHE C 120 35.67 -5.10 6.37
C PHE C 120 36.14 -4.45 5.07
N SER C 121 35.39 -3.48 4.55
CA SER C 121 35.78 -2.84 3.30
C SER C 121 37.13 -2.14 3.44
N SER C 122 37.39 -1.57 4.61
CA SER C 122 38.69 -0.94 4.85
C SER C 122 39.81 -1.97 4.85
N SER C 123 39.58 -3.13 5.48
CA SER C 123 40.61 -4.15 5.59
C SER C 123 40.99 -4.74 4.25
N ILE C 124 40.16 -4.56 3.22
CA ILE C 124 40.49 -4.99 1.86
C ILE C 124 40.92 -3.82 0.99
N GLY C 125 40.89 -2.59 1.53
CA GLY C 125 41.33 -1.44 0.77
C GLY C 125 40.30 -0.86 -0.16
N TRP C 126 39.02 -1.21 0.03
CA TRP C 126 37.96 -0.70 -0.83
C TRP C 126 36.97 0.12 -0.01
N ALA C 127 37.46 1.21 0.58
CA ALA C 127 36.64 2.09 1.41
C ALA C 127 37.33 3.45 1.52
N ASN C 128 36.51 4.49 1.70
CA ASN C 128 37.04 5.84 1.86
C ASN C 128 35.96 6.76 2.41
N ALA C 129 36.37 7.64 3.32
CA ALA C 129 35.51 8.73 3.81
C ALA C 129 34.23 8.19 4.43
N GLY C 130 34.34 7.07 5.14
CA GLY C 130 33.20 6.54 5.86
C GLY C 130 32.18 5.80 5.03
N ARG C 131 32.51 5.45 3.79
CA ARG C 131 31.62 4.69 2.92
C ARG C 131 32.41 3.56 2.27
N THR C 132 31.73 2.46 2.00
CA THR C 132 32.36 1.38 1.26
C THR C 132 32.46 1.73 -0.22
N GLY C 133 33.41 1.11 -0.89
CA GLY C 133 33.46 1.19 -2.33
C GLY C 133 32.41 0.34 -2.99
N ARG C 134 32.30 0.48 -4.31
CA ARG C 134 31.36 -0.32 -5.11
C ARG C 134 32.13 -1.52 -5.66
N TYR C 135 32.05 -2.65 -4.97
CA TYR C 135 32.75 -3.85 -5.39
C TYR C 135 31.84 -5.05 -5.26
N ALA C 136 32.29 -6.17 -5.85
CA ALA C 136 31.58 -7.43 -5.80
C ALA C 136 32.59 -8.55 -5.59
N ILE C 137 32.29 -9.45 -4.65
CA ILE C 137 33.12 -10.62 -4.40
C ILE C 137 32.26 -11.86 -4.62
N VAL C 138 32.84 -12.86 -5.27
CA VAL C 138 32.20 -14.16 -5.49
C VAL C 138 33.03 -15.21 -4.78
N VAL C 139 32.36 -16.08 -4.04
CA VAL C 139 33.03 -17.07 -3.20
C VAL C 139 32.41 -18.44 -3.46
N LYS C 140 33.24 -19.49 -3.32
CA LYS C 140 32.80 -20.87 -3.51
C LYS C 140 33.52 -21.72 -2.48
N ASP C 141 32.77 -22.21 -1.50
CA ASP C 141 33.31 -23.10 -0.46
C ASP C 141 34.52 -22.46 0.23
N GLY C 142 34.39 -21.17 0.56
CA GLY C 142 35.41 -20.45 1.28
C GLY C 142 36.43 -19.75 0.41
N LYS C 143 36.66 -20.25 -0.81
CA LYS C 143 37.68 -19.71 -1.69
C LYS C 143 37.10 -18.63 -2.59
N VAL C 144 37.84 -17.54 -2.73
CA VAL C 144 37.42 -16.45 -3.62
C VAL C 144 37.58 -16.87 -5.07
N VAL C 145 36.62 -16.47 -5.89
CA VAL C 145 36.70 -16.69 -7.33
C VAL C 145 36.75 -15.39 -8.12
N TYR C 146 36.40 -14.26 -7.51
CA TYR C 146 36.29 -12.98 -8.21
C TYR C 146 36.17 -11.88 -7.16
N ALA C 147 36.87 -10.77 -7.39
CA ALA C 147 36.86 -9.67 -6.43
C ALA C 147 37.31 -8.41 -7.18
N ALA C 148 36.35 -7.60 -7.60
CA ALA C 148 36.62 -6.44 -8.43
C ALA C 148 35.87 -5.22 -7.89
N VAL C 149 36.50 -4.06 -8.02
CA VAL C 149 35.92 -2.80 -7.60
C VAL C 149 35.75 -1.90 -8.82
N ASP C 150 34.69 -1.10 -8.81
CA ASP C 150 34.44 -0.08 -9.83
C ASP C 150 34.98 1.24 -9.31
N THR C 151 36.08 1.71 -9.91
CA THR C 151 36.70 2.95 -9.47
C THR C 151 36.06 4.18 -10.11
N VAL C 152 35.78 4.13 -11.42
CA VAL C 152 35.19 5.26 -12.10
C VAL C 152 33.81 5.53 -11.53
N ARG C 153 33.53 6.80 -11.25
CA ARG C 153 32.26 7.18 -10.63
C ARG C 153 31.08 6.69 -11.48
N GLY C 154 30.15 6.01 -10.83
CA GLY C 154 28.90 5.60 -11.46
C GLY C 154 28.96 4.29 -12.21
N SER C 155 30.11 3.65 -12.32
CA SER C 155 30.23 2.43 -13.09
C SER C 155 29.79 1.22 -12.27
N THR C 156 29.11 0.30 -12.95
CA THR C 156 28.78 -1.02 -12.42
C THR C 156 29.37 -2.11 -13.30
N GLU C 157 30.41 -1.77 -14.08
CA GLU C 157 30.97 -2.71 -15.04
C GLU C 157 31.60 -3.91 -14.34
N LYS C 158 32.33 -3.68 -13.25
CA LYS C 158 33.05 -4.76 -12.58
C LYS C 158 32.28 -5.37 -11.41
N SER C 159 31.41 -4.61 -10.75
CA SER C 159 30.64 -5.13 -9.61
C SER C 159 29.18 -5.37 -9.94
N GLY C 160 28.76 -5.19 -11.19
CA GLY C 160 27.37 -5.37 -11.54
C GLY C 160 26.96 -6.82 -11.66
N VAL C 161 25.64 -7.02 -11.78
CA VAL C 161 25.11 -8.38 -11.88
C VAL C 161 25.70 -9.09 -13.09
N ASP C 162 25.80 -8.40 -14.22
CA ASP C 162 26.31 -9.04 -15.43
C ASP C 162 27.73 -9.54 -15.23
N ALA C 163 28.63 -8.66 -14.76
CA ALA C 163 30.00 -9.09 -14.49
C ALA C 163 30.01 -10.38 -13.67
N VAL C 164 29.11 -10.49 -12.69
CA VAL C 164 29.05 -11.71 -11.88
C VAL C 164 28.53 -12.88 -12.70
N LEU C 165 27.49 -12.65 -13.50
CA LEU C 165 26.94 -13.74 -14.31
C LEU C 165 27.99 -14.33 -15.25
N THR C 166 28.82 -13.48 -15.86
CA THR C 166 29.83 -14.00 -16.78
C THR C 166 30.84 -14.87 -16.04
N VAL C 167 31.36 -14.38 -14.90
CA VAL C 167 32.39 -15.11 -14.19
C VAL C 167 31.88 -16.46 -13.69
N LEU C 168 30.57 -16.56 -13.39
CA LEU C 168 30.05 -17.83 -12.91
C LEU C 168 29.97 -18.85 -14.03
N GLY C 169 29.68 -18.43 -15.27
CA GLY C 169 29.58 -19.34 -16.37
C GLY C 169 30.89 -19.92 -16.86
N ASN C 170 32.02 -19.47 -16.30
CA ASN C 170 33.35 -19.86 -16.78
C ASN C 170 33.99 -20.93 -15.90
N GLN C 171 33.16 -21.76 -15.29
CA GLN C 171 33.69 -22.81 -14.38
C GLN C 171 33.32 -24.19 -14.95
N MET D 3 31.39 24.54 25.07
CA MET D 3 30.01 24.25 24.61
C MET D 3 29.11 25.42 24.98
N ALA D 4 28.48 26.07 24.00
CA ALA D 4 27.51 27.15 24.33
C ALA D 4 26.10 26.71 23.95
N PRO D 5 25.23 26.37 24.91
CA PRO D 5 23.84 26.03 24.61
C PRO D 5 23.09 27.30 24.21
N LEU D 6 22.22 27.22 23.20
CA LEU D 6 21.40 28.41 22.85
C LEU D 6 20.30 28.63 23.89
N GLN D 7 19.96 29.88 24.19
CA GLN D 7 18.97 30.21 25.26
C GLN D 7 17.73 30.88 24.67
N PRO D 8 16.51 30.85 25.28
CA PRO D 8 15.31 31.40 24.64
C PRO D 8 15.40 32.85 24.20
N GLY D 9 16.37 33.61 24.66
CA GLY D 9 16.46 35.00 24.26
C GLY D 9 17.37 35.28 23.09
N ASP D 10 18.01 34.25 22.54
CA ASP D 10 19.09 34.42 21.58
C ASP D 10 18.54 34.66 20.17
N SER D 11 19.46 34.99 19.27
CA SER D 11 19.19 34.98 17.85
C SER D 11 19.59 33.62 17.28
N PHE D 12 18.77 33.09 16.38
CA PHE D 12 19.11 31.83 15.73
C PHE D 12 20.36 32.03 14.88
N PRO D 13 21.34 31.12 14.95
CA PRO D 13 22.61 31.37 14.27
C PRO D 13 22.42 31.63 12.77
N ALA D 14 23.37 32.37 12.22
CA ALA D 14 23.41 32.63 10.79
C ALA D 14 24.26 31.59 10.08
N ASN D 15 24.10 31.51 8.75
CA ASN D 15 24.90 30.63 7.91
C ASN D 15 24.70 29.16 8.29
N VAL D 16 23.44 28.79 8.55
CA VAL D 16 23.10 27.41 8.89
C VAL D 16 22.40 26.80 7.68
N VAL D 17 23.04 25.80 7.08
CA VAL D 17 22.62 25.23 5.81
C VAL D 17 22.43 23.73 5.97
N PHE D 18 21.40 23.19 5.31
CA PHE D 18 21.14 21.77 5.27
C PHE D 18 21.08 21.30 3.81
N SER D 19 21.31 20.01 3.62
CA SER D 19 21.20 19.37 2.32
C SER D 19 19.93 18.53 2.30
N TYR D 20 19.11 18.70 1.26
CA TYR D 20 17.80 18.07 1.25
C TYR D 20 17.28 18.01 -0.18
N ILE D 21 16.41 17.03 -0.43
CA ILE D 21 15.77 16.85 -1.73
C ILE D 21 14.37 17.45 -1.64
N PRO D 22 14.02 18.41 -2.48
CA PRO D 22 12.70 19.05 -2.36
C PRO D 22 11.59 18.05 -2.65
N PRO D 23 10.53 18.04 -1.86
CA PRO D 23 9.42 17.11 -2.15
C PRO D 23 8.82 17.40 -3.51
N THR D 24 8.64 16.33 -4.29
CA THR D 24 8.08 16.44 -5.63
C THR D 24 6.63 15.95 -5.70
N GLY D 25 6.08 15.49 -4.59
CA GLY D 25 4.75 14.90 -4.58
C GLY D 25 4.74 13.39 -4.74
N SER D 26 5.90 12.77 -4.84
CA SER D 26 5.99 11.33 -5.05
C SER D 26 6.30 10.61 -3.74
N LEU D 27 5.77 9.40 -3.62
CA LEU D 27 6.09 8.51 -2.50
C LEU D 27 6.87 7.29 -2.96
N ASP D 28 7.36 7.29 -4.20
CA ASP D 28 8.19 6.20 -4.69
C ASP D 28 9.59 6.32 -4.10
N LEU D 29 10.02 5.28 -3.38
CA LEU D 29 11.33 5.30 -2.75
C LEU D 29 12.45 4.89 -3.70
N THR D 30 12.12 4.26 -4.82
CA THR D 30 13.12 3.80 -5.76
C THR D 30 13.60 4.89 -6.71
N VAL D 31 13.08 6.10 -6.60
CA VAL D 31 13.50 7.22 -7.44
C VAL D 31 13.95 8.34 -6.51
N SER D 32 15.21 8.74 -6.64
CA SER D 32 15.80 9.80 -5.84
C SER D 32 15.85 11.09 -6.64
N GLY D 33 15.51 12.20 -5.97
CA GLY D 33 15.64 13.50 -6.58
C GLY D 33 17.11 13.92 -6.66
N ARG D 34 17.34 15.22 -6.56
CA ARG D 34 18.69 15.77 -6.59
C ARG D 34 18.87 16.71 -5.41
N PRO D 35 19.75 16.37 -4.45
CA PRO D 35 19.89 17.23 -3.27
C PRO D 35 20.37 18.63 -3.63
N ILE D 36 19.87 19.61 -2.88
CA ILE D 36 20.29 21.01 -3.00
C ILE D 36 20.49 21.55 -1.60
N GLU D 37 20.77 22.85 -1.49
CA GLU D 37 21.04 23.50 -0.23
C GLU D 37 19.77 24.16 0.31
N TYR D 38 19.60 24.11 1.63
CA TYR D 38 18.50 24.78 2.33
C TYR D 38 19.11 25.78 3.28
N ASN D 39 18.89 27.07 3.02
CA ASN D 39 19.39 28.14 3.89
C ASN D 39 18.41 28.27 5.05
N ALA D 40 18.67 27.51 6.12
CA ALA D 40 17.78 27.53 7.26
C ALA D 40 17.65 28.94 7.85
N SER D 41 18.78 29.64 7.98
CA SER D 41 18.74 30.97 8.59
C SER D 41 17.77 31.89 7.86
N GLU D 42 17.83 31.90 6.53
CA GLU D 42 16.95 32.78 5.76
C GLU D 42 15.48 32.42 5.97
N ALA D 43 15.18 31.12 6.08
CA ALA D 43 13.79 30.70 6.19
C ALA D 43 13.23 30.97 7.57
N LEU D 44 13.95 30.59 8.62
CA LEU D 44 13.50 30.80 9.99
C LEU D 44 13.46 32.28 10.37
N ALA D 45 13.99 33.17 9.52
CA ALA D 45 14.07 34.58 9.88
C ALA D 45 12.69 35.18 10.12
N LYS D 46 11.66 34.67 9.45
CA LYS D 46 10.30 35.17 9.58
C LYS D 46 9.38 34.05 10.05
N GLY D 47 8.32 34.44 10.76
CA GLY D 47 7.31 33.49 11.18
C GLY D 47 7.81 32.52 12.23
N THR D 48 6.91 31.63 12.63
CA THR D 48 7.21 30.61 13.62
C THR D 48 7.63 29.32 12.92
N SER D 49 8.75 28.75 13.35
CA SER D 49 9.29 27.53 12.76
C SER D 49 9.70 26.57 13.85
N VAL D 50 9.49 25.28 13.59
CA VAL D 50 9.83 24.21 14.53
C VAL D 50 10.87 23.32 13.85
N LEU D 51 12.05 23.21 14.48
CA LEU D 51 13.14 22.39 13.98
C LEU D 51 13.35 21.23 14.94
N VAL D 52 13.35 20.01 14.41
CA VAL D 52 13.55 18.80 15.20
C VAL D 52 14.70 18.02 14.61
N ALA D 53 15.57 17.53 15.49
CA ALA D 53 16.70 16.69 15.10
C ALA D 53 16.53 15.31 15.70
N VAL D 54 16.93 14.27 14.97
CA VAL D 54 16.75 12.90 15.41
C VAL D 54 18.06 12.14 15.27
N PRO D 55 18.43 11.29 16.23
CA PRO D 55 19.67 10.51 16.09
C PRO D 55 19.80 9.76 14.78
N GLY D 56 18.73 9.10 14.32
CA GLY D 56 18.83 8.27 13.14
C GLY D 56 17.52 8.02 12.43
N ALA D 57 17.50 8.26 11.12
CA ALA D 57 16.35 7.92 10.31
C ALA D 57 16.10 6.42 10.34
N PHE D 58 14.82 6.03 10.21
CA PHE D 58 14.40 4.64 10.14
C PHE D 58 14.71 3.85 11.41
N THR D 59 14.91 4.53 12.54
CA THR D 59 15.14 3.84 13.80
C THR D 59 13.91 3.98 14.71
N PRO D 60 13.72 3.05 15.66
CA PRO D 60 12.39 2.84 16.23
C PRO D 60 11.85 4.01 17.04
N THR D 61 12.58 4.43 18.08
CA THR D 61 12.11 5.56 18.91
C THR D 61 12.07 6.81 18.03
N CSS D 62 13.03 6.90 17.10
CA CSS D 62 13.10 8.05 16.24
CB CSS D 62 14.37 8.12 15.40
SG CSS D 62 15.89 8.33 16.29
SD CSS D 62 16.46 6.51 17.15
C CSS D 62 11.88 8.02 15.31
O CSS D 62 11.29 9.04 14.97
N GLN D 63 11.51 6.81 14.89
CA GLN D 63 10.37 6.62 13.98
C GLN D 63 9.05 6.46 14.71
N GLU D 64 8.93 5.39 15.50
CA GLU D 64 7.65 5.00 16.08
C GLU D 64 7.13 5.97 17.12
N LYS D 65 7.94 6.94 17.56
CA LYS D 65 7.48 7.83 18.65
C LYS D 65 7.70 9.31 18.34
N HIS D 66 8.87 9.69 17.81
CA HIS D 66 9.16 11.11 17.61
C HIS D 66 8.46 11.68 16.38
N VAL D 67 8.87 11.24 15.18
CA VAL D 67 8.30 11.82 13.97
C VAL D 67 6.81 11.51 13.89
N THR D 68 6.42 10.27 14.17
CA THR D 68 5.01 9.90 14.09
C THR D 68 4.14 10.88 14.89
N GLY D 69 4.60 11.25 16.08
CA GLY D 69 3.89 12.23 16.87
C GLY D 69 3.66 13.51 16.11
N PHE D 70 4.73 14.14 15.63
CA PHE D 70 4.58 15.37 14.87
C PHE D 70 3.65 15.15 13.68
N ILE D 71 3.64 13.95 13.12
CA ILE D 71 2.74 13.67 12.01
C ILE D 71 1.30 13.50 12.48
N ALA D 72 1.09 13.17 13.75
CA ALA D 72 -0.27 13.01 14.26
C ALA D 72 -0.93 14.34 14.58
N LYS D 73 -0.15 15.42 14.70
CA LYS D 73 -0.63 16.70 15.16
C LYS D 73 -0.11 17.83 14.28
N LEU D 74 -0.33 17.71 12.96
CA LEU D 74 -0.08 18.84 12.08
C LEU D 74 -1.16 19.90 12.26
N ASP D 75 -2.42 19.51 12.01
CA ASP D 75 -3.53 20.44 12.14
C ASP D 75 -3.44 21.22 13.45
N GLN D 76 -3.00 20.58 14.53
CA GLN D 76 -2.84 21.29 15.79
C GLN D 76 -1.69 22.28 15.72
N LEU D 77 -0.55 21.86 15.15
CA LEU D 77 0.57 22.78 14.99
C LEU D 77 0.21 23.92 14.04
N ARG D 78 -0.50 23.61 12.95
CA ARG D 78 -0.91 24.66 12.02
C ARG D 78 -1.80 25.68 12.70
N GLN D 79 -2.83 25.21 13.42
CA GLN D 79 -3.73 26.11 14.14
C GLN D 79 -3.04 26.76 15.32
N ALA D 80 -1.84 26.33 15.68
CA ALA D 80 -1.07 26.97 16.74
C ALA D 80 -0.14 28.06 16.22
N GLY D 81 -0.06 28.25 14.90
CA GLY D 81 0.72 29.31 14.30
C GLY D 81 1.99 28.87 13.63
N VAL D 82 2.42 27.62 13.82
CA VAL D 82 3.63 27.14 13.19
C VAL D 82 3.47 27.20 11.68
N ASP D 83 4.47 27.74 10.98
CA ASP D 83 4.43 27.88 9.54
C ASP D 83 5.41 26.93 8.87
N ARG D 84 6.52 26.60 9.51
CA ARG D 84 7.43 25.56 9.04
C ARG D 84 7.89 24.53 10.02
N VAL D 85 7.96 23.26 9.65
CA VAL D 85 8.49 22.17 10.47
C VAL D 85 9.65 21.55 9.70
N LEU D 86 10.78 21.40 10.38
CA LEU D 86 11.98 20.82 9.79
C LEU D 86 12.42 19.64 10.64
N PHE D 87 12.71 18.51 10.00
CA PHE D 87 13.33 17.36 10.64
C PHE D 87 14.70 17.15 10.04
N ILE D 88 15.72 17.03 10.90
CA ILE D 88 17.10 16.90 10.46
C ILE D 88 17.74 15.69 11.13
N ALA D 89 18.83 15.22 10.54
CA ALA D 89 19.59 14.11 11.07
C ALA D 89 20.90 14.02 10.29
N SER D 90 21.83 13.23 10.82
CA SER D 90 23.12 13.05 10.15
C SER D 90 22.98 12.26 8.85
N ASN D 91 21.87 11.56 8.66
CA ASN D 91 21.64 10.80 7.43
C ASN D 91 21.70 11.74 6.22
N ASP D 92 22.20 11.20 5.11
CA ASP D 92 22.32 12.00 3.90
C ASP D 92 20.95 12.35 3.34
N ALA D 93 20.93 13.34 2.44
CA ALA D 93 19.66 13.87 1.94
C ALA D 93 18.82 12.79 1.27
N PHE D 94 19.45 11.78 0.68
CA PHE D 94 18.70 10.71 0.04
C PHE D 94 17.94 9.88 1.07
N VAL D 95 18.63 9.43 2.11
CA VAL D 95 17.97 8.66 3.16
C VAL D 95 16.88 9.49 3.82
N MET D 96 17.15 10.78 4.04
CA MET D 96 16.15 11.65 4.65
C MET D 96 14.89 11.75 3.78
N SER D 97 15.08 11.96 2.48
CA SER D 97 13.94 12.00 1.57
C SER D 97 13.17 10.69 1.61
N ALA D 98 13.87 9.56 1.65
CA ALA D 98 13.20 8.27 1.71
C ALA D 98 12.43 8.11 3.01
N TRP D 99 12.99 8.62 4.11
CA TRP D 99 12.30 8.54 5.39
C TRP D 99 11.01 9.35 5.36
N GLY D 100 11.04 10.53 4.75
CA GLY D 100 9.83 11.32 4.63
C GLY D 100 8.76 10.62 3.82
N LYS D 101 9.15 10.07 2.66
CA LYS D 101 8.19 9.34 1.84
C LYS D 101 7.60 8.16 2.58
N ALA D 102 8.44 7.44 3.34
CA ALA D 102 7.94 6.29 4.10
C ALA D 102 6.87 6.71 5.10
N ASN D 103 6.92 7.94 5.57
CA ASN D 103 5.91 8.47 6.47
C ASN D 103 4.77 9.17 5.74
N GLY D 104 4.73 9.07 4.41
CA GLY D 104 3.63 9.59 3.63
C GLY D 104 3.69 11.07 3.32
N ILE D 105 4.83 11.72 3.52
CA ILE D 105 4.94 13.16 3.33
C ILE D 105 5.37 13.41 1.90
N LYS D 106 4.45 13.97 1.11
CA LYS D 106 4.73 14.30 -0.28
C LYS D 106 4.73 15.80 -0.54
N ASP D 107 4.50 16.62 0.49
CA ASP D 107 4.47 18.06 0.31
C ASP D 107 5.43 18.74 1.29
N GLU D 108 5.35 20.06 1.40
CA GLU D 108 6.25 20.82 2.24
C GLU D 108 5.79 20.91 3.69
N SER D 109 4.71 20.22 4.05
CA SER D 109 4.25 20.23 5.44
C SER D 109 5.41 19.99 6.40
N ILE D 110 6.07 18.85 6.26
CA ILE D 110 7.32 18.54 6.97
C ILE D 110 8.41 18.39 5.94
N LEU D 111 9.55 19.06 6.16
CA LEU D 111 10.74 18.88 5.34
C LEU D 111 11.71 17.96 6.05
N PHE D 112 12.39 17.12 5.28
CA PHE D 112 13.37 16.17 5.80
C PHE D 112 14.73 16.50 5.19
N LEU D 113 15.62 17.05 5.99
CA LEU D 113 16.91 17.55 5.54
C LEU D 113 18.02 16.85 6.32
N SER D 114 19.24 17.02 5.82
CA SER D 114 20.42 16.41 6.42
C SER D 114 21.32 17.50 6.99
N ASP D 115 21.70 17.34 8.25
CA ASP D 115 22.74 18.18 8.86
C ASP D 115 24.07 17.49 8.58
N SER D 116 24.67 17.83 7.45
CA SER D 116 25.84 17.11 6.96
C SER D 116 26.96 17.15 7.99
N ASP D 117 27.50 15.97 8.30
CA ASP D 117 28.57 15.82 9.29
C ASP D 117 28.23 16.51 10.61
N THR D 118 26.92 16.56 10.92
CA THR D 118 26.45 17.16 12.20
C THR D 118 27.04 18.55 12.41
N ALA D 119 27.19 19.35 11.35
CA ALA D 119 27.85 20.67 11.49
C ALA D 119 27.06 21.59 12.43
N PHE D 120 25.77 21.81 12.14
CA PHE D 120 24.93 22.71 12.99
C PHE D 120 24.80 22.11 14.38
N SER D 121 24.61 20.79 14.45
CA SER D 121 24.37 20.13 15.75
C SER D 121 25.65 20.16 16.57
N SER D 122 26.79 20.38 15.91
CA SER D 122 28.09 20.44 16.63
C SER D 122 28.34 21.87 17.05
N SER D 123 27.80 22.83 16.30
CA SER D 123 27.92 24.24 16.74
C SER D 123 27.24 24.34 18.10
N ILE D 124 26.07 23.72 18.25
CA ILE D 124 25.42 23.67 19.59
C ILE D 124 26.02 22.47 20.33
N GLY D 125 25.64 22.20 21.57
CA GLY D 125 26.33 21.10 22.26
C GLY D 125 25.76 19.73 21.95
N TRP D 126 24.66 19.67 21.20
CA TRP D 126 23.96 18.38 20.99
C TRP D 126 24.41 17.57 19.77
N ALA D 127 25.61 16.98 19.80
CA ALA D 127 26.04 16.07 18.71
C ALA D 127 26.96 14.99 19.30
N ASN D 128 26.76 13.72 18.94
CA ASN D 128 27.57 12.63 19.53
C ASN D 128 27.91 11.53 18.51
N ALA D 129 29.20 11.29 18.24
CA ALA D 129 29.61 10.14 17.39
C ALA D 129 29.01 10.17 15.98
N GLY D 130 29.09 11.31 15.29
CA GLY D 130 28.60 11.39 13.93
C GLY D 130 27.09 11.47 13.78
N ARG D 131 26.35 11.34 14.88
CA ARG D 131 24.87 11.45 14.83
C ARG D 131 24.40 12.61 15.72
N THR D 132 23.40 13.35 15.23
CA THR D 132 22.84 14.43 16.02
C THR D 132 22.14 13.89 17.25
N GLY D 133 21.91 14.80 18.20
CA GLY D 133 21.14 14.40 19.37
C GLY D 133 19.67 14.57 19.07
N ARG D 134 18.83 14.21 20.03
CA ARG D 134 17.38 14.34 19.90
C ARG D 134 16.98 15.65 20.56
N TYR D 135 16.74 16.68 19.76
CA TYR D 135 16.41 18.00 20.29
C TYR D 135 15.40 18.68 19.39
N ALA D 136 14.81 19.76 19.91
CA ALA D 136 13.82 20.55 19.21
C ALA D 136 14.07 22.02 19.50
N ILE D 137 14.03 22.84 18.46
CA ILE D 137 14.14 24.29 18.59
C ILE D 137 12.88 24.93 18.00
N VAL D 138 12.35 25.92 18.70
CA VAL D 138 11.26 26.74 18.21
C VAL D 138 11.79 28.15 17.98
N VAL D 139 11.48 28.73 16.83
CA VAL D 139 11.97 30.05 16.47
C VAL D 139 10.79 30.90 16.02
N LYS D 140 10.89 32.20 16.27
CA LYS D 140 9.81 33.15 15.97
C LYS D 140 10.47 34.43 15.46
N ASP D 141 10.41 34.63 14.14
CA ASP D 141 11.00 35.80 13.49
C ASP D 141 12.47 35.96 13.88
N GLY D 142 13.23 34.89 13.70
CA GLY D 142 14.66 34.88 13.93
C GLY D 142 15.08 34.60 15.35
N LYS D 143 14.22 34.89 16.32
CA LYS D 143 14.56 34.72 17.73
C LYS D 143 14.12 33.34 18.21
N VAL D 144 15.04 32.64 18.89
CA VAL D 144 14.68 31.37 19.50
C VAL D 144 13.64 31.62 20.59
N VAL D 145 12.73 30.66 20.76
CA VAL D 145 11.79 30.65 21.87
C VAL D 145 11.94 29.43 22.75
N TYR D 146 12.65 28.40 22.30
CA TYR D 146 12.75 27.13 23.00
C TYR D 146 13.85 26.31 22.34
N ALA D 147 14.62 25.60 23.16
CA ALA D 147 15.72 24.78 22.64
C ALA D 147 16.09 23.78 23.74
N ALA D 148 15.65 22.53 23.56
CA ALA D 148 15.83 21.51 24.58
C ALA D 148 16.27 20.20 23.94
N VAL D 149 17.08 19.45 24.68
CA VAL D 149 17.56 18.13 24.29
C VAL D 149 17.18 17.17 25.41
N ASP D 150 17.05 15.89 25.06
CA ASP D 150 16.58 14.91 26.01
C ASP D 150 17.70 14.34 26.87
N THR D 151 18.77 13.87 26.24
CA THR D 151 19.96 13.38 26.94
C THR D 151 19.68 12.16 27.82
N VAL D 152 18.53 11.52 27.65
CA VAL D 152 18.24 10.24 28.31
C VAL D 152 17.64 9.38 27.21
N ARG D 153 18.29 8.26 26.92
CA ARG D 153 17.93 7.46 25.75
C ARG D 153 16.45 7.13 25.74
N GLY D 154 15.88 7.04 24.53
CA GLY D 154 14.52 6.56 24.37
C GLY D 154 13.47 7.45 24.99
N SER D 155 13.77 8.74 25.17
CA SER D 155 12.82 9.70 25.69
C SER D 155 12.48 10.72 24.61
N THR D 156 11.26 11.24 24.69
CA THR D 156 10.80 12.32 23.81
C THR D 156 10.11 13.41 24.62
N GLU D 157 10.52 13.56 25.89
CA GLU D 157 9.82 14.45 26.80
C GLU D 157 10.05 15.92 26.46
N LYS D 158 11.29 16.28 26.12
CA LYS D 158 11.63 17.67 25.87
C LYS D 158 11.55 18.06 24.41
N SER D 159 11.83 17.11 23.50
CA SER D 159 11.87 17.40 22.07
C SER D 159 10.62 16.95 21.34
N GLY D 160 9.67 16.34 22.03
CA GLY D 160 8.47 15.83 21.38
C GLY D 160 7.49 16.92 20.99
N VAL D 161 6.40 16.48 20.34
CA VAL D 161 5.38 17.41 19.91
C VAL D 161 4.76 18.11 21.11
N ASP D 162 4.28 17.32 22.07
CA ASP D 162 3.55 17.89 23.21
C ASP D 162 4.40 18.91 23.95
N ALA D 163 5.72 18.74 23.94
CA ALA D 163 6.60 19.75 24.52
C ALA D 163 6.56 21.03 23.67
N VAL D 164 6.56 20.88 22.35
CA VAL D 164 6.51 22.06 21.48
C VAL D 164 5.15 22.74 21.58
N LEU D 165 4.07 21.95 21.63
CA LEU D 165 2.73 22.53 21.70
C LEU D 165 2.52 23.28 23.00
N THR D 166 3.01 22.74 24.11
CA THR D 166 2.86 23.43 25.40
C THR D 166 3.61 24.75 25.41
N VAL D 167 4.84 24.76 24.87
CA VAL D 167 5.65 25.98 24.91
C VAL D 167 5.04 27.05 24.01
N LEU D 168 4.30 26.66 22.97
CA LEU D 168 3.66 27.65 22.11
C LEU D 168 2.46 28.29 22.82
N GLY D 169 1.70 27.50 23.57
CA GLY D 169 0.53 28.03 24.26
C GLY D 169 0.84 29.05 25.34
N ASN D 170 2.11 29.18 25.72
CA ASN D 170 2.52 30.13 26.75
C ASN D 170 3.09 31.42 26.17
N GLN D 171 2.98 31.60 24.84
CA GLN D 171 3.32 32.87 24.20
C GLN D 171 2.10 33.46 23.50
N GLY D 172 1.53 32.74 22.52
CA GLY D 172 0.34 33.20 21.83
C GLY D 172 -0.51 32.06 21.33
N MET E 3 -15.83 -13.38 -43.45
CA MET E 3 -14.45 -12.93 -43.80
C MET E 3 -13.43 -13.79 -43.06
N ALA E 4 -12.93 -14.85 -43.69
CA ALA E 4 -11.86 -15.67 -43.09
C ALA E 4 -12.17 -16.09 -41.64
N PRO E 5 -13.27 -16.79 -41.32
CA PRO E 5 -13.50 -17.29 -39.94
C PRO E 5 -12.27 -18.11 -39.54
N LEU E 6 -12.14 -18.47 -38.25
CA LEU E 6 -10.87 -19.18 -37.95
C LEU E 6 -11.27 -20.58 -37.48
N GLN E 7 -10.78 -21.66 -38.12
CA GLN E 7 -11.15 -23.01 -37.72
C GLN E 7 -9.96 -23.77 -37.17
N PRO E 8 -10.20 -24.81 -36.38
CA PRO E 8 -9.10 -25.69 -35.95
C PRO E 8 -8.38 -26.28 -37.15
N GLY E 9 -7.08 -26.52 -36.99
CA GLY E 9 -6.27 -27.05 -38.06
C GLY E 9 -5.75 -26.01 -39.03
N ASP E 10 -6.20 -24.77 -38.94
CA ASP E 10 -5.66 -23.71 -39.77
C ASP E 10 -4.35 -23.20 -39.19
N SER E 11 -3.52 -22.62 -40.05
CA SER E 11 -2.35 -21.88 -39.60
C SER E 11 -2.78 -20.50 -39.10
N PHE E 12 -2.20 -20.07 -37.99
CA PHE E 12 -2.49 -18.75 -37.48
C PHE E 12 -2.05 -17.71 -38.51
N PRO E 13 -2.92 -16.75 -38.94
CA PRO E 13 -2.50 -15.66 -39.83
C PRO E 13 -1.13 -15.01 -39.62
N ALA E 14 -0.45 -14.64 -40.70
CA ALA E 14 0.85 -13.94 -40.60
C ALA E 14 0.56 -12.45 -40.48
N ASN E 15 1.59 -11.61 -40.35
CA ASN E 15 1.46 -10.12 -40.32
C ASN E 15 0.35 -9.66 -39.37
N VAL E 16 0.17 -10.30 -38.21
CA VAL E 16 -0.78 -9.83 -37.15
C VAL E 16 0.12 -9.11 -36.14
N VAL E 17 -0.26 -7.92 -35.69
CA VAL E 17 0.54 -7.14 -34.72
C VAL E 17 -0.40 -6.42 -33.76
N PHE E 18 -0.02 -6.29 -32.49
CA PHE E 18 -0.78 -5.55 -31.49
C PHE E 18 0.11 -4.48 -30.87
N SER E 19 -0.53 -3.43 -30.35
CA SER E 19 0.22 -2.34 -29.68
C SER E 19 0.09 -2.56 -28.16
N TYR E 20 1.20 -2.58 -27.43
CA TYR E 20 1.08 -2.89 -25.99
C TYR E 20 2.18 -2.23 -25.17
N ILE E 21 1.92 -2.00 -23.88
CA ILE E 21 2.97 -1.47 -22.98
C ILE E 21 3.57 -2.68 -22.25
N PRO E 22 4.84 -3.12 -22.47
CA PRO E 22 5.36 -4.28 -21.72
C PRO E 22 5.23 -4.06 -20.23
N PRO E 23 4.97 -5.13 -19.46
CA PRO E 23 4.86 -4.97 -18.01
C PRO E 23 6.21 -4.70 -17.37
N THR E 24 6.25 -3.67 -16.53
CA THR E 24 7.46 -3.28 -15.82
C THR E 24 7.53 -3.81 -14.39
N GLY E 25 6.42 -4.33 -13.86
CA GLY E 25 6.33 -4.70 -12.47
C GLY E 25 5.59 -3.70 -11.61
N SER E 26 5.09 -2.61 -12.20
CA SER E 26 4.42 -1.55 -11.48
C SER E 26 2.89 -1.72 -11.55
N LEU E 27 2.22 -1.30 -10.48
CA LEU E 27 0.77 -1.26 -10.43
C LEU E 27 0.26 0.17 -10.27
N ASP E 28 1.09 1.17 -10.58
CA ASP E 28 0.69 2.56 -10.48
C ASP E 28 -0.06 2.96 -11.75
N LEU E 29 -1.34 3.30 -11.61
CA LEU E 29 -2.18 3.63 -12.75
C LEU E 29 -1.89 5.02 -13.31
N THR E 30 -1.22 5.88 -12.54
CA THR E 30 -0.92 7.24 -12.98
C THR E 30 0.37 7.33 -13.79
N VAL E 31 1.02 6.21 -14.08
CA VAL E 31 2.29 6.21 -14.80
C VAL E 31 2.18 5.18 -15.92
N SER E 32 2.42 5.66 -17.14
CA SER E 32 2.28 4.77 -18.32
C SER E 32 3.61 4.67 -19.06
N GLY E 33 3.99 3.47 -19.45
CA GLY E 33 5.16 3.26 -20.26
C GLY E 33 4.91 3.69 -21.70
N ARG E 34 5.83 3.27 -22.58
CA ARG E 34 5.77 3.68 -24.00
C ARG E 34 5.30 2.50 -24.88
N PRO E 35 4.15 2.56 -25.59
CA PRO E 35 3.66 1.40 -26.37
C PRO E 35 4.61 0.94 -27.48
N ILE E 36 4.78 -0.37 -27.63
CA ILE E 36 5.69 -0.94 -28.66
C ILE E 36 4.91 -2.05 -29.39
N GLU E 37 5.41 -2.50 -30.54
CA GLU E 37 4.68 -3.50 -31.35
C GLU E 37 4.91 -4.93 -30.84
N TYR E 38 3.84 -5.72 -30.73
CA TYR E 38 3.92 -7.13 -30.34
C TYR E 38 3.58 -7.97 -31.57
N ASN E 39 4.58 -8.69 -32.10
CA ASN E 39 4.37 -9.55 -33.29
C ASN E 39 3.73 -10.85 -32.80
N ALA E 40 2.40 -10.92 -32.76
CA ALA E 40 1.69 -12.14 -32.39
C ALA E 40 2.19 -13.32 -33.22
N SER E 41 2.14 -13.20 -34.54
CA SER E 41 2.50 -14.31 -35.47
C SER E 41 3.71 -15.03 -34.92
N GLU E 42 4.79 -14.30 -34.59
CA GLU E 42 6.02 -14.94 -34.16
C GLU E 42 5.85 -15.61 -32.80
N ALA E 43 5.25 -14.90 -31.83
CA ALA E 43 5.12 -15.44 -30.49
C ALA E 43 4.29 -16.73 -30.48
N LEU E 44 3.19 -16.74 -31.23
CA LEU E 44 2.35 -17.94 -31.29
C LEU E 44 3.01 -19.07 -32.07
N ALA E 45 4.05 -18.77 -32.85
CA ALA E 45 4.62 -19.78 -33.74
C ALA E 45 5.17 -20.98 -32.97
N LYS E 46 5.56 -20.78 -31.72
CA LYS E 46 6.08 -21.85 -30.88
C LYS E 46 5.26 -21.92 -29.60
N GLY E 47 5.01 -23.14 -29.13
CA GLY E 47 4.39 -23.36 -27.85
C GLY E 47 2.89 -23.14 -27.88
N THR E 48 2.26 -23.47 -26.75
CA THR E 48 0.82 -23.33 -26.61
C THR E 48 0.48 -21.96 -26.04
N SER E 49 -0.49 -21.32 -26.66
CA SER E 49 -0.87 -19.96 -26.29
C SER E 49 -2.37 -19.90 -26.23
N VAL E 50 -2.91 -18.91 -25.57
CA VAL E 50 -4.34 -18.60 -25.60
C VAL E 50 -4.48 -17.10 -25.78
N LEU E 51 -5.25 -16.71 -26.79
CA LEU E 51 -5.51 -15.30 -27.11
C LEU E 51 -6.99 -15.04 -26.92
N VAL E 52 -7.32 -14.12 -26.02
CA VAL E 52 -8.69 -13.79 -25.67
C VAL E 52 -8.96 -12.34 -26.06
N ALA E 53 -10.13 -12.10 -26.64
CA ALA E 53 -10.56 -10.75 -27.04
C ALA E 53 -11.80 -10.37 -26.25
N VAL E 54 -11.88 -9.10 -25.87
CA VAL E 54 -13.01 -8.61 -25.09
C VAL E 54 -13.55 -7.34 -25.74
N PRO E 55 -14.89 -7.08 -25.76
CA PRO E 55 -15.38 -5.78 -26.26
C PRO E 55 -14.72 -4.57 -25.60
N GLY E 56 -14.86 -4.42 -24.28
CA GLY E 56 -14.33 -3.22 -23.58
C GLY E 56 -13.48 -3.52 -22.37
N ALA E 57 -12.46 -2.72 -22.11
CA ALA E 57 -11.51 -3.00 -21.00
C ALA E 57 -12.13 -2.86 -19.61
N PHE E 58 -12.84 -1.77 -19.32
CA PHE E 58 -13.33 -1.59 -17.92
C PHE E 58 -14.81 -1.94 -17.85
N THR E 59 -15.33 -2.53 -18.91
CA THR E 59 -16.77 -2.88 -18.98
C THR E 59 -17.08 -4.02 -18.01
N PRO E 60 -18.28 -4.06 -17.39
CA PRO E 60 -18.58 -5.05 -16.35
C PRO E 60 -18.56 -6.55 -16.68
N THR E 61 -19.19 -6.97 -17.77
CA THR E 61 -19.18 -8.44 -18.02
C THR E 61 -17.74 -8.84 -18.30
N CSS E 62 -17.02 -8.03 -19.06
CA CSS E 62 -15.61 -8.33 -19.40
CB CSS E 62 -15.10 -7.41 -20.47
SG CSS E 62 -15.76 -7.73 -22.13
SD CSS E 62 -17.16 -6.31 -22.41
C CSS E 62 -14.78 -8.33 -18.12
O CSS E 62 -13.88 -9.18 -18.02
N GLN E 63 -15.06 -7.42 -17.20
CA GLN E 63 -14.22 -7.30 -15.98
C GLN E 63 -14.61 -8.29 -14.89
N GLU E 64 -15.91 -8.51 -14.67
CA GLU E 64 -16.36 -9.32 -13.55
C GLU E 64 -16.48 -10.81 -13.89
N LYS E 65 -16.50 -11.17 -15.17
CA LYS E 65 -16.65 -12.56 -15.58
C LYS E 65 -15.49 -13.06 -16.40
N HIS E 66 -15.13 -12.36 -17.48
CA HIS E 66 -14.23 -12.94 -18.48
C HIS E 66 -12.78 -12.96 -17.99
N VAL E 67 -12.18 -11.79 -17.81
CA VAL E 67 -10.78 -11.75 -17.38
C VAL E 67 -10.64 -12.38 -15.99
N THR E 68 -11.56 -12.07 -15.08
CA THR E 68 -11.52 -12.66 -13.75
C THR E 68 -11.40 -14.17 -13.82
N GLY E 69 -12.10 -14.77 -14.77
CA GLY E 69 -12.03 -16.24 -14.92
C GLY E 69 -10.61 -16.71 -15.15
N PHE E 70 -9.93 -16.12 -16.13
CA PHE E 70 -8.56 -16.58 -16.49
C PHE E 70 -7.60 -16.35 -15.31
N ILE E 71 -7.71 -15.22 -14.63
CA ILE E 71 -6.77 -14.89 -13.52
C ILE E 71 -6.93 -15.94 -12.43
N ALA E 72 -8.17 -16.32 -12.11
CA ALA E 72 -8.43 -17.27 -11.01
C ALA E 72 -7.87 -18.65 -11.33
N LYS E 73 -7.95 -19.09 -12.58
CA LYS E 73 -7.52 -20.47 -12.93
C LYS E 73 -6.18 -20.45 -13.65
N LEU E 74 -5.37 -19.41 -13.46
CA LEU E 74 -4.08 -19.28 -14.19
C LEU E 74 -3.21 -20.49 -13.84
N ASP E 75 -3.27 -20.95 -12.59
CA ASP E 75 -2.48 -22.12 -12.18
C ASP E 75 -2.91 -23.34 -13.00
N GLN E 76 -4.21 -23.50 -13.21
CA GLN E 76 -4.73 -24.65 -14.01
C GLN E 76 -4.23 -24.54 -15.44
N LEU E 77 -4.22 -23.33 -15.99
CA LEU E 77 -3.69 -23.12 -17.37
C LEU E 77 -2.19 -23.48 -17.38
N ARG E 78 -1.45 -23.10 -16.34
CA ARG E 78 0.01 -23.36 -16.27
C ARG E 78 0.26 -24.87 -16.25
N GLN E 79 -0.62 -25.62 -15.59
CA GLN E 79 -0.41 -27.09 -15.45
C GLN E 79 -0.96 -27.75 -16.71
N ALA E 80 -1.73 -27.00 -17.49
CA ALA E 80 -2.20 -27.55 -18.75
C ALA E 80 -1.22 -27.33 -19.90
N GLY E 81 -0.14 -26.60 -19.66
CA GLY E 81 0.90 -26.39 -20.66
C GLY E 81 0.92 -25.02 -21.29
N VAL E 82 -0.05 -24.16 -20.97
CA VAL E 82 -0.12 -22.85 -21.62
C VAL E 82 1.13 -22.06 -21.30
N ASP E 83 1.73 -21.48 -22.34
CA ASP E 83 2.97 -20.70 -22.15
C ASP E 83 2.68 -19.21 -22.29
N ARG E 84 1.49 -18.85 -22.80
CA ARG E 84 1.21 -17.42 -23.06
C ARG E 84 -0.28 -17.12 -22.90
N VAL E 85 -0.62 -16.04 -22.18
CA VAL E 85 -2.05 -15.63 -22.09
C VAL E 85 -2.15 -14.19 -22.59
N LEU E 86 -2.86 -13.95 -23.68
CA LEU E 86 -3.02 -12.62 -24.27
C LEU E 86 -4.48 -12.19 -24.16
N PHE E 87 -4.69 -10.91 -23.85
CA PHE E 87 -6.02 -10.32 -23.79
C PHE E 87 -6.01 -9.04 -24.62
N ILE E 88 -6.85 -8.99 -25.66
CA ILE E 88 -6.86 -7.87 -26.58
C ILE E 88 -8.23 -7.19 -26.57
N ALA E 89 -8.25 -5.98 -27.11
CA ALA E 89 -9.48 -5.20 -27.23
C ALA E 89 -9.17 -3.99 -28.10
N SER E 90 -10.22 -3.23 -28.41
CA SER E 90 -10.14 -2.02 -29.27
C SER E 90 -9.46 -0.90 -28.48
N ASN E 91 -9.52 -0.95 -27.15
CA ASN E 91 -9.01 0.17 -26.31
C ASN E 91 -7.52 0.40 -26.54
N ASP E 92 -7.06 1.65 -26.38
CA ASP E 92 -5.66 1.99 -26.68
C ASP E 92 -4.71 1.27 -25.71
N ALA E 93 -3.44 1.10 -26.10
CA ALA E 93 -2.48 0.37 -25.27
C ALA E 93 -2.38 0.96 -23.87
N PHE E 94 -2.70 2.24 -23.69
CA PHE E 94 -2.52 2.83 -22.35
C PHE E 94 -3.66 2.34 -21.45
N VAL E 95 -4.88 2.29 -21.98
CA VAL E 95 -6.06 1.83 -21.19
C VAL E 95 -5.89 0.34 -20.87
N MET E 96 -5.40 -0.43 -21.83
CA MET E 96 -5.26 -1.89 -21.62
C MET E 96 -4.25 -2.13 -20.48
N SER E 97 -3.18 -1.34 -20.45
CA SER E 97 -2.15 -1.51 -19.39
C SER E 97 -2.80 -1.22 -18.05
N ALA E 98 -3.60 -0.16 -17.97
CA ALA E 98 -4.27 0.21 -16.71
C ALA E 98 -5.22 -0.91 -16.28
N TRP E 99 -5.93 -1.50 -17.25
CA TRP E 99 -6.90 -2.57 -16.93
C TRP E 99 -6.14 -3.76 -16.34
N GLY E 100 -4.98 -4.08 -16.89
CA GLY E 100 -4.16 -5.17 -16.35
C GLY E 100 -3.61 -4.82 -14.99
N LYS E 101 -3.21 -3.56 -14.80
CA LYS E 101 -2.76 -3.16 -13.46
C LYS E 101 -3.89 -3.22 -12.45
N ALA E 102 -5.07 -2.74 -12.84
CA ALA E 102 -6.23 -2.78 -11.95
C ALA E 102 -6.49 -4.20 -11.46
N ASN E 103 -6.21 -5.20 -12.30
CA ASN E 103 -6.39 -6.59 -11.94
C ASN E 103 -5.19 -7.18 -11.21
N GLY E 104 -4.20 -6.36 -10.88
CA GLY E 104 -3.04 -6.84 -10.14
C GLY E 104 -2.04 -7.63 -10.94
N ILE E 105 -2.07 -7.52 -12.27
CA ILE E 105 -1.10 -8.18 -13.12
C ILE E 105 0.07 -7.23 -13.34
N LYS E 106 1.26 -7.61 -12.85
CA LYS E 106 2.46 -6.82 -13.01
C LYS E 106 3.57 -7.55 -13.76
N ASP E 107 3.32 -8.78 -14.20
CA ASP E 107 4.32 -9.56 -14.92
C ASP E 107 3.74 -10.00 -16.27
N GLU E 108 4.36 -11.00 -16.87
CA GLU E 108 3.93 -11.46 -18.22
C GLU E 108 2.90 -12.57 -18.09
N SER E 109 2.34 -12.76 -16.89
CA SER E 109 1.40 -13.91 -16.71
C SER E 109 0.24 -13.72 -17.67
N ILE E 110 -0.32 -12.52 -17.75
CA ILE E 110 -1.37 -12.23 -18.76
C ILE E 110 -0.95 -10.91 -19.40
N LEU E 111 -0.86 -10.87 -20.73
CA LEU E 111 -0.50 -9.61 -21.40
C LEU E 111 -1.77 -8.90 -21.85
N PHE E 112 -1.76 -7.57 -21.82
CA PHE E 112 -2.93 -6.78 -22.19
C PHE E 112 -2.55 -5.86 -23.34
N LEU E 113 -3.04 -6.16 -24.53
CA LEU E 113 -2.62 -5.51 -25.75
C LEU E 113 -3.84 -4.91 -26.46
N SER E 114 -3.56 -4.06 -27.45
CA SER E 114 -4.58 -3.38 -28.22
C SER E 114 -4.59 -3.90 -29.65
N ASP E 115 -5.75 -4.36 -30.11
CA ASP E 115 -5.96 -4.66 -31.53
C ASP E 115 -6.45 -3.37 -32.19
N SER E 116 -5.49 -2.53 -32.54
CA SER E 116 -5.79 -1.18 -33.01
C SER E 116 -6.75 -1.21 -34.19
N ASP E 117 -7.81 -0.39 -34.11
CA ASP E 117 -8.83 -0.33 -35.13
C ASP E 117 -9.40 -1.71 -35.46
N THR E 118 -9.32 -2.63 -34.50
CA THR E 118 -9.85 -3.97 -34.66
C THR E 118 -9.35 -4.62 -35.95
N ALA E 119 -8.11 -4.31 -36.33
CA ALA E 119 -7.58 -4.78 -37.60
C ALA E 119 -7.55 -6.30 -37.65
N PHE E 120 -6.97 -6.94 -36.63
CA PHE E 120 -6.90 -8.40 -36.63
C PHE E 120 -8.28 -9.01 -36.46
N SER E 121 -9.08 -8.49 -35.52
CA SER E 121 -10.40 -9.05 -35.29
C SER E 121 -11.27 -8.95 -36.54
N SER E 122 -11.23 -7.81 -37.23
CA SER E 122 -12.01 -7.65 -38.45
C SER E 122 -11.59 -8.65 -39.51
N SER E 123 -10.29 -8.94 -39.60
CA SER E 123 -9.80 -9.86 -40.62
C SER E 123 -10.23 -11.29 -40.37
N ILE E 124 -10.65 -11.62 -39.15
CA ILE E 124 -11.22 -12.94 -38.85
C ILE E 124 -12.75 -12.89 -38.81
N GLY E 125 -13.35 -11.71 -38.93
CA GLY E 125 -14.79 -11.58 -38.94
C GLY E 125 -15.43 -11.47 -37.58
N TRP E 126 -14.66 -11.14 -36.55
CA TRP E 126 -15.19 -11.07 -35.19
C TRP E 126 -15.00 -9.69 -34.61
N ALA E 127 -15.64 -8.69 -35.24
CA ALA E 127 -15.57 -7.30 -34.77
C ALA E 127 -16.80 -6.57 -35.28
N ASN E 128 -17.12 -5.46 -34.62
CA ASN E 128 -18.22 -4.62 -35.09
C ASN E 128 -18.20 -3.29 -34.35
N ALA E 129 -18.56 -2.23 -35.07
CA ALA E 129 -18.78 -0.90 -34.48
C ALA E 129 -17.57 -0.44 -33.66
N GLY E 130 -16.37 -0.73 -34.16
CA GLY E 130 -15.17 -0.23 -33.51
C GLY E 130 -14.77 -0.95 -32.26
N ARG E 131 -15.27 -2.16 -32.03
CA ARG E 131 -14.89 -2.97 -30.90
C ARG E 131 -14.67 -4.40 -31.38
N THR E 132 -13.85 -5.14 -30.64
CA THR E 132 -13.67 -6.55 -30.92
C THR E 132 -14.83 -7.35 -30.33
N GLY E 133 -15.10 -8.50 -30.91
CA GLY E 133 -16.04 -9.42 -30.32
C GLY E 133 -15.41 -10.18 -29.18
N ARG E 134 -16.25 -10.94 -28.46
CA ARG E 134 -15.77 -11.75 -27.35
C ARG E 134 -15.45 -13.14 -27.88
N TYR E 135 -14.16 -13.42 -28.09
CA TYR E 135 -13.73 -14.71 -28.60
C TYR E 135 -12.43 -15.13 -27.93
N ALA E 136 -12.06 -16.38 -28.16
CA ALA E 136 -10.85 -16.97 -27.60
C ALA E 136 -10.25 -17.92 -28.62
N ILE E 137 -8.95 -17.78 -28.88
CA ILE E 137 -8.22 -18.64 -29.80
C ILE E 137 -7.11 -19.34 -29.04
N VAL E 138 -6.97 -20.65 -29.28
CA VAL E 138 -5.88 -21.45 -28.72
C VAL E 138 -4.99 -21.90 -29.87
N VAL E 139 -3.67 -21.81 -29.66
CA VAL E 139 -2.69 -22.07 -30.70
C VAL E 139 -1.57 -22.91 -30.12
N LYS E 140 -1.00 -23.77 -30.97
CA LYS E 140 0.09 -24.66 -30.56
C LYS E 140 1.08 -24.77 -31.72
N ASP E 141 2.26 -24.18 -31.54
CA ASP E 141 3.33 -24.26 -32.54
C ASP E 141 2.86 -23.74 -33.89
N GLY E 142 2.08 -22.65 -33.88
CA GLY E 142 1.62 -22.00 -35.09
C GLY E 142 0.26 -22.45 -35.58
N LYS E 143 -0.13 -23.69 -35.28
CA LYS E 143 -1.41 -24.23 -35.74
C LYS E 143 -2.50 -23.96 -34.71
N VAL E 144 -3.68 -23.61 -35.21
CA VAL E 144 -4.81 -23.32 -34.33
C VAL E 144 -5.43 -24.63 -33.86
N VAL E 145 -5.86 -24.65 -32.60
CA VAL E 145 -6.55 -25.79 -32.02
C VAL E 145 -7.98 -25.45 -31.60
N TYR E 146 -8.33 -24.18 -31.50
CA TYR E 146 -9.67 -23.78 -31.06
C TYR E 146 -9.86 -22.30 -31.40
N ALA E 147 -11.06 -21.96 -31.87
CA ALA E 147 -11.40 -20.57 -32.14
C ALA E 147 -12.92 -20.45 -32.11
N ALA E 148 -13.45 -19.83 -31.06
CA ALA E 148 -14.89 -19.67 -30.90
C ALA E 148 -15.20 -18.27 -30.41
N VAL E 149 -16.38 -17.78 -30.76
CA VAL E 149 -16.87 -16.47 -30.35
C VAL E 149 -18.17 -16.65 -29.58
N ASP E 150 -18.40 -15.76 -28.63
CA ASP E 150 -19.64 -15.74 -27.86
C ASP E 150 -20.55 -14.69 -28.48
N THR E 151 -21.62 -15.16 -29.13
CA THR E 151 -22.55 -14.28 -29.82
C THR E 151 -23.64 -13.74 -28.91
N VAL E 152 -24.06 -14.51 -27.91
CA VAL E 152 -25.14 -14.11 -27.03
C VAL E 152 -24.61 -13.10 -26.02
N ARG E 153 -25.30 -11.96 -25.91
CA ARG E 153 -24.83 -10.86 -25.08
C ARG E 153 -24.53 -11.34 -23.65
N GLY E 154 -23.32 -11.04 -23.19
CA GLY E 154 -22.89 -11.38 -21.85
C GLY E 154 -22.38 -12.79 -21.67
N SER E 155 -22.53 -13.65 -22.67
CA SER E 155 -22.11 -15.04 -22.52
C SER E 155 -20.59 -15.16 -22.55
N THR E 156 -20.07 -16.05 -21.70
CA THR E 156 -18.67 -16.43 -21.72
C THR E 156 -18.55 -17.95 -21.88
N GLU E 157 -19.55 -18.56 -22.52
CA GLU E 157 -19.61 -20.01 -22.62
C GLU E 157 -18.51 -20.55 -23.53
N LYS E 158 -18.27 -19.89 -24.67
CA LYS E 158 -17.32 -20.39 -25.65
C LYS E 158 -15.93 -19.78 -25.49
N SER E 159 -15.83 -18.53 -25.02
CA SER E 159 -14.56 -17.84 -24.91
C SER E 159 -14.04 -17.78 -23.48
N GLY E 160 -14.72 -18.41 -22.52
CA GLY E 160 -14.31 -18.35 -21.14
C GLY E 160 -13.19 -19.30 -20.80
N VAL E 161 -12.65 -19.13 -19.59
CA VAL E 161 -11.52 -19.95 -19.15
C VAL E 161 -11.91 -21.43 -19.14
N ASP E 162 -13.11 -21.74 -18.66
CA ASP E 162 -13.51 -23.14 -18.55
C ASP E 162 -13.56 -23.80 -19.93
N ALA E 163 -14.03 -23.08 -20.94
CA ALA E 163 -13.98 -23.58 -22.31
C ALA E 163 -12.55 -23.96 -22.67
N VAL E 164 -11.62 -22.99 -22.57
CA VAL E 164 -10.23 -23.23 -22.95
C VAL E 164 -9.67 -24.44 -22.21
N LEU E 165 -9.94 -24.53 -20.91
CA LEU E 165 -9.40 -25.64 -20.12
C LEU E 165 -9.89 -26.98 -20.65
N THR E 166 -11.18 -27.08 -20.97
CA THR E 166 -11.72 -28.34 -21.49
C THR E 166 -11.05 -28.73 -22.78
N VAL E 167 -10.85 -27.76 -23.68
CA VAL E 167 -10.23 -28.06 -24.98
C VAL E 167 -8.80 -28.53 -24.77
N LEU E 168 -8.10 -27.97 -23.78
CA LEU E 168 -6.81 -28.50 -23.38
C LEU E 168 -7.01 -29.83 -22.68
N GLY E 169 -6.19 -30.81 -23.03
CA GLY E 169 -6.31 -32.13 -22.46
C GLY E 169 -7.24 -33.08 -23.19
N ASN E 170 -7.81 -32.65 -24.32
CA ASN E 170 -8.64 -33.53 -25.16
C ASN E 170 -7.77 -34.01 -26.30
N GLN E 171 -6.92 -34.99 -26.01
CA GLN E 171 -6.08 -35.62 -27.01
C GLN E 171 -6.90 -36.63 -27.83
N ALA F 4 -18.09 27.41 -37.54
CA ALA F 4 -18.35 26.33 -36.59
C ALA F 4 -17.77 26.63 -35.21
N PRO F 5 -16.51 27.12 -35.04
CA PRO F 5 -15.93 27.33 -33.71
C PRO F 5 -16.76 28.17 -32.73
N LEU F 6 -16.78 27.76 -31.45
CA LEU F 6 -17.51 28.52 -30.41
C LEU F 6 -16.77 29.84 -30.16
N GLN F 7 -17.53 30.91 -29.89
CA GLN F 7 -16.91 32.25 -29.69
C GLN F 7 -17.36 32.76 -28.31
N PRO F 8 -16.48 33.41 -27.52
CA PRO F 8 -16.87 33.84 -26.18
C PRO F 8 -18.11 34.73 -26.24
N GLY F 9 -19.05 34.53 -25.31
CA GLY F 9 -20.29 35.31 -25.30
C GLY F 9 -21.41 34.59 -26.05
N ASP F 10 -21.09 33.50 -26.75
CA ASP F 10 -22.15 32.70 -27.41
C ASP F 10 -22.90 31.91 -26.33
N SER F 11 -24.17 31.56 -26.58
CA SER F 11 -24.91 30.71 -25.61
C SER F 11 -24.37 29.27 -25.69
N PHE F 12 -24.26 28.59 -24.55
CA PHE F 12 -23.81 27.18 -24.56
C PHE F 12 -24.86 26.34 -25.30
N PRO F 13 -24.49 25.33 -26.11
CA PRO F 13 -25.46 24.56 -26.88
C PRO F 13 -26.55 24.02 -25.95
N ALA F 14 -27.76 23.79 -26.47
CA ALA F 14 -28.86 23.43 -25.58
C ALA F 14 -29.10 21.94 -25.45
N ASN F 15 -28.46 21.12 -26.28
CA ASN F 15 -28.76 19.69 -26.35
C ASN F 15 -27.50 18.85 -26.16
N VAL F 16 -26.73 19.16 -25.12
CA VAL F 16 -25.46 18.48 -24.86
C VAL F 16 -25.66 17.48 -23.73
N VAL F 17 -25.28 16.23 -23.98
CA VAL F 17 -25.45 15.14 -23.01
C VAL F 17 -24.20 14.28 -23.02
N PHE F 18 -23.75 13.89 -21.83
CA PHE F 18 -22.62 13.01 -21.67
C PHE F 18 -23.04 11.75 -20.92
N SER F 19 -22.27 10.69 -21.12
CA SER F 19 -22.48 9.41 -20.44
C SER F 19 -21.41 9.26 -19.37
N TYR F 20 -21.84 9.04 -18.12
CA TYR F 20 -20.89 8.99 -17.01
C TYR F 20 -21.45 8.09 -15.91
N ILE F 21 -20.55 7.71 -15.01
CA ILE F 21 -20.89 6.92 -13.83
C ILE F 21 -20.73 7.81 -12.61
N PRO F 22 -21.82 8.15 -11.92
CA PRO F 22 -21.69 9.08 -10.77
C PRO F 22 -20.72 8.53 -9.74
N PRO F 23 -19.92 9.39 -9.12
CA PRO F 23 -19.00 8.91 -8.07
C PRO F 23 -19.76 8.41 -6.86
N THR F 24 -19.45 7.19 -6.44
CA THR F 24 -20.07 6.58 -5.27
C THR F 24 -19.22 6.71 -4.00
N GLY F 25 -17.98 7.16 -4.12
CA GLY F 25 -17.05 7.19 -3.01
C GLY F 25 -16.00 6.09 -3.03
N SER F 26 -16.11 5.16 -3.97
CA SER F 26 -15.20 4.02 -4.05
C SER F 26 -14.05 4.30 -5.00
N LEU F 27 -12.89 3.75 -4.66
CA LEU F 27 -11.71 3.78 -5.54
C LEU F 27 -11.39 2.41 -6.11
N ASP F 28 -12.29 1.44 -5.97
CA ASP F 28 -12.07 0.11 -6.52
C ASP F 28 -12.30 0.15 -8.03
N LEU F 29 -11.24 -0.12 -8.79
CA LEU F 29 -11.32 -0.09 -10.24
C LEU F 29 -11.86 -1.39 -10.82
N THR F 30 -11.94 -2.46 -10.03
CA THR F 30 -12.46 -3.73 -10.48
C THR F 30 -13.98 -3.81 -10.36
N VAL F 31 -14.63 -2.74 -9.91
CA VAL F 31 -16.08 -2.72 -9.73
C VAL F 31 -16.64 -1.50 -10.45
N SER F 32 -17.25 -1.73 -11.62
CA SER F 32 -17.95 -0.65 -12.33
C SER F 32 -19.37 -0.32 -11.93
N GLY F 33 -19.70 0.96 -11.90
CA GLY F 33 -21.04 1.40 -11.56
C GLY F 33 -21.86 1.18 -12.80
N ARG F 34 -22.92 1.98 -12.95
CA ARG F 34 -23.82 1.90 -14.08
C ARG F 34 -23.88 3.27 -14.75
N PRO F 35 -23.48 3.39 -16.02
CA PRO F 35 -23.54 4.71 -16.68
C PRO F 35 -24.96 5.20 -16.86
N ILE F 36 -25.14 6.50 -16.64
CA ILE F 36 -26.41 7.19 -16.90
C ILE F 36 -26.12 8.38 -17.79
N GLU F 37 -27.13 9.22 -18.02
CA GLU F 37 -26.96 10.43 -18.83
C GLU F 37 -26.73 11.63 -17.94
N TYR F 38 -25.88 12.54 -18.41
CA TYR F 38 -25.62 13.82 -17.75
C TYR F 38 -26.06 14.92 -18.70
N ASN F 39 -27.03 15.72 -18.28
CA ASN F 39 -27.54 16.81 -19.11
C ASN F 39 -26.70 18.05 -18.82
N ALA F 40 -25.62 18.20 -19.58
CA ALA F 40 -24.67 19.28 -19.33
C ALA F 40 -25.29 20.66 -19.56
N SER F 41 -26.22 20.76 -20.52
CA SER F 41 -26.84 22.06 -20.80
C SER F 41 -27.57 22.60 -19.57
N GLU F 42 -28.33 21.74 -18.88
CA GLU F 42 -29.05 22.19 -17.70
C GLU F 42 -28.10 22.48 -16.55
N ALA F 43 -27.13 21.60 -16.32
CA ALA F 43 -26.23 21.76 -15.19
C ALA F 43 -25.47 23.09 -15.28
N LEU F 44 -24.93 23.39 -16.46
CA LEU F 44 -24.17 24.62 -16.65
C LEU F 44 -25.07 25.85 -16.73
N ALA F 45 -26.38 25.68 -16.92
CA ALA F 45 -27.28 26.82 -17.05
C ALA F 45 -27.22 27.74 -15.85
N LYS F 46 -26.81 27.24 -14.68
CA LYS F 46 -26.70 28.03 -13.47
C LYS F 46 -25.30 27.86 -12.88
N GLY F 47 -24.75 28.95 -12.37
CA GLY F 47 -23.47 28.91 -11.70
C GLY F 47 -22.29 28.84 -12.66
N THR F 48 -21.10 29.01 -12.08
CA THR F 48 -19.85 28.92 -12.85
C THR F 48 -19.37 27.49 -12.90
N SER F 49 -18.71 27.15 -14.01
CA SER F 49 -18.38 25.77 -14.28
C SER F 49 -17.29 25.72 -15.34
N VAL F 50 -16.52 24.63 -15.32
CA VAL F 50 -15.36 24.48 -16.17
C VAL F 50 -15.40 23.09 -16.81
N LEU F 51 -15.48 23.06 -18.13
CA LEU F 51 -15.52 21.83 -18.91
C LEU F 51 -14.21 21.68 -19.65
N VAL F 52 -13.50 20.58 -19.40
CA VAL F 52 -12.22 20.30 -20.03
C VAL F 52 -12.34 19.00 -20.82
N ALA F 53 -11.76 18.99 -22.02
CA ALA F 53 -11.71 17.81 -22.86
C ALA F 53 -10.25 17.38 -23.03
N VAL F 54 -10.05 16.08 -23.20
CA VAL F 54 -8.70 15.53 -23.36
C VAL F 54 -8.73 14.46 -24.45
N PRO F 55 -7.72 14.37 -25.29
CA PRO F 55 -7.72 13.34 -26.34
C PRO F 55 -7.97 11.93 -25.84
N GLY F 56 -7.36 11.54 -24.72
CA GLY F 56 -7.44 10.16 -24.28
C GLY F 56 -7.19 9.95 -22.81
N ALA F 57 -8.00 9.09 -22.19
CA ALA F 57 -7.83 8.81 -20.75
C ALA F 57 -6.71 7.81 -20.56
N PHE F 58 -6.03 7.86 -19.40
CA PHE F 58 -4.91 6.94 -19.06
C PHE F 58 -3.70 7.22 -19.95
N THR F 59 -3.75 8.29 -20.74
CA THR F 59 -2.66 8.55 -21.69
C THR F 59 -1.71 9.60 -21.09
N PRO F 60 -0.38 9.63 -21.36
CA PRO F 60 0.55 10.50 -20.64
C PRO F 60 0.37 12.02 -20.56
N THR F 61 0.26 12.71 -21.69
CA THR F 61 0.25 14.20 -21.61
C THR F 61 -1.08 14.59 -21.00
N CSS F 62 -2.07 13.76 -21.22
CA CSS F 62 -3.42 13.96 -20.75
CB CSS F 62 -4.44 13.12 -21.49
SG CSS F 62 -4.63 13.55 -23.19
SD CSS F 62 -3.72 12.18 -24.51
C CSS F 62 -3.48 13.65 -19.25
O CSS F 62 -4.22 14.25 -18.46
N GLN F 63 -2.66 12.69 -18.84
CA GLN F 63 -2.58 12.28 -17.43
C GLN F 63 -1.57 13.12 -16.64
N GLU F 64 -0.31 13.06 -17.06
CA GLU F 64 0.77 13.62 -16.24
C GLU F 64 0.65 15.14 -16.10
N LYS F 65 0.07 15.81 -17.10
CA LYS F 65 0.06 17.27 -17.14
C LYS F 65 -1.34 17.84 -16.92
N HIS F 66 -2.30 17.48 -17.76
CA HIS F 66 -3.57 18.20 -17.80
C HIS F 66 -4.43 17.98 -16.56
N VAL F 67 -4.88 16.74 -16.36
CA VAL F 67 -5.79 16.48 -15.23
C VAL F 67 -5.07 16.70 -13.91
N THR F 68 -3.78 16.35 -13.84
CA THR F 68 -3.02 16.57 -12.61
C THR F 68 -2.95 18.05 -12.26
N GLY F 69 -2.77 18.91 -13.27
CA GLY F 69 -2.75 20.34 -13.00
C GLY F 69 -4.04 20.84 -12.39
N PHE F 70 -5.18 20.40 -12.93
CA PHE F 70 -6.46 20.80 -12.35
C PHE F 70 -6.62 20.25 -10.94
N ILE F 71 -6.10 19.05 -10.69
CA ILE F 71 -6.06 18.52 -9.33
C ILE F 71 -5.04 19.30 -8.51
N ALA F 72 -5.24 19.31 -7.19
CA ALA F 72 -4.35 20.00 -6.25
C ALA F 72 -4.59 21.50 -6.28
N LYS F 73 -4.57 22.10 -7.47
CA LYS F 73 -5.01 23.48 -7.64
C LYS F 73 -6.52 23.61 -7.49
N LEU F 74 -7.21 22.52 -7.15
CA LEU F 74 -8.67 22.53 -7.05
C LEU F 74 -9.14 23.47 -5.95
N ASP F 75 -8.50 23.41 -4.77
CA ASP F 75 -8.88 24.29 -3.67
C ASP F 75 -8.80 25.75 -4.08
N GLN F 76 -7.97 26.05 -5.08
CA GLN F 76 -7.93 27.46 -5.58
C GLN F 76 -9.03 27.64 -6.63
N LEU F 77 -9.34 26.60 -7.40
CA LEU F 77 -10.47 26.70 -8.35
C LEU F 77 -11.76 26.82 -7.54
N ARG F 78 -11.82 26.13 -6.40
CA ARG F 78 -13.01 26.21 -5.52
C ARG F 78 -13.14 27.65 -5.04
N GLN F 79 -12.00 28.27 -4.70
CA GLN F 79 -12.03 29.70 -4.32
C GLN F 79 -12.48 30.46 -5.57
N ALA F 80 -13.21 31.56 -5.41
CA ALA F 80 -13.78 32.33 -6.54
C ALA F 80 -15.10 31.70 -6.98
N GLY F 81 -15.60 30.71 -6.23
CA GLY F 81 -16.96 30.17 -6.49
C GLY F 81 -17.13 29.20 -7.65
N VAL F 82 -16.08 28.58 -8.18
CA VAL F 82 -16.35 27.57 -9.25
C VAL F 82 -17.20 26.47 -8.61
N ASP F 83 -18.29 26.04 -9.27
CA ASP F 83 -19.22 25.08 -8.63
C ASP F 83 -18.98 23.64 -9.11
N ARG F 84 -18.54 23.45 -10.35
CA ARG F 84 -18.38 22.10 -10.89
C ARG F 84 -17.25 22.08 -11.90
N VAL F 85 -16.48 20.99 -11.89
CA VAL F 85 -15.43 20.74 -12.86
C VAL F 85 -15.77 19.44 -13.57
N LEU F 86 -15.73 19.46 -14.91
CA LEU F 86 -16.03 18.29 -15.73
C LEU F 86 -14.83 17.97 -16.61
N PHE F 87 -14.58 16.68 -16.81
CA PHE F 87 -13.54 16.20 -17.71
C PHE F 87 -14.18 15.18 -18.65
N ILE F 88 -14.06 15.41 -19.96
CA ILE F 88 -14.70 14.56 -20.96
C ILE F 88 -13.67 14.05 -21.94
N ALA F 89 -14.01 12.95 -22.60
CA ALA F 89 -13.16 12.33 -23.62
C ALA F 89 -14.01 11.33 -24.39
N SER F 90 -13.46 10.86 -25.51
CA SER F 90 -14.15 9.86 -26.32
C SER F 90 -14.19 8.50 -25.63
N ASN F 91 -13.38 8.30 -24.60
CA ASN F 91 -13.44 7.06 -23.84
C ASN F 91 -14.83 6.87 -23.24
N ASP F 92 -15.30 5.62 -23.23
CA ASP F 92 -16.62 5.33 -22.70
C ASP F 92 -16.67 5.64 -21.20
N ALA F 93 -17.88 5.62 -20.65
CA ALA F 93 -18.07 6.04 -19.27
C ALA F 93 -17.34 5.15 -18.29
N PHE F 94 -17.18 3.86 -18.62
CA PHE F 94 -16.47 2.95 -17.72
C PHE F 94 -15.01 3.36 -17.59
N VAL F 95 -14.32 3.55 -18.73
CA VAL F 95 -12.92 3.95 -18.69
C VAL F 95 -12.77 5.30 -18.01
N MET F 96 -13.68 6.24 -18.30
CA MET F 96 -13.60 7.56 -17.68
C MET F 96 -13.71 7.46 -16.16
N SER F 97 -14.64 6.63 -15.68
CA SER F 97 -14.79 6.46 -14.23
C SER F 97 -13.51 5.88 -13.62
N ALA F 98 -12.97 4.83 -14.26
CA ALA F 98 -11.72 4.26 -13.77
C ALA F 98 -10.60 5.30 -13.75
N TRP F 99 -10.55 6.15 -14.78
CA TRP F 99 -9.52 7.19 -14.82
C TRP F 99 -9.65 8.11 -13.62
N GLY F 100 -10.87 8.56 -13.32
CA GLY F 100 -11.06 9.40 -12.15
C GLY F 100 -10.63 8.70 -10.88
N LYS F 101 -11.00 7.42 -10.73
CA LYS F 101 -10.57 6.66 -9.56
C LYS F 101 -9.05 6.59 -9.49
N ALA F 102 -8.40 6.26 -10.62
CA ALA F 102 -6.95 6.19 -10.65
C ALA F 102 -6.32 7.46 -10.09
N ASN F 103 -6.95 8.61 -10.28
CA ASN F 103 -6.46 9.88 -9.77
C ASN F 103 -6.98 10.17 -8.37
N GLY F 104 -7.61 9.20 -7.71
CA GLY F 104 -8.05 9.37 -6.33
C GLY F 104 -9.30 10.16 -6.12
N ILE F 105 -10.09 10.39 -7.17
CA ILE F 105 -11.29 11.23 -7.07
C ILE F 105 -12.48 10.32 -6.74
N LYS F 106 -13.07 10.52 -5.57
CA LYS F 106 -14.19 9.71 -5.10
C LYS F 106 -15.45 10.53 -4.87
N ASP F 107 -15.46 11.80 -5.22
CA ASP F 107 -16.61 12.66 -4.99
C ASP F 107 -16.93 13.41 -6.28
N GLU F 108 -17.70 14.49 -6.15
CA GLU F 108 -18.13 15.27 -7.30
C GLU F 108 -17.23 16.46 -7.58
N SER F 109 -16.07 16.55 -6.91
CA SER F 109 -15.17 17.67 -7.13
C SER F 109 -14.77 17.77 -8.60
N ILE F 110 -14.45 16.64 -9.23
CA ILE F 110 -14.24 16.56 -10.66
C ILE F 110 -15.01 15.35 -11.18
N LEU F 111 -15.88 15.58 -12.16
CA LEU F 111 -16.65 14.52 -12.79
C LEU F 111 -15.96 14.08 -14.08
N PHE F 112 -15.99 12.77 -14.34
CA PHE F 112 -15.33 12.17 -15.50
C PHE F 112 -16.42 11.52 -16.36
N LEU F 113 -16.68 12.14 -17.52
CA LEU F 113 -17.79 11.76 -18.37
C LEU F 113 -17.28 11.45 -19.78
N SER F 114 -18.13 10.82 -20.57
CA SER F 114 -17.81 10.42 -21.93
C SER F 114 -18.65 11.22 -22.92
N ASP F 115 -17.98 11.86 -23.88
CA ASP F 115 -18.65 12.46 -25.04
C ASP F 115 -18.71 11.36 -26.10
N SER F 116 -19.84 10.67 -26.15
CA SER F 116 -19.94 9.46 -26.95
C SER F 116 -19.85 9.77 -28.43
N ASP F 117 -18.96 9.06 -29.13
CA ASP F 117 -18.73 9.25 -30.56
C ASP F 117 -18.39 10.71 -30.87
N THR F 118 -17.81 11.40 -29.89
CA THR F 118 -17.39 12.80 -30.06
C THR F 118 -18.51 13.65 -30.63
N ALA F 119 -19.74 13.41 -30.15
CA ALA F 119 -20.89 14.12 -30.69
C ALA F 119 -20.81 15.61 -30.35
N PHE F 120 -20.62 15.95 -29.08
CA PHE F 120 -20.52 17.35 -28.69
C PHE F 120 -19.30 18.00 -29.34
N SER F 121 -18.13 17.40 -29.15
CA SER F 121 -16.90 18.02 -29.62
C SER F 121 -16.92 18.22 -31.13
N SER F 122 -17.50 17.28 -31.88
CA SER F 122 -17.57 17.42 -33.33
C SER F 122 -18.46 18.59 -33.72
N SER F 123 -19.54 18.81 -32.98
CA SER F 123 -20.44 19.92 -33.29
C SER F 123 -19.78 21.28 -33.09
N ILE F 124 -18.74 21.35 -32.26
CA ILE F 124 -17.98 22.58 -32.06
C ILE F 124 -16.75 22.63 -32.94
N GLY F 125 -16.43 21.56 -33.66
CA GLY F 125 -15.30 21.53 -34.55
C GLY F 125 -13.98 21.18 -33.90
N TRP F 126 -14.00 20.69 -32.67
CA TRP F 126 -12.77 20.40 -31.94
C TRP F 126 -12.65 18.90 -31.68
N ALA F 127 -12.68 18.10 -32.75
CA ALA F 127 -12.63 16.65 -32.63
C ALA F 127 -12.13 16.06 -33.95
N ASN F 128 -11.35 14.98 -33.84
CA ASN F 128 -10.82 14.31 -35.02
C ASN F 128 -10.62 12.83 -34.74
N ALA F 129 -10.90 12.00 -35.74
CA ALA F 129 -10.52 10.58 -35.75
C ALA F 129 -10.97 9.85 -34.49
N GLY F 130 -12.21 10.12 -34.06
CA GLY F 130 -12.79 9.40 -32.95
C GLY F 130 -12.28 9.80 -31.59
N ARG F 131 -11.54 10.91 -31.49
CA ARG F 131 -11.08 11.44 -30.22
C ARG F 131 -11.38 12.93 -30.16
N THR F 132 -11.66 13.42 -28.97
CA THR F 132 -11.85 14.84 -28.79
C THR F 132 -10.51 15.57 -28.80
N GLY F 133 -10.57 16.85 -29.14
CA GLY F 133 -9.40 17.69 -29.01
C GLY F 133 -9.22 18.16 -27.58
N ARG F 134 -8.05 18.76 -27.33
CA ARG F 134 -7.70 19.21 -25.98
C ARG F 134 -8.15 20.65 -25.82
N TYR F 135 -9.28 20.86 -25.16
CA TYR F 135 -9.83 22.20 -25.00
C TYR F 135 -10.45 22.37 -23.62
N ALA F 136 -10.84 23.62 -23.33
CA ALA F 136 -11.43 23.98 -22.05
C ALA F 136 -12.46 25.08 -22.28
N ILE F 137 -13.65 24.90 -21.73
CA ILE F 137 -14.71 25.90 -21.77
C ILE F 137 -15.08 26.28 -20.35
N VAL F 138 -15.16 27.57 -20.08
CA VAL F 138 -15.72 28.11 -18.85
C VAL F 138 -17.03 28.80 -19.19
N VAL F 139 -18.05 28.61 -18.36
CA VAL F 139 -19.35 29.23 -18.57
C VAL F 139 -19.85 29.80 -17.26
N LYS F 140 -20.92 30.59 -17.35
CA LYS F 140 -21.49 31.27 -16.19
C LYS F 140 -22.95 31.59 -16.54
N ASP F 141 -23.88 30.97 -15.81
CA ASP F 141 -25.31 31.08 -16.11
C ASP F 141 -25.58 30.89 -17.59
N GLY F 142 -25.11 29.77 -18.16
CA GLY F 142 -25.50 29.43 -19.54
C GLY F 142 -24.70 30.15 -20.61
N LYS F 143 -23.86 31.11 -20.23
CA LYS F 143 -23.15 31.90 -21.27
C LYS F 143 -21.65 31.58 -21.24
N VAL F 144 -21.07 31.26 -22.39
CA VAL F 144 -19.61 30.93 -22.46
C VAL F 144 -18.79 32.18 -22.17
N VAL F 145 -17.69 32.02 -21.44
CA VAL F 145 -16.82 33.19 -21.07
C VAL F 145 -15.43 32.92 -21.63
N TYR F 146 -15.14 31.66 -21.99
CA TYR F 146 -13.84 31.30 -22.53
C TYR F 146 -13.97 29.94 -23.19
N ALA F 147 -13.32 29.77 -24.35
CA ALA F 147 -13.43 28.51 -25.08
C ALA F 147 -12.23 28.44 -26.02
N ALA F 148 -11.20 27.68 -25.63
CA ALA F 148 -9.94 27.64 -26.36
C ALA F 148 -9.48 26.20 -26.54
N VAL F 149 -8.85 25.95 -27.68
CA VAL F 149 -8.25 24.66 -28.01
C VAL F 149 -6.77 24.87 -28.28
N ASP F 150 -5.97 23.83 -28.05
CA ASP F 150 -4.52 23.92 -28.16
C ASP F 150 -4.04 23.68 -29.60
N THR F 151 -4.37 22.51 -30.16
CA THR F 151 -4.09 22.17 -31.55
C THR F 151 -2.63 22.39 -31.95
N VAL F 152 -1.72 22.27 -30.97
CA VAL F 152 -0.31 21.95 -31.23
C VAL F 152 0.08 20.86 -30.23
N ARG F 153 0.61 19.75 -30.76
CA ARG F 153 0.65 18.50 -30.00
C ARG F 153 1.33 18.69 -28.65
N GLY F 154 0.63 18.25 -27.60
CA GLY F 154 1.24 18.27 -26.26
C GLY F 154 0.96 19.55 -25.51
N SER F 155 0.21 20.46 -26.10
CA SER F 155 0.02 21.78 -25.44
C SER F 155 -0.92 21.70 -24.23
N THR F 156 -0.84 22.67 -23.32
CA THR F 156 -1.75 22.75 -22.17
C THR F 156 -1.81 24.25 -21.91
N GLU F 157 -1.33 25.03 -22.88
CA GLU F 157 -1.22 26.47 -22.67
C GLU F 157 -2.60 27.12 -22.59
N LYS F 158 -3.51 26.76 -23.50
CA LYS F 158 -4.81 27.40 -23.58
C LYS F 158 -5.85 26.68 -22.73
N SER F 159 -5.76 25.36 -22.63
CA SER F 159 -6.76 24.55 -21.94
C SER F 159 -6.32 24.09 -20.55
N GLY F 160 -5.18 24.59 -20.06
CA GLY F 160 -4.67 24.16 -18.77
C GLY F 160 -5.25 24.91 -17.59
N VAL F 161 -4.99 24.39 -16.40
CA VAL F 161 -5.57 24.96 -15.18
C VAL F 161 -5.16 26.41 -15.02
N ASP F 162 -3.95 26.76 -15.43
CA ASP F 162 -3.50 28.15 -15.15
C ASP F 162 -4.30 29.13 -16.02
N ALA F 163 -4.49 28.80 -17.30
CA ALA F 163 -5.32 29.67 -18.16
C ALA F 163 -6.67 29.91 -17.49
N VAL F 164 -7.34 28.83 -17.10
CA VAL F 164 -8.69 28.95 -16.47
C VAL F 164 -8.61 29.90 -15.29
N LEU F 165 -7.63 29.72 -14.41
CA LEU F 165 -7.56 30.55 -13.19
C LEU F 165 -7.45 32.04 -13.59
N THR F 166 -6.69 32.33 -14.64
CA THR F 166 -6.50 33.76 -15.01
C THR F 166 -7.85 34.33 -15.45
N VAL F 167 -8.59 33.60 -16.29
CA VAL F 167 -9.87 34.14 -16.82
C VAL F 167 -10.86 34.35 -15.67
N LEU F 168 -10.74 33.57 -14.61
CA LEU F 168 -11.62 33.75 -13.43
C LEU F 168 -11.40 35.16 -12.87
N GLY F 169 -10.14 35.55 -12.66
CA GLY F 169 -9.84 36.90 -12.17
C GLY F 169 -10.26 37.98 -13.16
N ASN F 170 -9.99 37.78 -14.45
CA ASN F 170 -10.30 38.81 -15.48
C ASN F 170 -11.81 39.01 -15.58
N GLN F 171 -12.60 38.02 -15.19
CA GLN F 171 -14.06 38.07 -15.27
C GLN F 171 -14.51 38.65 -16.60
N GLU G 9 49.77 -9.04 35.74
CA GLU G 9 48.62 -8.87 36.61
C GLU G 9 47.36 -9.44 35.98
N GLU G 10 46.33 -9.65 36.80
CA GLU G 10 45.00 -10.04 36.35
C GLU G 10 44.01 -8.99 36.79
N ILE G 11 42.81 -9.04 36.20
CA ILE G 11 41.78 -8.02 36.41
C ILE G 11 40.53 -8.68 36.95
N PRO G 12 39.85 -8.10 37.97
CA PRO G 12 38.73 -8.79 38.59
C PRO G 12 37.40 -8.28 38.08
N ILE G 13 36.47 -9.19 37.77
CA ILE G 13 35.15 -8.82 37.25
C ILE G 13 34.10 -9.75 37.84
N THR G 14 32.85 -9.41 37.57
CA THR G 14 31.70 -10.22 37.91
C THR G 14 30.85 -10.40 36.66
N VAL G 15 30.51 -11.64 36.34
CA VAL G 15 29.63 -11.96 35.21
C VAL G 15 28.35 -12.56 35.77
N ASP G 16 27.22 -12.15 35.19
CA ASP G 16 25.90 -12.61 35.62
C ASP G 16 25.19 -13.26 34.45
N PHE G 17 24.41 -14.31 34.74
CA PHE G 17 23.70 -15.08 33.73
C PHE G 17 22.24 -15.23 34.15
N SER G 18 21.33 -14.82 33.27
CA SER G 18 19.91 -14.82 33.59
C SER G 18 19.13 -15.22 32.34
N GLY G 19 17.81 -15.24 32.46
CA GLY G 19 16.96 -15.62 31.37
C GLY G 19 17.09 -17.06 30.94
N GLY G 20 17.56 -17.93 31.84
CA GLY G 20 17.80 -19.32 31.54
C GLY G 20 19.25 -19.66 31.30
N LEU G 21 20.08 -18.68 31.01
CA LEU G 21 21.50 -18.94 30.79
C LEU G 21 22.17 -19.50 32.03
N GLU G 22 21.70 -19.12 33.23
CA GLU G 22 22.29 -19.63 34.46
C GLU G 22 22.31 -21.15 34.50
N MET G 23 21.29 -21.79 33.92
CA MET G 23 21.21 -23.25 33.95
C MET G 23 22.41 -23.90 33.28
N LEU G 24 23.13 -23.17 32.44
CA LEU G 24 24.35 -23.68 31.84
C LEU G 24 25.54 -23.61 32.79
N PHE G 25 25.37 -23.04 33.99
CA PHE G 25 26.47 -22.82 34.93
C PHE G 25 26.05 -23.24 36.34
N ASP G 26 25.67 -24.52 36.48
CA ASP G 26 25.24 -25.05 37.77
C ASP G 26 24.07 -24.25 38.33
N ASN G 27 23.24 -23.69 37.45
CA ASN G 27 22.13 -22.83 37.85
C ASN G 27 22.61 -21.73 38.80
N GLN G 28 23.78 -21.17 38.48
CA GLN G 28 24.39 -20.10 39.26
C GLN G 28 24.42 -18.84 38.41
N ARG G 29 23.81 -17.77 38.91
CA ARG G 29 23.81 -16.51 38.19
C ARG G 29 25.18 -15.84 38.24
N ARG G 30 25.60 -15.43 39.44
CA ARG G 30 26.79 -14.59 39.60
C ARG G 30 28.05 -15.43 39.69
N HIS G 31 29.10 -14.96 39.02
CA HIS G 31 30.42 -15.57 39.11
C HIS G 31 31.46 -14.47 39.15
N SER G 32 32.48 -14.65 39.99
CA SER G 32 33.63 -13.75 40.05
C SER G 32 34.81 -14.43 39.38
N ILE G 33 35.42 -13.76 38.40
CA ILE G 33 36.52 -14.32 37.64
C ILE G 33 37.60 -13.27 37.45
N SER G 34 38.85 -13.72 37.39
CA SER G 34 40.02 -12.86 37.16
C SER G 34 40.57 -13.19 35.77
N LEU G 35 40.51 -12.20 34.86
CA LEU G 35 41.03 -12.43 33.53
C LEU G 35 42.47 -11.98 33.41
N PRO G 36 43.18 -12.48 32.40
CA PRO G 36 44.44 -11.83 31.99
C PRO G 36 44.16 -10.50 31.30
N ALA G 37 44.75 -9.42 31.81
CA ALA G 37 44.45 -8.09 31.25
C ALA G 37 44.90 -7.99 29.79
N LYS G 38 45.59 -9.01 29.28
CA LYS G 38 46.11 -8.98 27.89
C LYS G 38 45.83 -10.32 27.22
N ASP G 39 45.63 -10.32 25.90
CA ASP G 39 45.31 -11.58 25.16
C ASP G 39 46.60 -12.25 24.68
N THR G 40 46.48 -13.32 23.88
CA THR G 40 47.67 -14.01 23.32
C THR G 40 48.43 -13.01 22.44
N GLU G 41 47.71 -12.19 21.67
CA GLU G 41 48.34 -11.15 20.82
C GLU G 41 49.05 -10.14 21.72
N GLY G 42 48.63 -10.04 22.99
CA GLY G 42 49.23 -9.06 23.90
C GLY G 42 48.44 -7.77 23.94
N LYS G 43 47.24 -7.78 23.35
CA LYS G 43 46.38 -6.57 23.29
C LYS G 43 45.44 -6.57 24.50
N PRO G 44 44.96 -5.41 24.98
CA PRO G 44 44.09 -5.36 26.15
C PRO G 44 42.89 -6.31 26.04
N VAL G 45 42.49 -6.92 27.16
CA VAL G 45 41.38 -7.93 27.12
C VAL G 45 40.08 -7.26 26.68
N THR G 46 39.30 -7.95 25.85
CA THR G 46 38.03 -7.42 25.38
C THR G 46 36.91 -8.40 25.66
N ILE G 47 35.67 -7.92 25.47
CA ILE G 47 34.49 -8.76 25.70
C ILE G 47 34.57 -10.03 24.86
N ALA G 48 35.03 -9.91 23.61
CA ALA G 48 35.16 -11.08 22.75
C ALA G 48 35.98 -12.16 23.44
N PHE G 49 37.09 -11.78 24.05
CA PHE G 49 37.92 -12.77 24.79
C PHE G 49 37.08 -13.34 25.92
N LEU G 50 36.40 -12.47 26.68
CA LEU G 50 35.57 -12.93 27.79
C LEU G 50 34.60 -14.00 27.31
N ILE G 51 33.77 -13.67 26.31
CA ILE G 51 32.79 -14.62 25.79
C ILE G 51 33.47 -15.96 25.46
N ASP G 52 34.62 -15.89 24.79
CA ASP G 52 35.35 -17.12 24.48
C ASP G 52 35.82 -17.83 25.73
N TYR G 53 36.18 -17.07 26.77
CA TYR G 53 36.63 -17.66 28.02
C TYR G 53 35.49 -18.39 28.72
N ILE G 54 34.31 -17.75 28.79
CA ILE G 54 33.17 -18.38 29.46
C ILE G 54 32.84 -19.71 28.79
N SER G 55 32.81 -19.73 27.46
CA SER G 55 32.35 -20.94 26.76
C SER G 55 33.31 -22.11 26.98
N LYS G 56 34.59 -21.83 27.18
CA LYS G 56 35.59 -22.90 27.27
C LYS G 56 36.00 -23.26 28.69
N LYS G 57 35.77 -22.37 29.67
CA LYS G 57 36.23 -22.61 31.03
C LYS G 57 35.16 -22.48 32.10
N LEU G 58 33.94 -22.06 31.78
CA LEU G 58 32.90 -21.88 32.79
C LEU G 58 31.62 -22.66 32.52
N MET G 59 31.29 -22.93 31.26
CA MET G 59 30.09 -23.72 30.97
C MET G 59 30.24 -25.13 31.50
N LYS G 60 29.21 -25.61 32.19
CA LYS G 60 29.13 -27.00 32.60
C LYS G 60 28.28 -27.85 31.67
N ASP G 61 27.56 -27.21 30.72
CA ASP G 61 26.83 -27.95 29.70
C ASP G 61 27.69 -28.11 28.46
N PRO G 62 27.85 -29.33 27.93
CA PRO G 62 28.76 -29.51 26.79
C PRO G 62 28.28 -28.87 25.50
N ARG G 63 26.98 -28.59 25.37
CA ARG G 63 26.43 -27.98 24.15
C ARG G 63 26.79 -26.50 24.16
N THR G 64 27.92 -26.16 23.51
CA THR G 64 28.35 -24.77 23.46
C THR G 64 27.51 -23.99 22.45
N ASP G 65 26.80 -24.71 21.56
CA ASP G 65 25.80 -24.08 20.70
C ASP G 65 24.94 -23.11 21.49
N LEU G 66 24.59 -23.47 22.72
CA LEU G 66 23.63 -22.72 23.51
C LEU G 66 24.12 -21.38 24.03
N PHE G 67 25.42 -21.09 23.95
CA PHE G 67 25.95 -19.81 24.41
C PHE G 67 26.72 -19.09 23.32
N VAL G 68 27.62 -19.77 22.61
CA VAL G 68 28.40 -19.18 21.53
C VAL G 68 28.20 -20.01 20.28
N LEU G 69 28.01 -19.33 19.15
CA LEU G 69 27.82 -19.99 17.87
C LEU G 69 28.82 -19.43 16.87
N ASP G 70 29.74 -20.29 16.41
CA ASP G 70 30.75 -19.91 15.43
C ASP G 70 31.54 -18.68 15.90
N ASN G 71 32.11 -18.82 17.09
CA ASN G 71 33.04 -17.87 17.70
C ASN G 71 32.38 -16.56 18.12
N HIS G 72 31.06 -16.44 18.01
CA HIS G 72 30.36 -15.24 18.46
C HIS G 72 29.20 -15.66 19.34
N ILE G 73 28.70 -14.70 20.13
CA ILE G 73 27.66 -15.00 21.10
C ILE G 73 26.37 -15.34 20.38
N ARG G 74 25.62 -16.30 20.94
CA ARG G 74 24.38 -16.75 20.33
C ARG G 74 23.41 -15.57 20.23
N PRO G 75 22.61 -15.50 19.15
CA PRO G 75 21.59 -14.44 19.08
C PRO G 75 20.49 -14.66 20.11
N GLY G 76 19.85 -13.56 20.48
CA GLY G 76 18.84 -13.58 21.51
C GLY G 76 19.35 -13.44 22.92
N ILE G 77 20.60 -13.02 23.09
CA ILE G 77 21.18 -12.77 24.41
C ILE G 77 21.50 -11.28 24.48
N LEU G 78 20.93 -10.60 25.47
CA LEU G 78 21.30 -9.22 25.75
C LEU G 78 22.60 -9.21 26.56
N VAL G 79 23.47 -8.25 26.24
CA VAL G 79 24.74 -8.07 26.93
C VAL G 79 24.75 -6.66 27.51
N LEU G 80 24.80 -6.56 28.83
CA LEU G 80 24.79 -5.28 29.52
C LEU G 80 26.11 -5.09 30.26
N ILE G 81 26.75 -3.96 30.03
CA ILE G 81 28.04 -3.61 30.64
C ILE G 81 27.77 -2.53 31.67
N ASN G 82 27.91 -2.88 32.94
CA ASN G 82 27.54 -1.99 34.05
C ASN G 82 26.13 -1.43 33.82
N ASP G 83 25.21 -2.34 33.48
CA ASP G 83 23.80 -2.03 33.27
C ASP G 83 23.56 -1.20 32.01
N ALA G 84 24.50 -1.21 31.07
CA ALA G 84 24.37 -0.49 29.81
C ALA G 84 24.50 -1.46 28.65
N ASP G 85 23.55 -1.40 27.72
CA ASP G 85 23.61 -2.24 26.53
C ASP G 85 24.95 -2.05 25.83
N TRP G 86 25.60 -3.17 25.52
CA TRP G 86 26.94 -3.10 24.93
C TRP G 86 26.94 -2.48 23.53
N GLU G 87 25.77 -2.26 22.93
CA GLU G 87 25.69 -1.51 21.68
C GLU G 87 26.03 -0.04 21.89
N LEU G 88 25.89 0.47 23.12
CA LEU G 88 26.23 1.85 23.43
C LEU G 88 27.65 2.02 23.93
N GLU G 89 28.34 0.93 24.25
CA GLU G 89 29.68 0.99 24.81
C GLU G 89 30.69 0.18 23.99
N GLY G 90 30.39 -0.07 22.73
CA GLY G 90 31.23 -0.93 21.91
C GLY G 90 30.89 -2.38 22.08
N GLU G 91 30.75 -3.11 20.98
CA GLU G 91 30.35 -4.51 20.99
C GLU G 91 31.56 -5.40 20.76
N GLU G 92 31.72 -6.40 21.63
CA GLU G 92 32.79 -7.39 21.51
C GLU G 92 34.18 -6.75 21.43
N ALA G 93 34.25 -5.44 21.68
CA ALA G 93 35.50 -4.70 21.62
C ALA G 93 35.72 -3.81 22.83
N TYR G 94 34.71 -3.63 23.68
CA TYR G 94 34.88 -2.91 24.93
C TYR G 94 36.05 -3.50 25.71
N GLU G 95 37.05 -2.66 25.98
CA GLU G 95 38.21 -3.09 26.74
C GLU G 95 37.84 -3.23 28.21
N ILE G 96 37.92 -4.45 28.73
CA ILE G 96 37.43 -4.75 30.07
C ILE G 96 38.28 -4.02 31.10
N GLN G 97 37.62 -3.39 32.07
CA GLN G 97 38.21 -2.55 33.11
C GLN G 97 37.82 -3.14 34.46
N PRO G 98 38.56 -2.82 35.54
CA PRO G 98 38.33 -3.52 36.81
C PRO G 98 36.90 -3.35 37.33
N ASN G 99 36.46 -4.32 38.12
CA ASN G 99 35.15 -4.29 38.76
C ASN G 99 34.06 -3.96 37.76
N ASP G 100 34.18 -4.52 36.56
CA ASP G 100 33.18 -4.36 35.51
C ASP G 100 32.23 -5.55 35.54
N ASN G 101 30.93 -5.27 35.59
CA ASN G 101 29.92 -6.31 35.52
C ASN G 101 29.46 -6.50 34.08
N ILE G 102 29.37 -7.75 33.65
CA ILE G 102 28.85 -8.11 32.34
C ILE G 102 27.67 -9.04 32.55
N LEU G 103 26.49 -8.61 32.13
CA LEU G 103 25.24 -9.34 32.35
C LEU G 103 24.76 -9.92 31.03
N PHE G 104 24.57 -11.23 30.99
CA PHE G 104 24.03 -11.94 29.84
C PHE G 104 22.62 -12.39 30.18
N VAL G 105 21.64 -11.93 29.41
CA VAL G 105 20.24 -12.32 29.59
C VAL G 105 19.75 -12.89 28.26
N SER G 106 19.24 -14.11 28.30
CA SER G 106 18.60 -14.72 27.13
C SER G 106 17.12 -14.36 27.13
N THR G 107 16.62 -13.90 26.00
CA THR G 107 15.22 -13.52 25.85
C THR G 107 14.67 -14.07 24.54
N LEU G 108 13.46 -14.62 24.60
CA LEU G 108 12.72 -14.95 23.39
C LEU G 108 12.03 -13.73 22.79
N HIS G 109 12.00 -12.61 23.52
CA HIS G 109 11.42 -11.38 23.03
C HIS G 109 12.32 -10.75 21.96
N GLY G 110 11.78 -9.73 21.29
CA GLY G 110 12.51 -8.97 20.31
C GLY G 110 12.58 -9.57 18.92
N GLY G 111 11.97 -10.73 18.71
CA GLY G 111 12.07 -11.42 17.43
C GLY G 111 11.68 -10.56 16.24
N LEU H 8 -57.27 9.38 -21.67
CA LEU H 8 -56.87 9.66 -20.30
C LEU H 8 -56.89 8.37 -19.47
N GLU H 9 -56.10 7.38 -19.87
CA GLU H 9 -56.10 6.07 -19.24
C GLU H 9 -54.85 5.87 -18.39
N GLU H 10 -54.92 4.91 -17.49
CA GLU H 10 -53.88 4.62 -16.51
C GLU H 10 -53.31 3.23 -16.75
N ILE H 11 -52.20 2.95 -16.09
CA ILE H 11 -51.52 1.66 -16.16
C ILE H 11 -51.40 1.11 -14.75
N PRO H 12 -51.88 -0.10 -14.47
CA PRO H 12 -51.70 -0.69 -13.13
C PRO H 12 -50.44 -1.53 -13.06
N ILE H 13 -49.72 -1.39 -11.94
CA ILE H 13 -48.51 -2.15 -11.68
C ILE H 13 -48.41 -2.47 -10.19
N THR H 14 -47.48 -3.37 -9.89
CA THR H 14 -47.08 -3.67 -8.51
C THR H 14 -45.59 -3.44 -8.40
N VAL H 15 -45.16 -2.77 -7.32
CA VAL H 15 -43.75 -2.54 -7.03
C VAL H 15 -43.42 -3.23 -5.73
N ASP H 16 -42.25 -3.86 -5.68
CA ASP H 16 -41.76 -4.56 -4.49
C ASP H 16 -40.47 -3.92 -4.00
N PHE H 17 -40.29 -3.90 -2.69
CA PHE H 17 -39.10 -3.36 -2.06
C PHE H 17 -38.50 -4.43 -1.16
N SER H 18 -37.20 -4.68 -1.32
CA SER H 18 -36.54 -5.77 -0.61
C SER H 18 -35.11 -5.35 -0.29
N GLY H 19 -34.38 -6.27 0.35
CA GLY H 19 -33.00 -6.00 0.72
C GLY H 19 -32.83 -4.91 1.74
N GLY H 20 -33.88 -4.57 2.47
CA GLY H 20 -33.86 -3.48 3.42
C GLY H 20 -34.54 -2.23 2.94
N LEU H 21 -34.83 -2.12 1.65
CA LEU H 21 -35.55 -0.96 1.14
C LEU H 21 -36.95 -0.87 1.75
N GLU H 22 -37.53 -2.01 2.12
CA GLU H 22 -38.89 -2.00 2.67
C GLU H 22 -38.98 -1.15 3.92
N MET H 23 -37.87 -0.98 4.64
CA MET H 23 -37.90 -0.17 5.86
C MET H 23 -38.22 1.29 5.57
N LEU H 24 -38.08 1.72 4.32
CA LEU H 24 -38.47 3.07 3.93
C LEU H 24 -39.97 3.20 3.72
N PHE H 25 -40.70 2.08 3.63
CA PHE H 25 -42.12 2.10 3.36
C PHE H 25 -42.88 1.40 4.49
N ASP H 26 -42.57 1.77 5.73
CA ASP H 26 -43.11 1.14 6.92
C ASP H 26 -43.10 -0.38 6.80
N ASN H 27 -42.06 -0.93 6.21
CA ASN H 27 -41.82 -2.37 6.14
C ASN H 27 -42.83 -3.11 5.28
N GLN H 28 -43.57 -2.40 4.43
CA GLN H 28 -44.47 -3.03 3.48
C GLN H 28 -43.71 -3.26 2.17
N ARG H 29 -43.62 -4.52 1.76
CA ARG H 29 -42.87 -4.87 0.56
C ARG H 29 -43.66 -4.53 -0.70
N ARG H 30 -44.88 -5.06 -0.83
CA ARG H 30 -45.64 -4.92 -2.05
C ARG H 30 -46.56 -3.72 -2.00
N HIS H 31 -46.66 -3.01 -3.13
CA HIS H 31 -47.52 -1.86 -3.26
C HIS H 31 -48.15 -1.87 -4.66
N SER H 32 -49.38 -1.38 -4.73
CA SER H 32 -50.10 -1.24 -6.00
C SER H 32 -50.10 0.22 -6.40
N ILE H 33 -49.79 0.48 -7.67
CA ILE H 33 -49.77 1.83 -8.22
C ILE H 33 -50.47 1.81 -9.57
N SER H 34 -51.27 2.84 -9.83
CA SER H 34 -51.80 3.10 -11.17
C SER H 34 -51.18 4.39 -11.66
N LEU H 35 -50.37 4.29 -12.70
CA LEU H 35 -49.61 5.41 -13.24
C LEU H 35 -50.36 6.08 -14.38
N PRO H 36 -50.10 7.37 -14.62
CA PRO H 36 -50.56 7.99 -15.88
C PRO H 36 -49.79 7.40 -17.05
N ALA H 37 -50.52 6.84 -18.02
CA ALA H 37 -49.87 6.21 -19.16
C ALA H 37 -49.00 7.16 -19.96
N LYS H 38 -49.12 8.47 -19.73
CA LYS H 38 -48.30 9.48 -20.38
C LYS H 38 -47.75 10.42 -19.31
N ASP H 39 -46.52 10.88 -19.50
CA ASP H 39 -45.83 11.66 -18.48
C ASP H 39 -46.11 13.15 -18.70
N THR H 40 -45.30 14.02 -18.08
CA THR H 40 -45.52 15.45 -18.14
C THR H 40 -45.19 16.05 -19.51
N GLU H 41 -44.51 15.31 -20.39
CA GLU H 41 -44.28 15.75 -21.76
C GLU H 41 -45.02 14.88 -22.78
N GLY H 42 -45.96 14.06 -22.33
CA GLY H 42 -46.83 13.33 -23.23
C GLY H 42 -46.23 12.11 -23.87
N LYS H 43 -45.11 11.61 -23.36
CA LYS H 43 -44.47 10.42 -23.89
C LYS H 43 -44.80 9.21 -23.02
N PRO H 44 -44.66 7.99 -23.54
CA PRO H 44 -45.07 6.82 -22.76
C PRO H 44 -44.29 6.72 -21.45
N VAL H 45 -45.01 6.46 -20.37
CA VAL H 45 -44.42 6.53 -19.04
C VAL H 45 -43.34 5.46 -18.88
N THR H 46 -42.31 5.79 -18.13
CA THR H 46 -41.11 4.95 -18.02
C THR H 46 -40.74 4.73 -16.56
N ILE H 47 -39.74 3.87 -16.37
CA ILE H 47 -39.24 3.57 -15.03
C ILE H 47 -38.70 4.84 -14.37
N ALA H 48 -38.10 5.73 -15.16
CA ALA H 48 -37.62 7.00 -14.62
C ALA H 48 -38.74 7.77 -13.94
N PHE H 49 -39.93 7.80 -14.57
CA PHE H 49 -41.08 8.42 -13.94
C PHE H 49 -41.48 7.68 -12.67
N LEU H 50 -41.44 6.35 -12.70
CA LEU H 50 -41.79 5.55 -11.53
C LEU H 50 -40.87 5.86 -10.36
N ILE H 51 -39.55 5.76 -10.58
CA ILE H 51 -38.60 6.07 -9.51
C ILE H 51 -38.90 7.43 -8.91
N ASP H 52 -39.13 8.42 -9.77
CA ASP H 52 -39.47 9.76 -9.30
C ASP H 52 -40.75 9.73 -8.46
N TYR H 53 -41.77 9.03 -8.95
CA TYR H 53 -43.04 8.95 -8.23
C TYR H 53 -42.86 8.33 -6.86
N ILE H 54 -42.11 7.23 -6.78
CA ILE H 54 -41.94 6.53 -5.51
C ILE H 54 -41.29 7.45 -4.47
N SER H 55 -40.29 8.23 -4.88
CA SER H 55 -39.54 9.02 -3.91
C SER H 55 -40.36 10.18 -3.34
N LYS H 56 -41.36 10.65 -4.09
CA LYS H 56 -42.14 11.81 -3.67
C LYS H 56 -43.50 11.46 -3.09
N LYS H 57 -44.09 10.32 -3.46
CA LYS H 57 -45.46 10.02 -3.09
C LYS H 57 -45.64 8.73 -2.31
N LEU H 58 -44.66 7.82 -2.30
CA LEU H 58 -44.82 6.54 -1.64
C LEU H 58 -43.97 6.35 -0.39
N MET H 59 -42.80 6.98 -0.30
CA MET H 59 -41.94 6.77 0.85
C MET H 59 -42.61 7.26 2.13
N LYS H 60 -42.45 6.50 3.20
CA LYS H 60 -42.89 6.90 4.52
C LYS H 60 -41.72 7.27 5.43
N ASP H 61 -40.48 7.14 4.95
CA ASP H 61 -39.28 7.53 5.67
C ASP H 61 -38.72 8.82 5.07
N PRO H 62 -38.23 9.75 5.89
CA PRO H 62 -37.75 11.03 5.34
C PRO H 62 -36.40 10.96 4.65
N ARG H 63 -35.69 9.83 4.74
CA ARG H 63 -34.35 9.71 4.16
C ARG H 63 -34.50 9.33 2.68
N THR H 64 -34.65 10.34 1.84
CA THR H 64 -34.82 10.08 0.41
C THR H 64 -33.53 9.61 -0.25
N ASP H 65 -32.37 10.10 0.24
CA ASP H 65 -31.10 9.70 -0.35
C ASP H 65 -30.86 8.21 -0.26
N LEU H 66 -31.60 7.49 0.60
CA LEU H 66 -31.49 6.04 0.65
C LEU H 66 -32.14 5.36 -0.54
N PHE H 67 -32.89 6.10 -1.37
CA PHE H 67 -33.51 5.54 -2.56
C PHE H 67 -33.09 6.25 -3.83
N VAL H 68 -33.10 7.59 -3.83
CA VAL H 68 -32.78 8.38 -5.01
C VAL H 68 -31.72 9.41 -4.63
N LEU H 69 -30.69 9.53 -5.47
CA LEU H 69 -29.60 10.47 -5.24
C LEU H 69 -29.36 11.27 -6.51
N ASP H 70 -29.37 12.59 -6.37
CA ASP H 70 -29.13 13.50 -7.50
C ASP H 70 -30.05 13.15 -8.68
N ASN H 71 -31.35 13.06 -8.39
CA ASN H 71 -32.38 12.82 -9.44
C ASN H 71 -32.20 11.47 -10.12
N HIS H 72 -31.41 10.56 -9.56
CA HIS H 72 -31.29 9.20 -10.15
C HIS H 72 -31.32 8.15 -9.04
N ILE H 73 -31.73 6.92 -9.37
CA ILE H 73 -31.82 5.84 -8.34
C ILE H 73 -30.46 5.69 -7.65
N ARG H 74 -30.48 5.46 -6.33
CA ARG H 74 -29.24 5.27 -5.60
C ARG H 74 -28.51 4.04 -6.14
N PRO H 75 -27.18 4.07 -6.21
CA PRO H 75 -26.45 2.87 -6.62
C PRO H 75 -26.53 1.78 -5.56
N GLY H 76 -26.33 0.54 -6.01
CA GLY H 76 -26.49 -0.60 -5.12
C GLY H 76 -27.91 -1.08 -4.98
N ILE H 77 -28.79 -0.71 -5.91
CA ILE H 77 -30.17 -1.20 -5.95
C ILE H 77 -30.35 -1.92 -7.29
N LEU H 78 -30.65 -3.20 -7.22
CA LEU H 78 -31.06 -3.92 -8.41
C LEU H 78 -32.52 -3.60 -8.74
N VAL H 79 -32.82 -3.54 -10.03
CA VAL H 79 -34.18 -3.28 -10.51
C VAL H 79 -34.54 -4.42 -11.44
N LEU H 80 -35.50 -5.24 -11.05
CA LEU H 80 -35.94 -6.39 -11.81
C LEU H 80 -37.34 -6.16 -12.35
N ILE H 81 -37.51 -6.31 -13.66
CA ILE H 81 -38.79 -6.12 -14.34
C ILE H 81 -39.32 -7.51 -14.68
N ASN H 82 -40.34 -7.94 -13.95
CA ASN H 82 -40.87 -9.30 -14.09
C ASN H 82 -39.73 -10.32 -14.04
N ASP H 83 -38.88 -10.16 -13.02
CA ASP H 83 -37.75 -11.03 -12.74
C ASP H 83 -36.61 -10.86 -13.75
N ALA H 84 -36.60 -9.78 -14.53
CA ALA H 84 -35.55 -9.52 -15.50
C ALA H 84 -34.80 -8.25 -15.14
N ASP H 85 -33.47 -8.34 -15.12
CA ASP H 85 -32.65 -7.17 -14.82
C ASP H 85 -32.94 -6.07 -15.83
N TRP H 86 -33.21 -4.85 -15.32
CA TRP H 86 -33.58 -3.75 -16.19
C TRP H 86 -32.44 -3.31 -17.11
N GLU H 87 -31.22 -3.79 -16.90
CA GLU H 87 -30.16 -3.53 -17.87
C GLU H 87 -30.40 -4.27 -19.17
N LEU H 88 -31.07 -5.42 -19.10
CA LEU H 88 -31.43 -6.16 -20.30
C LEU H 88 -32.63 -5.54 -21.03
N GLU H 89 -33.53 -4.89 -20.30
CA GLU H 89 -34.73 -4.30 -20.87
C GLU H 89 -34.61 -2.80 -21.12
N GLY H 90 -33.45 -2.21 -20.86
CA GLY H 90 -33.31 -0.76 -20.99
C GLY H 90 -33.64 -0.05 -19.70
N GLU H 91 -32.63 0.53 -19.06
CA GLU H 91 -32.84 1.12 -17.71
C GLU H 91 -33.39 2.54 -17.76
N GLU H 92 -34.48 2.83 -17.05
CA GLU H 92 -35.01 4.21 -16.90
C GLU H 92 -35.69 4.67 -18.18
N ALA H 93 -35.70 3.83 -19.21
CA ALA H 93 -36.28 4.23 -20.51
C ALA H 93 -37.28 3.15 -20.86
N TYR H 94 -37.27 2.08 -20.08
CA TYR H 94 -38.26 1.03 -20.28
C TYR H 94 -39.66 1.60 -20.09
N GLU H 95 -40.49 1.46 -21.12
CA GLU H 95 -41.88 1.90 -21.06
C GLU H 95 -42.69 0.85 -20.30
N ILE H 96 -43.29 1.25 -19.18
CA ILE H 96 -43.99 0.30 -18.33
C ILE H 96 -45.24 -0.21 -19.03
N GLN H 97 -45.45 -1.52 -18.95
CA GLN H 97 -46.61 -2.20 -19.50
C GLN H 97 -47.60 -2.57 -18.40
N PRO H 98 -48.85 -2.82 -18.74
CA PRO H 98 -49.84 -3.15 -17.71
C PRO H 98 -49.48 -4.43 -16.95
N ASN H 99 -49.74 -4.41 -15.64
CA ASN H 99 -49.49 -5.53 -14.74
C ASN H 99 -48.02 -5.92 -14.69
N ASP H 100 -47.11 -5.00 -15.01
CA ASP H 100 -45.70 -5.24 -14.76
C ASP H 100 -45.44 -5.31 -13.26
N ASN H 101 -44.49 -6.16 -12.88
CA ASN H 101 -43.98 -6.21 -11.51
C ASN H 101 -42.55 -5.69 -11.51
N ILE H 102 -42.31 -4.63 -10.74
CA ILE H 102 -41.00 -4.00 -10.64
C ILE H 102 -40.48 -4.22 -9.23
N LEU H 103 -39.31 -4.82 -9.12
CA LEU H 103 -38.70 -5.15 -7.83
C LEU H 103 -37.44 -4.32 -7.64
N PHE H 104 -37.43 -3.51 -6.57
CA PHE H 104 -36.25 -2.80 -6.13
C PHE H 104 -35.68 -3.52 -4.91
N VAL H 105 -34.44 -3.98 -5.02
CA VAL H 105 -33.80 -4.73 -3.94
C VAL H 105 -32.39 -4.17 -3.72
N SER H 106 -32.10 -3.80 -2.48
CA SER H 106 -30.81 -3.23 -2.13
C SER H 106 -29.78 -4.32 -1.95
N THR H 107 -28.64 -4.17 -2.64
CA THR H 107 -27.50 -5.06 -2.42
C THR H 107 -26.74 -4.70 -1.16
N LEU H 108 -26.85 -3.45 -0.70
CA LEU H 108 -26.31 -3.08 0.60
C LEU H 108 -27.12 -3.72 1.71
N HIS H 109 -26.42 -4.26 2.71
CA HIS H 109 -27.10 -4.87 3.85
C HIS H 109 -27.83 -3.79 4.65
N GLY H 110 -28.90 -4.20 5.31
CA GLY H 110 -29.75 -3.22 5.96
C GLY H 110 -30.35 -2.28 4.92
N GLY H 111 -30.56 -1.03 5.34
CA GLY H 111 -31.01 -0.01 4.42
C GLY H 111 -30.09 0.14 3.21
N LEU I 8 22.04 3.81 -53.22
CA LEU I 8 23.36 3.19 -53.40
C LEU I 8 24.36 3.79 -52.41
N GLU I 9 24.25 5.10 -52.17
CA GLU I 9 25.20 5.82 -51.33
C GLU I 9 24.64 6.03 -49.93
N GLU I 10 25.54 6.39 -49.01
CA GLU I 10 25.25 6.39 -47.59
C GLU I 10 24.83 7.78 -47.10
N ILE I 11 24.46 7.85 -45.83
CA ILE I 11 23.93 9.06 -45.21
C ILE I 11 24.76 9.39 -43.97
N PRO I 12 25.23 10.63 -43.80
CA PRO I 12 26.01 10.96 -42.59
C PRO I 12 25.13 11.44 -41.44
N ILE I 13 25.53 11.07 -40.23
CA ILE I 13 24.71 11.33 -39.05
C ILE I 13 25.62 11.35 -37.82
N THR I 14 25.20 12.13 -36.81
CA THR I 14 25.87 12.17 -35.52
C THR I 14 24.91 11.67 -34.46
N VAL I 15 25.36 10.71 -33.62
CA VAL I 15 24.56 10.13 -32.50
C VAL I 15 25.32 10.49 -31.22
N ASP I 16 24.63 10.99 -30.19
CA ASP I 16 25.24 11.41 -28.89
C ASP I 16 24.69 10.48 -27.80
N PHE I 17 25.53 10.04 -26.86
CA PHE I 17 25.12 9.17 -25.71
C PHE I 17 25.35 9.97 -24.43
N SER I 18 24.36 10.11 -23.54
CA SER I 18 24.45 10.93 -22.30
C SER I 18 23.68 10.28 -21.16
N GLY I 19 23.56 10.94 -20.00
CA GLY I 19 22.85 10.43 -18.84
C GLY I 19 23.48 9.19 -18.25
N GLY I 20 24.72 8.88 -18.65
CA GLY I 20 25.40 7.68 -18.25
C GLY I 20 25.53 6.65 -19.35
N LEU I 21 24.73 6.73 -20.42
CA LEU I 21 24.80 5.76 -21.55
C LEU I 21 26.22 5.81 -22.10
N GLU I 22 26.87 6.96 -22.07
CA GLU I 22 28.26 7.16 -22.54
C GLU I 22 29.20 6.07 -22.03
N MET I 23 29.00 5.53 -20.82
CA MET I 23 29.92 4.55 -20.19
C MET I 23 29.91 3.23 -20.93
N LEU I 24 28.86 2.95 -21.71
CA LEU I 24 28.77 1.72 -22.53
C LEU I 24 29.60 1.91 -23.80
N PHE I 25 30.07 3.13 -24.08
CA PHE I 25 30.89 3.46 -25.27
C PHE I 25 32.25 4.01 -24.83
N ASP I 26 32.86 3.45 -23.78
CA ASP I 26 34.17 3.87 -23.25
C ASP I 26 34.12 5.35 -22.86
N ASN I 27 33.01 5.82 -22.29
CA ASN I 27 32.85 7.22 -21.80
C ASN I 27 32.98 8.21 -22.96
N GLN I 28 32.68 7.79 -24.19
CA GLN I 28 32.70 8.68 -25.39
C GLN I 28 31.26 9.08 -25.67
N ARG I 29 30.96 10.35 -25.92
CA ARG I 29 29.57 10.83 -26.09
C ARG I 29 29.26 10.95 -27.59
N ARG I 30 29.92 11.85 -28.32
CA ARG I 30 29.61 12.13 -29.74
C ARG I 30 30.19 11.02 -30.63
N HIS I 31 29.48 10.61 -31.70
CA HIS I 31 29.88 9.49 -32.61
C HIS I 31 29.41 9.75 -34.06
N SER I 32 30.29 10.10 -35.02
CA SER I 32 29.88 10.34 -36.39
C SER I 32 29.83 9.01 -37.12
N ILE I 33 28.72 8.74 -37.78
CA ILE I 33 28.51 7.45 -38.45
C ILE I 33 27.77 7.66 -39.76
N SER I 34 28.06 6.78 -40.72
CA SER I 34 27.45 6.81 -42.04
C SER I 34 26.58 5.56 -42.20
N LEU I 35 25.27 5.76 -42.30
CA LEU I 35 24.34 4.64 -42.41
C LEU I 35 24.07 4.31 -43.88
N PRO I 36 23.71 3.07 -44.18
CA PRO I 36 23.11 2.79 -45.50
C PRO I 36 21.75 3.45 -45.62
N ALA I 37 21.56 4.22 -46.68
CA ALA I 37 20.30 4.94 -46.86
C ALA I 37 19.11 3.99 -47.05
N LYS I 38 19.38 2.73 -47.37
CA LYS I 38 18.33 1.72 -47.52
C LYS I 38 18.66 0.52 -46.65
N ASP I 39 17.64 -0.07 -46.04
CA ASP I 39 17.84 -1.07 -45.01
C ASP I 39 17.84 -2.48 -45.61
N THR I 40 17.82 -3.50 -44.74
CA THR I 40 17.94 -4.88 -45.18
C THR I 40 16.80 -5.31 -46.10
N GLU I 41 15.67 -4.62 -46.06
CA GLU I 41 14.58 -4.94 -46.98
C GLU I 41 14.59 -4.06 -48.21
N GLY I 42 15.25 -2.89 -48.15
CA GLY I 42 15.29 -1.95 -49.23
C GLY I 42 14.60 -0.62 -48.94
N LYS I 43 14.18 -0.38 -47.67
CA LYS I 43 13.28 0.70 -47.31
C LYS I 43 14.09 1.84 -46.69
N PRO I 44 13.62 3.08 -46.81
CA PRO I 44 14.39 4.21 -46.24
C PRO I 44 14.74 3.93 -44.78
N VAL I 45 16.00 4.20 -44.43
CA VAL I 45 16.54 3.76 -43.16
C VAL I 45 15.88 4.52 -42.01
N THR I 46 15.59 3.81 -40.92
CA THR I 46 14.85 4.43 -39.79
C THR I 46 15.61 4.24 -38.47
N ILE I 47 15.09 4.82 -37.39
CA ILE I 47 15.77 4.76 -36.05
C ILE I 47 15.87 3.29 -35.62
N ALA I 48 14.88 2.48 -36.01
CA ALA I 48 14.89 1.06 -35.60
C ALA I 48 16.16 0.41 -36.14
N PHE I 49 16.56 0.74 -37.37
CA PHE I 49 17.81 0.19 -37.86
C PHE I 49 19.00 0.78 -37.09
N LEU I 50 18.97 2.09 -36.85
CA LEU I 50 20.03 2.74 -36.09
C LEU I 50 20.25 2.04 -34.76
N ILE I 51 19.19 1.95 -33.96
CA ILE I 51 19.29 1.36 -32.63
C ILE I 51 19.90 -0.04 -32.71
N ASP I 52 19.41 -0.86 -33.65
CA ASP I 52 20.01 -2.17 -33.84
C ASP I 52 21.49 -2.06 -34.17
N TYR I 53 21.84 -1.08 -35.01
CA TYR I 53 23.21 -0.91 -35.44
C TYR I 53 24.12 -0.55 -34.27
N ILE I 54 23.72 0.42 -33.45
CA ILE I 54 24.55 0.85 -32.29
C ILE I 54 24.77 -0.37 -31.41
N SER I 55 23.73 -1.17 -31.16
CA SER I 55 23.85 -2.26 -30.19
C SER I 55 24.86 -3.31 -30.64
N LYS I 56 24.97 -3.55 -31.95
CA LYS I 56 25.79 -4.64 -32.45
C LYS I 56 27.19 -4.23 -32.88
N LYS I 57 27.40 -2.95 -33.21
CA LYS I 57 28.65 -2.53 -33.84
C LYS I 57 29.36 -1.40 -33.11
N LEU I 58 28.66 -0.48 -32.41
CA LEU I 58 29.29 0.72 -31.79
C LEU I 58 29.46 0.54 -30.28
N MET I 59 28.74 -0.38 -29.64
CA MET I 59 28.80 -0.60 -28.17
C MET I 59 30.19 -1.15 -27.79
N LYS I 60 30.73 -0.71 -26.64
CA LYS I 60 32.03 -1.24 -26.16
C LYS I 60 31.80 -2.08 -24.90
N ASP I 61 30.59 -2.03 -24.33
CA ASP I 61 30.27 -2.82 -23.13
C ASP I 61 29.53 -4.10 -23.52
N PRO I 62 29.85 -5.26 -22.94
CA PRO I 62 29.16 -6.51 -23.25
C PRO I 62 27.70 -6.55 -22.79
N ARG I 63 27.30 -5.63 -21.92
CA ARG I 63 25.92 -5.64 -21.37
C ARG I 63 24.98 -4.96 -22.36
N THR I 64 24.47 -5.72 -23.32
CA THR I 64 23.59 -5.15 -24.34
C THR I 64 22.24 -4.74 -23.73
N ASP I 65 21.74 -5.50 -22.75
CA ASP I 65 20.47 -5.16 -22.13
C ASP I 65 20.46 -3.75 -21.55
N LEU I 66 21.64 -3.19 -21.27
CA LEU I 66 21.68 -1.80 -20.74
C LEU I 66 21.35 -0.81 -21.86
N PHE I 67 21.17 -1.32 -23.08
CA PHE I 67 20.79 -0.44 -24.21
C PHE I 67 19.59 -1.03 -24.94
N VAL I 68 19.67 -2.26 -25.42
CA VAL I 68 18.55 -2.85 -26.21
C VAL I 68 17.96 -3.99 -25.39
N LEU I 69 16.63 -3.95 -25.16
CA LEU I 69 16.00 -5.05 -24.44
C LEU I 69 14.87 -5.59 -25.29
N ASP I 70 14.89 -6.91 -25.52
CA ASP I 70 13.86 -7.60 -26.30
C ASP I 70 13.58 -6.86 -27.61
N ASN I 71 14.65 -6.62 -28.37
CA ASN I 71 14.59 -6.07 -29.72
C ASN I 71 14.01 -4.65 -29.75
N HIS I 72 13.99 -4.00 -28.58
CA HIS I 72 13.47 -2.61 -28.49
C HIS I 72 14.37 -1.81 -27.54
N ILE I 73 14.44 -0.50 -27.71
CA ILE I 73 15.28 0.34 -26.88
C ILE I 73 14.86 0.23 -25.42
N ARG I 74 15.84 0.13 -24.52
CA ARG I 74 15.55 -0.01 -23.11
C ARG I 74 14.70 1.17 -22.63
N PRO I 75 13.72 0.93 -21.76
CA PRO I 75 12.96 2.06 -21.19
C PRO I 75 13.86 2.93 -20.34
N GLY I 76 13.41 4.16 -20.11
CA GLY I 76 14.20 5.12 -19.36
C GLY I 76 15.30 5.77 -20.16
N ILE I 77 15.16 5.82 -21.49
CA ILE I 77 16.11 6.49 -22.37
C ILE I 77 15.31 7.40 -23.29
N LEU I 78 15.47 8.70 -23.11
CA LEU I 78 14.90 9.64 -24.06
C LEU I 78 15.62 9.50 -25.40
N VAL I 79 14.89 9.77 -26.48
CA VAL I 79 15.44 9.77 -27.82
C VAL I 79 15.06 11.09 -28.45
N LEU I 80 16.05 11.96 -28.68
CA LEU I 80 15.83 13.29 -29.21
C LEU I 80 16.37 13.38 -30.62
N ILE I 81 15.55 13.89 -31.53
CA ILE I 81 15.90 14.05 -32.94
C ILE I 81 15.97 15.55 -33.20
N ASN I 82 17.20 16.07 -33.32
CA ASN I 82 17.44 17.51 -33.42
C ASN I 82 16.70 18.25 -32.30
N ASP I 83 16.79 17.73 -31.08
CA ASP I 83 16.16 18.35 -29.92
C ASP I 83 14.65 18.28 -30.00
N ALA I 84 14.11 17.23 -30.60
CA ALA I 84 12.66 16.98 -30.64
C ALA I 84 12.40 15.55 -30.21
N ASP I 85 11.62 15.38 -29.14
CA ASP I 85 11.29 14.05 -28.66
C ASP I 85 10.74 13.20 -29.80
N TRP I 86 11.33 12.01 -29.99
CA TRP I 86 10.95 11.15 -31.13
C TRP I 86 9.45 10.81 -31.11
N GLU I 87 8.81 10.93 -29.95
CA GLU I 87 7.38 10.68 -29.93
C GLU I 87 6.64 11.60 -30.88
N LEU I 88 7.16 12.81 -31.09
CA LEU I 88 6.56 13.78 -31.99
C LEU I 88 7.04 13.63 -33.44
N GLU I 89 7.80 12.57 -33.73
CA GLU I 89 8.36 12.41 -35.07
C GLU I 89 8.27 10.99 -35.58
N GLY I 90 7.43 10.16 -34.95
CA GLY I 90 7.25 8.79 -35.47
C GLY I 90 8.33 7.89 -34.93
N GLU I 91 8.35 7.70 -33.61
CA GLU I 91 9.38 6.88 -32.93
C GLU I 91 9.61 5.54 -33.61
N GLU I 92 10.89 5.17 -33.85
CA GLU I 92 11.24 3.84 -34.41
C GLU I 92 10.77 3.73 -35.87
N ALA I 93 10.43 4.85 -36.49
CA ALA I 93 9.92 4.83 -37.87
C ALA I 93 10.36 6.13 -38.55
N TYR I 94 10.96 7.02 -37.77
CA TYR I 94 11.48 8.30 -38.34
C TYR I 94 12.57 7.97 -39.36
N GLU I 95 12.28 8.19 -40.64
CA GLU I 95 13.32 8.00 -41.65
C GLU I 95 14.41 9.04 -41.44
N ILE I 96 15.64 8.58 -41.21
CA ILE I 96 16.72 9.49 -40.86
C ILE I 96 17.10 10.35 -42.07
N GLN I 97 17.32 11.63 -41.83
CA GLN I 97 17.71 12.59 -42.84
C GLN I 97 19.18 12.98 -42.69
N PRO I 98 19.81 13.47 -43.75
CA PRO I 98 21.24 13.76 -43.67
C PRO I 98 21.57 14.83 -42.64
N ASN I 99 22.74 14.67 -42.01
CA ASN I 99 23.26 15.65 -41.06
C ASN I 99 22.29 16.12 -39.97
N ASP I 100 21.42 15.21 -39.53
CA ASP I 100 20.55 15.48 -38.39
C ASP I 100 21.29 15.15 -37.11
N ASN I 101 20.59 15.08 -35.98
CA ASN I 101 21.21 14.61 -34.74
C ASN I 101 20.27 13.77 -33.88
N ILE I 102 20.79 12.67 -33.34
CA ILE I 102 20.01 11.74 -32.52
C ILE I 102 20.71 11.60 -31.18
N LEU I 103 20.07 12.02 -30.07
CA LEU I 103 20.66 12.02 -28.69
C LEU I 103 19.98 10.98 -27.81
N PHE I 104 20.65 9.88 -27.45
CA PHE I 104 20.12 8.89 -26.49
C PHE I 104 20.60 9.32 -25.09
N VAL I 105 19.70 9.68 -24.17
CA VAL I 105 20.06 10.19 -22.81
C VAL I 105 19.28 9.39 -21.76
N SER I 106 19.92 8.74 -20.79
CA SER I 106 19.29 7.87 -19.82
C SER I 106 18.77 8.68 -18.64
N THR I 107 17.51 8.43 -18.27
CA THR I 107 16.95 9.03 -17.07
C THR I 107 17.41 8.33 -15.80
N LEU I 108 17.88 7.10 -15.91
CA LEU I 108 18.46 6.38 -14.78
C LEU I 108 19.88 6.87 -14.53
N HIS I 109 20.17 7.27 -13.30
CA HIS I 109 21.52 7.69 -12.96
C HIS I 109 22.50 6.54 -13.16
N GLY I 110 23.76 6.89 -13.39
CA GLY I 110 24.76 5.91 -13.74
C GLY I 110 24.47 5.25 -15.08
N GLY I 111 23.50 5.79 -15.81
CA GLY I 111 23.06 5.18 -17.05
C GLY I 111 22.17 3.96 -16.84
N GLU J 9 3.81 -10.92 59.58
CA GLU J 9 5.27 -10.83 59.45
C GLU J 9 5.65 -10.47 58.01
N GLU J 10 6.90 -10.05 57.82
CA GLU J 10 7.37 -9.53 56.54
C GLU J 10 8.29 -10.54 55.87
N ILE J 11 8.30 -10.48 54.54
CA ILE J 11 9.10 -11.42 53.73
C ILE J 11 10.28 -10.66 53.11
N PRO J 12 11.45 -11.28 52.98
CA PRO J 12 12.60 -10.59 52.36
C PRO J 12 12.84 -10.98 50.91
N ILE J 13 13.07 -10.00 50.03
CA ILE J 13 13.38 -10.24 48.63
C ILE J 13 14.52 -9.33 48.20
N THR J 14 15.03 -9.60 47.00
CA THR J 14 16.03 -8.77 46.34
C THR J 14 15.51 -8.39 44.96
N VAL J 15 15.56 -7.11 44.63
CA VAL J 15 15.11 -6.61 43.33
C VAL J 15 16.31 -5.95 42.64
N ASP J 16 16.40 -6.16 41.33
CA ASP J 16 17.50 -5.63 40.53
C ASP J 16 16.95 -4.74 39.43
N PHE J 17 17.72 -3.70 39.09
CA PHE J 17 17.37 -2.76 38.03
C PHE J 17 18.56 -2.60 37.09
N SER J 18 18.33 -2.78 35.80
CA SER J 18 19.41 -2.74 34.81
C SER J 18 18.89 -2.07 33.55
N GLY J 19 19.71 -2.09 32.50
CA GLY J 19 19.31 -1.50 31.24
C GLY J 19 18.99 -0.02 31.30
N GLY J 20 19.41 0.67 32.37
CA GLY J 20 19.14 2.06 32.57
C GLY J 20 18.18 2.35 33.72
N LEU J 21 17.31 1.39 34.06
CA LEU J 21 16.41 1.59 35.19
C LEU J 21 17.16 2.06 36.43
N GLU J 22 18.41 1.61 36.59
CA GLU J 22 19.14 1.87 37.83
C GLU J 22 19.32 3.37 38.07
N MET J 23 19.53 4.14 37.00
CA MET J 23 19.78 5.57 37.17
C MET J 23 18.67 6.23 37.96
N LEU J 24 17.47 5.67 37.88
CA LEU J 24 16.36 6.17 38.68
C LEU J 24 16.60 5.96 40.16
N PHE J 25 17.21 4.83 40.51
CA PHE J 25 17.44 4.46 41.92
C PHE J 25 18.88 4.78 42.33
N ASP J 26 19.22 6.08 42.22
CA ASP J 26 20.57 6.59 42.45
C ASP J 26 21.65 5.63 41.92
N ASN J 27 21.38 5.01 40.78
CA ASN J 27 22.35 4.23 40.03
C ASN J 27 22.82 2.96 40.74
N GLN J 28 22.11 2.51 41.77
CA GLN J 28 22.43 1.26 42.44
C GLN J 28 21.45 0.18 41.98
N ARG J 29 21.99 -0.92 41.46
CA ARG J 29 21.16 -1.96 40.86
C ARG J 29 20.41 -2.76 41.92
N ARG J 30 21.13 -3.34 42.87
CA ARG J 30 20.55 -4.30 43.82
C ARG J 30 20.01 -3.60 45.05
N HIS J 31 18.78 -3.98 45.42
CA HIS J 31 18.13 -3.41 46.63
C HIS J 31 17.46 -4.55 47.42
N SER J 32 17.52 -4.54 48.75
CA SER J 32 16.90 -5.53 49.63
C SER J 32 15.63 -4.92 50.23
N ILE J 33 14.48 -5.52 49.91
CA ILE J 33 13.18 -4.97 50.28
C ILE J 33 12.44 -6.00 51.13
N SER J 34 11.64 -5.51 52.07
CA SER J 34 10.76 -6.34 52.89
C SER J 34 9.32 -5.93 52.67
N LEU J 35 8.52 -6.84 52.12
CA LEU J 35 7.11 -6.61 51.85
C LEU J 35 6.26 -7.08 53.03
N PRO J 36 4.94 -6.78 53.08
CA PRO J 36 4.14 -7.16 54.24
C PRO J 36 3.68 -8.62 54.32
N ALA J 37 3.72 -9.37 53.22
CA ALA J 37 3.31 -10.80 53.17
C ALA J 37 1.78 -10.91 53.13
N LYS J 38 1.09 -9.77 53.12
CA LYS J 38 -0.39 -9.77 53.01
C LYS J 38 -0.74 -8.40 52.44
N ASP J 39 -1.96 -8.18 51.97
CA ASP J 39 -2.24 -6.87 51.31
C ASP J 39 -3.69 -6.44 51.54
N THR J 40 -4.09 -5.32 50.94
CA THR J 40 -5.51 -4.92 51.03
C THR J 40 -6.33 -6.08 50.48
N GLU J 41 -7.43 -6.45 51.13
CA GLU J 41 -8.25 -7.63 50.74
C GLU J 41 -7.62 -8.91 51.26
N GLY J 42 -6.63 -8.81 52.14
CA GLY J 42 -6.04 -10.00 52.79
C GLY J 42 -5.55 -11.05 51.81
N LYS J 43 -4.78 -10.64 50.79
CA LYS J 43 -4.35 -11.62 49.75
C LYS J 43 -2.84 -11.82 49.78
N PRO J 44 -2.26 -13.06 49.62
CA PRO J 44 -0.81 -13.22 49.51
C PRO J 44 -0.24 -12.26 48.47
N VAL J 45 0.82 -11.54 48.87
CA VAL J 45 1.32 -10.45 48.05
C VAL J 45 1.88 -10.99 46.74
N THR J 46 1.60 -10.24 45.66
CA THR J 46 2.07 -10.66 44.33
C THR J 46 3.10 -9.71 43.72
N ILE J 47 3.45 -9.94 42.45
CA ILE J 47 4.40 -9.06 41.73
C ILE J 47 3.70 -7.73 41.47
N ALA J 48 2.36 -7.73 41.47
CA ALA J 48 1.67 -6.48 41.09
C ALA J 48 1.82 -5.52 42.26
N PHE J 49 1.59 -6.01 43.48
CA PHE J 49 1.86 -5.16 44.64
C PHE J 49 3.30 -4.68 44.64
N LEU J 50 4.23 -5.52 44.22
CA LEU J 50 5.64 -5.11 44.14
C LEU J 50 5.81 -3.93 43.20
N ILE J 51 5.27 -4.06 41.98
CA ILE J 51 5.39 -2.99 40.99
C ILE J 51 4.84 -1.68 41.56
N ASP J 52 3.67 -1.74 42.18
CA ASP J 52 3.08 -0.55 42.79
C ASP J 52 3.97 -0.01 43.92
N TYR J 53 4.59 -0.91 44.68
CA TYR J 53 5.45 -0.50 45.79
C TYR J 53 6.68 0.24 45.29
N ILE J 54 7.34 -0.29 44.27
CA ILE J 54 8.54 0.36 43.73
C ILE J 54 8.20 1.75 43.22
N SER J 55 7.09 1.88 42.49
CA SER J 55 6.77 3.16 41.86
C SER J 55 6.53 4.25 42.89
N LYS J 56 6.07 3.90 44.09
CA LYS J 56 5.68 4.90 45.08
C LYS J 56 6.81 5.29 46.02
N LYS J 57 7.67 4.34 46.39
CA LYS J 57 8.69 4.62 47.40
C LYS J 57 10.07 4.81 46.78
N LEU J 58 10.70 3.74 46.33
CA LEU J 58 12.08 3.83 45.82
C LEU J 58 12.17 4.73 44.59
N MET J 59 11.05 5.17 44.02
CA MET J 59 11.07 6.07 42.87
C MET J 59 11.49 7.47 43.28
N LYS J 60 12.58 7.98 42.69
CA LYS J 60 13.02 9.35 42.96
C LYS J 60 12.58 10.34 41.87
N ASP J 61 11.92 9.87 40.82
CA ASP J 61 11.31 10.76 39.83
C ASP J 61 9.81 10.85 40.10
N PRO J 62 9.23 12.05 40.14
CA PRO J 62 7.78 12.15 40.39
C PRO J 62 6.93 11.72 39.21
N ARG J 63 7.51 11.59 38.02
CA ARG J 63 6.70 11.26 36.84
C ARG J 63 5.99 9.92 37.04
N THR J 64 6.66 8.96 37.67
CA THR J 64 6.16 7.59 37.82
C THR J 64 5.50 7.14 36.52
N ASP J 65 6.09 7.55 35.39
CA ASP J 65 5.69 7.09 34.06
C ASP J 65 6.80 6.34 33.35
N LEU J 66 8.01 6.34 33.89
CA LEU J 66 9.11 5.54 33.36
C LEU J 66 9.18 4.15 33.95
N PHE J 67 8.18 3.76 34.75
CA PHE J 67 8.13 2.43 35.33
C PHE J 67 6.72 1.83 35.25
N VAL J 68 5.71 2.62 35.60
CA VAL J 68 4.32 2.15 35.62
C VAL J 68 3.48 3.10 34.79
N LEU J 69 2.74 2.55 33.82
CA LEU J 69 1.87 3.32 32.94
C LEU J 69 0.46 2.78 33.05
N ASP J 70 -0.50 3.65 33.39
CA ASP J 70 -1.90 3.28 33.53
C ASP J 70 -2.06 2.04 34.40
N ASN J 71 -1.35 2.04 35.53
CA ASN J 71 -1.44 1.00 36.56
C ASN J 71 -0.77 -0.31 36.17
N HIS J 72 -0.03 -0.33 35.06
CA HIS J 72 0.72 -1.51 34.64
C HIS J 72 2.14 -1.10 34.28
N ILE J 73 3.03 -2.10 34.18
CA ILE J 73 4.44 -1.83 33.96
C ILE J 73 4.66 -1.33 32.54
N ARG J 74 5.65 -0.44 32.39
CA ARG J 74 5.94 0.13 31.08
C ARG J 74 6.34 -0.98 30.11
N PRO J 75 5.87 -0.92 28.86
CA PRO J 75 6.33 -1.90 27.86
C PRO J 75 7.82 -1.74 27.59
N GLY J 76 8.45 -2.83 27.16
CA GLY J 76 9.88 -2.84 26.95
C GLY J 76 10.70 -3.19 28.17
N ILE J 77 10.05 -3.51 29.28
CA ILE J 77 10.74 -3.96 30.48
C ILE J 77 10.60 -5.48 30.58
N LEU J 78 11.74 -6.16 30.62
CA LEU J 78 11.76 -7.58 30.92
C LEU J 78 11.65 -7.77 32.43
N VAL J 79 10.83 -8.74 32.85
CA VAL J 79 10.67 -9.07 34.25
C VAL J 79 11.03 -10.55 34.41
N LEU J 80 12.08 -10.81 35.17
CA LEU J 80 12.61 -12.16 35.36
C LEU J 80 12.51 -12.52 36.84
N ILE J 81 11.87 -13.65 37.12
CA ILE J 81 11.64 -14.13 38.48
C ILE J 81 12.57 -15.32 38.69
N ASN J 82 13.61 -15.12 39.51
CA ASN J 82 14.65 -16.12 39.70
C ASN J 82 15.22 -16.54 38.34
N ASP J 83 15.48 -15.54 37.51
CA ASP J 83 16.09 -15.72 36.19
C ASP J 83 15.14 -16.35 35.18
N ALA J 84 13.84 -16.31 35.44
CA ALA J 84 12.83 -16.86 34.54
C ALA J 84 11.88 -15.75 34.11
N ASP J 85 11.62 -15.62 32.81
CA ASP J 85 10.60 -14.65 32.34
C ASP J 85 9.29 -14.85 33.11
N TRP J 86 8.67 -13.76 33.56
CA TRP J 86 7.46 -13.85 34.42
C TRP J 86 6.28 -14.52 33.70
N GLU J 87 6.25 -14.46 32.38
CA GLU J 87 5.14 -15.06 31.61
C GLU J 87 5.13 -16.55 31.93
N LEU J 88 6.29 -17.15 32.12
CA LEU J 88 6.39 -18.59 32.51
C LEU J 88 5.94 -18.82 33.96
N GLU J 89 6.00 -17.80 34.83
CA GLU J 89 5.69 -18.01 36.27
C GLU J 89 4.37 -17.34 36.72
N GLY J 90 3.46 -17.04 35.79
CA GLY J 90 2.15 -16.48 36.18
C GLY J 90 2.10 -14.96 36.14
N GLU J 91 3.18 -14.31 35.72
CA GLU J 91 3.21 -12.84 35.55
C GLU J 91 2.88 -12.10 36.85
N GLU J 92 1.94 -11.14 36.78
CA GLU J 92 1.61 -10.29 37.94
C GLU J 92 1.06 -11.15 39.09
N ALA J 93 0.30 -12.19 38.78
CA ALA J 93 -0.35 -13.01 39.83
C ALA J 93 0.65 -13.79 40.66
N TYR J 94 1.90 -13.91 40.24
CA TYR J 94 2.84 -14.78 40.99
C TYR J 94 2.90 -14.32 42.45
N GLU J 95 2.73 -15.26 43.38
CA GLU J 95 2.79 -14.94 44.83
C GLU J 95 4.26 -14.98 45.22
N ILE J 96 4.81 -13.85 45.67
CA ILE J 96 6.24 -13.81 45.96
C ILE J 96 6.57 -14.72 47.13
N GLN J 97 7.77 -15.29 47.10
CA GLN J 97 8.27 -16.19 48.13
C GLN J 97 9.51 -15.60 48.78
N PRO J 98 9.82 -16.01 50.01
CA PRO J 98 11.04 -15.53 50.66
C PRO J 98 12.29 -15.70 49.79
N ASN J 99 13.11 -14.65 49.77
CA ASN J 99 14.39 -14.61 49.09
C ASN J 99 14.27 -14.70 47.58
N ASP J 100 13.08 -14.45 47.03
CA ASP J 100 12.94 -14.36 45.58
C ASP J 100 13.77 -13.20 45.04
N ASN J 101 14.22 -13.36 43.79
CA ASN J 101 14.96 -12.32 43.08
C ASN J 101 14.13 -11.89 41.88
N ILE J 102 13.81 -10.60 41.80
CA ILE J 102 13.04 -10.03 40.70
C ILE J 102 13.93 -9.04 39.97
N LEU J 103 14.09 -9.24 38.66
CA LEU J 103 14.97 -8.42 37.83
C LEU J 103 14.13 -7.64 36.81
N PHE J 104 14.30 -6.34 36.79
CA PHE J 104 13.69 -5.45 35.80
C PHE J 104 14.77 -4.89 34.88
N VAL J 105 14.57 -5.04 33.57
CA VAL J 105 15.55 -4.64 32.56
C VAL J 105 14.84 -3.88 31.45
N SER J 106 15.35 -2.67 31.14
CA SER J 106 14.86 -1.89 30.01
C SER J 106 15.56 -2.33 28.73
N THR J 107 14.80 -2.30 27.62
CA THR J 107 15.38 -2.63 26.29
C THR J 107 16.10 -1.39 25.73
N LEU J 108 17.16 -1.58 24.97
CA LEU J 108 17.95 -0.41 24.54
C LEU J 108 17.16 0.55 23.66
N HIS J 109 16.59 0.05 22.56
CA HIS J 109 16.06 1.00 21.54
C HIS J 109 14.58 1.31 21.72
N GLY J 110 13.71 0.30 21.59
CA GLY J 110 12.26 0.59 21.58
C GLY J 110 11.80 1.20 22.90
N GLY J 111 11.31 2.27 22.55
CA GLY J 111 10.72 3.04 23.62
C GLY J 111 9.32 2.84 23.55
N LEU K 8 -42.53 -39.64 1.13
CA LEU K 8 -43.51 -40.06 0.12
C LEU K 8 -44.14 -38.86 -0.57
N GLU K 9 -44.37 -37.79 0.18
CA GLU K 9 -45.05 -36.60 -0.29
C GLU K 9 -44.03 -35.54 -0.70
N GLU K 10 -44.40 -34.74 -1.71
CA GLU K 10 -43.53 -33.73 -2.28
C GLU K 10 -44.13 -32.35 -2.05
N ILE K 11 -43.33 -31.33 -2.35
CA ILE K 11 -43.68 -29.94 -2.07
C ILE K 11 -43.46 -29.11 -3.33
N PRO K 12 -44.45 -28.31 -3.76
CA PRO K 12 -44.26 -27.48 -4.96
C PRO K 12 -43.69 -26.12 -4.65
N ILE K 13 -42.73 -25.70 -5.48
CA ILE K 13 -42.12 -24.38 -5.37
C ILE K 13 -41.80 -23.85 -6.76
N THR K 14 -41.50 -22.55 -6.82
CA THR K 14 -41.04 -21.87 -8.01
C THR K 14 -39.69 -21.22 -7.72
N VAL K 15 -38.70 -21.45 -8.59
CA VAL K 15 -37.38 -20.88 -8.46
C VAL K 15 -37.13 -19.96 -9.66
N ASP K 16 -36.61 -18.78 -9.40
CA ASP K 16 -36.30 -17.79 -10.42
C ASP K 16 -34.79 -17.53 -10.47
N PHE K 17 -34.29 -17.28 -11.67
CA PHE K 17 -32.88 -16.96 -11.89
C PHE K 17 -32.82 -15.65 -12.67
N SER K 18 -32.03 -14.70 -12.16
CA SER K 18 -31.96 -13.37 -12.75
C SER K 18 -30.54 -12.82 -12.65
N GLY K 19 -30.36 -11.60 -13.12
CA GLY K 19 -29.06 -10.95 -13.11
C GLY K 19 -28.02 -11.58 -14.00
N GLY K 20 -28.42 -12.50 -14.87
CA GLY K 20 -27.51 -13.24 -15.70
C GLY K 20 -27.40 -14.71 -15.34
N LEU K 21 -27.83 -15.08 -14.13
CA LEU K 21 -27.88 -16.49 -13.75
C LEU K 21 -28.58 -17.31 -14.83
N GLU K 22 -29.68 -16.77 -15.37
CA GLU K 22 -30.51 -17.52 -16.30
C GLU K 22 -29.70 -18.09 -17.46
N MET K 23 -28.58 -17.45 -17.81
CA MET K 23 -27.74 -17.95 -18.89
C MET K 23 -27.17 -19.33 -18.56
N LEU K 24 -27.15 -19.73 -17.30
CA LEU K 24 -26.74 -21.08 -16.94
C LEU K 24 -27.84 -22.10 -17.16
N PHE K 25 -29.08 -21.65 -17.30
CA PHE K 25 -30.23 -22.53 -17.46
C PHE K 25 -30.92 -22.29 -18.80
N ASP K 26 -30.11 -22.16 -19.86
CA ASP K 26 -30.63 -21.92 -21.21
C ASP K 26 -31.47 -20.65 -21.26
N ASN K 27 -31.15 -19.68 -20.41
CA ASN K 27 -31.78 -18.37 -20.37
C ASN K 27 -33.23 -18.43 -19.91
N GLN K 28 -33.66 -19.51 -19.27
CA GLN K 28 -34.99 -19.60 -18.71
C GLN K 28 -34.95 -19.15 -17.25
N ARG K 29 -35.72 -18.11 -16.93
CA ARG K 29 -35.73 -17.58 -15.57
C ARG K 29 -36.53 -18.47 -14.63
N ARG K 30 -37.83 -18.63 -14.89
CA ARG K 30 -38.74 -19.28 -13.97
C ARG K 30 -38.77 -20.79 -14.19
N HIS K 31 -38.78 -21.54 -13.09
CA HIS K 31 -38.88 -23.00 -13.13
C HIS K 31 -39.78 -23.46 -11.98
N SER K 32 -40.65 -24.42 -12.28
CA SER K 32 -41.49 -25.06 -11.28
C SER K 32 -40.93 -26.44 -10.97
N ILE K 33 -40.60 -26.69 -9.71
CA ILE K 33 -40.07 -27.98 -9.28
C ILE K 33 -40.87 -28.45 -8.07
N SER K 34 -40.87 -29.77 -7.88
CA SER K 34 -41.50 -30.41 -6.75
C SER K 34 -40.42 -31.16 -5.97
N LEU K 35 -40.08 -30.65 -4.79
CA LEU K 35 -39.02 -31.23 -3.99
C LEU K 35 -39.55 -32.35 -3.10
N PRO K 36 -38.70 -33.29 -2.71
CA PRO K 36 -39.07 -34.21 -1.62
C PRO K 36 -39.12 -33.46 -0.30
N ALA K 37 -40.24 -33.60 0.42
CA ALA K 37 -40.42 -32.86 1.66
C ALA K 37 -39.39 -33.23 2.71
N LYS K 38 -38.70 -34.36 2.55
CA LYS K 38 -37.68 -34.80 3.48
C LYS K 38 -36.41 -35.13 2.71
N ASP K 39 -35.27 -34.78 3.30
CA ASP K 39 -33.99 -34.92 2.64
C ASP K 39 -33.43 -36.32 2.82
N THR K 40 -32.14 -36.50 2.50
CA THR K 40 -31.54 -37.82 2.53
C THR K 40 -31.36 -38.34 3.95
N GLU K 41 -31.44 -37.46 4.95
CA GLU K 41 -31.37 -37.86 6.35
C GLU K 41 -32.75 -37.82 7.03
N GLY K 42 -33.82 -37.63 6.25
CA GLY K 42 -35.16 -37.64 6.81
C GLY K 42 -35.56 -36.39 7.54
N LYS K 43 -34.85 -35.27 7.33
CA LYS K 43 -35.20 -34.00 7.95
C LYS K 43 -35.95 -33.13 6.96
N PRO K 44 -36.73 -32.15 7.45
CA PRO K 44 -37.43 -31.26 6.53
C PRO K 44 -36.48 -30.62 5.54
N VAL K 45 -36.89 -30.59 4.27
CA VAL K 45 -35.99 -30.15 3.20
C VAL K 45 -35.69 -28.66 3.36
N THR K 46 -34.48 -28.27 2.96
CA THR K 46 -33.97 -26.93 3.20
C THR K 46 -33.40 -26.34 1.91
N ILE K 47 -33.16 -25.03 1.95
CA ILE K 47 -32.51 -24.34 0.83
C ILE K 47 -31.22 -25.05 0.45
N ALA K 48 -30.47 -25.52 1.44
CA ALA K 48 -29.25 -26.27 1.15
C ALA K 48 -29.53 -27.42 0.19
N PHE K 49 -30.61 -28.16 0.43
CA PHE K 49 -30.98 -29.24 -0.48
C PHE K 49 -31.37 -28.68 -1.85
N LEU K 50 -32.09 -27.57 -1.87
CA LEU K 50 -32.50 -26.97 -3.13
C LEU K 50 -31.28 -26.57 -3.97
N ILE K 51 -30.34 -25.86 -3.36
CA ILE K 51 -29.14 -25.43 -4.10
C ILE K 51 -28.44 -26.64 -4.69
N ASP K 52 -28.26 -27.70 -3.89
CA ASP K 52 -27.65 -28.92 -4.41
C ASP K 52 -28.48 -29.51 -5.55
N TYR K 53 -29.81 -29.45 -5.42
CA TYR K 53 -30.68 -30.01 -6.45
C TYR K 53 -30.53 -29.23 -7.77
N ILE K 54 -30.53 -27.90 -7.68
CA ILE K 54 -30.41 -27.09 -8.89
C ILE K 54 -29.11 -27.42 -9.62
N SER K 55 -28.01 -27.48 -8.89
CA SER K 55 -26.70 -27.62 -9.54
C SER K 55 -26.57 -28.94 -10.29
N LYS K 56 -27.23 -30.01 -9.81
CA LYS K 56 -27.04 -31.33 -10.36
C LYS K 56 -28.11 -31.74 -11.36
N LYS K 57 -29.30 -31.12 -11.29
CA LYS K 57 -30.43 -31.59 -12.08
C LYS K 57 -31.06 -30.53 -12.98
N LEU K 58 -30.75 -29.25 -12.79
CA LEU K 58 -31.40 -28.19 -13.55
C LEU K 58 -30.46 -27.38 -14.42
N MET K 59 -29.17 -27.28 -14.06
CA MET K 59 -28.25 -26.47 -14.84
C MET K 59 -28.06 -27.08 -16.23
N LYS K 60 -28.09 -26.22 -17.25
CA LYS K 60 -27.78 -26.63 -18.61
C LYS K 60 -26.37 -26.25 -19.03
N ASP K 61 -25.65 -25.46 -18.21
CA ASP K 61 -24.26 -25.11 -18.43
C ASP K 61 -23.36 -26.00 -17.59
N PRO K 62 -22.22 -26.48 -18.12
CA PRO K 62 -21.37 -27.40 -17.34
C PRO K 62 -20.53 -26.72 -16.26
N ARG K 63 -20.42 -25.39 -16.27
CA ARG K 63 -19.56 -24.68 -15.33
C ARG K 63 -20.29 -24.52 -13.99
N THR K 64 -20.19 -25.57 -13.17
CA THR K 64 -20.88 -25.56 -11.88
C THR K 64 -20.35 -24.48 -10.96
N ASP K 65 -19.07 -24.13 -11.05
CA ASP K 65 -18.51 -23.13 -10.16
C ASP K 65 -19.22 -21.79 -10.28
N LEU K 66 -19.92 -21.54 -11.39
CA LEU K 66 -20.63 -20.27 -11.54
C LEU K 66 -21.88 -20.19 -10.68
N PHE K 67 -22.31 -21.29 -10.06
CA PHE K 67 -23.47 -21.29 -9.18
C PHE K 67 -23.14 -21.80 -7.79
N VAL K 68 -22.51 -22.96 -7.68
CA VAL K 68 -22.14 -23.53 -6.39
C VAL K 68 -20.63 -23.76 -6.38
N LEU K 69 -19.97 -23.35 -5.30
CA LEU K 69 -18.53 -23.45 -5.15
C LEU K 69 -18.22 -24.02 -3.78
N ASP K 70 -17.45 -25.10 -3.75
CA ASP K 70 -17.02 -25.73 -2.50
C ASP K 70 -18.21 -25.99 -1.58
N ASN K 71 -19.24 -26.64 -2.15
CA ASN K 71 -20.43 -27.09 -1.44
C ASN K 71 -21.30 -25.95 -0.95
N HIS K 72 -21.03 -24.70 -1.37
CA HIS K 72 -21.86 -23.58 -0.99
C HIS K 72 -22.11 -22.70 -2.21
N ILE K 73 -23.22 -21.95 -2.16
CA ILE K 73 -23.59 -21.09 -3.27
C ILE K 73 -22.49 -20.07 -3.53
N ARG K 74 -22.27 -19.77 -4.81
CA ARG K 74 -21.24 -18.81 -5.17
C ARG K 74 -21.53 -17.46 -4.52
N PRO K 75 -20.52 -16.74 -4.06
CA PRO K 75 -20.77 -15.38 -3.54
C PRO K 75 -21.21 -14.45 -4.65
N GLY K 76 -21.83 -13.35 -4.23
CA GLY K 76 -22.39 -12.42 -5.19
C GLY K 76 -23.72 -12.82 -5.77
N ILE K 77 -24.47 -13.70 -5.08
CA ILE K 77 -25.81 -14.09 -5.48
C ILE K 77 -26.76 -13.78 -4.33
N LEU K 78 -27.68 -12.85 -4.56
CA LEU K 78 -28.75 -12.64 -3.59
C LEU K 78 -29.75 -13.78 -3.68
N VAL K 79 -30.26 -14.21 -2.52
CA VAL K 79 -31.27 -15.25 -2.43
C VAL K 79 -32.45 -14.64 -1.68
N LEU K 80 -33.54 -14.37 -2.42
CA LEU K 80 -34.75 -13.81 -1.84
C LEU K 80 -35.79 -14.90 -1.71
N ILE K 81 -36.34 -15.05 -0.50
CA ILE K 81 -37.40 -16.01 -0.22
C ILE K 81 -38.68 -15.21 -0.07
N ASN K 82 -39.55 -15.28 -1.08
CA ASN K 82 -40.77 -14.48 -1.10
C ASN K 82 -40.44 -13.01 -0.88
N ASP K 83 -39.46 -12.53 -1.64
CA ASP K 83 -38.97 -11.15 -1.59
C ASP K 83 -38.30 -10.80 -0.27
N ALA K 84 -37.85 -11.80 0.48
CA ALA K 84 -37.12 -11.57 1.73
C ALA K 84 -35.71 -12.15 1.61
N ASP K 85 -34.71 -11.31 1.86
CA ASP K 85 -33.32 -11.78 1.89
C ASP K 85 -33.20 -12.97 2.83
N TRP K 86 -32.49 -14.01 2.38
CA TRP K 86 -32.38 -15.22 3.19
C TRP K 86 -31.49 -15.04 4.42
N GLU K 87 -30.76 -13.93 4.53
CA GLU K 87 -30.06 -13.63 5.76
C GLU K 87 -31.01 -13.24 6.89
N LEU K 88 -32.29 -13.02 6.58
CA LEU K 88 -33.31 -12.74 7.60
C LEU K 88 -34.12 -13.98 7.96
N GLU K 89 -33.89 -15.12 7.29
CA GLU K 89 -34.74 -16.29 7.48
C GLU K 89 -33.95 -17.58 7.69
N GLY K 90 -32.64 -17.49 7.88
CA GLY K 90 -31.84 -18.66 8.20
C GLY K 90 -30.90 -19.12 7.11
N GLU K 91 -30.92 -18.50 5.93
CA GLU K 91 -30.01 -18.82 4.83
C GLU K 91 -30.21 -20.28 4.44
N GLU K 92 -29.14 -21.08 4.31
CA GLU K 92 -29.28 -22.43 3.77
C GLU K 92 -30.15 -23.33 4.64
N ALA K 93 -30.42 -22.94 5.87
CA ALA K 93 -31.16 -23.79 6.80
C ALA K 93 -32.66 -23.54 6.76
N TYR K 94 -33.12 -22.56 5.99
CA TYR K 94 -34.56 -22.28 5.89
C TYR K 94 -35.30 -23.50 5.39
N GLU K 95 -36.30 -23.94 6.15
CA GLU K 95 -37.14 -25.06 5.74
C GLU K 95 -38.18 -24.56 4.75
N ILE K 96 -38.11 -25.06 3.52
CA ILE K 96 -38.94 -24.55 2.44
C ILE K 96 -40.41 -24.91 2.71
N GLN K 97 -41.30 -23.95 2.47
CA GLN K 97 -42.73 -24.13 2.66
C GLN K 97 -43.45 -24.18 1.32
N PRO K 98 -44.64 -24.78 1.26
CA PRO K 98 -45.32 -24.95 -0.03
C PRO K 98 -45.57 -23.61 -0.72
N ASN K 99 -45.31 -23.59 -2.03
CA ASN K 99 -45.51 -22.41 -2.86
C ASN K 99 -44.59 -21.26 -2.45
N ASP K 100 -43.43 -21.59 -1.89
CA ASP K 100 -42.39 -20.59 -1.69
C ASP K 100 -41.78 -20.19 -3.02
N ASN K 101 -41.55 -18.90 -3.19
CA ASN K 101 -40.77 -18.40 -4.32
C ASN K 101 -39.36 -18.07 -3.85
N ILE K 102 -38.37 -18.67 -4.50
CA ILE K 102 -36.97 -18.45 -4.18
C ILE K 102 -36.30 -17.86 -5.41
N LEU K 103 -35.74 -16.66 -5.26
CA LEU K 103 -35.13 -15.91 -6.35
C LEU K 103 -33.62 -15.87 -6.16
N PHE K 104 -32.90 -16.38 -7.16
CA PHE K 104 -31.45 -16.27 -7.22
C PHE K 104 -31.10 -15.22 -8.28
N VAL K 105 -30.46 -14.13 -7.85
CA VAL K 105 -30.05 -13.06 -8.76
C VAL K 105 -28.57 -12.78 -8.51
N SER K 106 -27.80 -12.66 -9.60
CA SER K 106 -26.38 -12.35 -9.52
C SER K 106 -26.18 -10.85 -9.46
N THR K 107 -25.37 -10.42 -8.50
CA THR K 107 -24.91 -9.04 -8.45
C THR K 107 -23.77 -8.79 -9.43
N LEU K 108 -23.15 -9.85 -9.95
CA LEU K 108 -22.15 -9.72 -11.00
C LEU K 108 -22.84 -9.63 -12.35
N HIS K 109 -22.42 -8.69 -13.18
CA HIS K 109 -22.99 -8.55 -14.50
C HIS K 109 -22.68 -9.78 -15.35
N GLY K 110 -23.38 -9.89 -16.47
CA GLY K 110 -23.25 -11.10 -17.26
C GLY K 110 -23.66 -12.30 -16.43
N GLY K 111 -23.19 -13.47 -16.86
CA GLY K 111 -23.41 -14.70 -16.12
C GLY K 111 -22.84 -14.62 -14.70
N LEU L 8 33.77 43.33 -19.10
CA LEU L 8 33.08 44.29 -19.94
C LEU L 8 32.25 43.60 -21.02
N GLU L 9 32.79 42.51 -21.57
CA GLU L 9 32.19 41.83 -22.72
C GLU L 9 31.34 40.64 -22.26
N GLU L 10 30.52 40.14 -23.19
CA GLU L 10 29.55 39.09 -22.95
C GLU L 10 30.02 37.78 -23.58
N ILE L 11 29.20 36.74 -23.42
CA ILE L 11 29.52 35.39 -23.89
C ILE L 11 28.38 34.88 -24.77
N PRO L 12 28.67 34.23 -25.90
CA PRO L 12 27.59 33.69 -26.73
C PRO L 12 27.35 32.21 -26.44
N ILE L 13 26.11 31.84 -26.17
CA ILE L 13 25.75 30.45 -25.93
C ILE L 13 24.50 30.13 -26.74
N THR L 14 24.18 28.84 -26.82
CA THR L 14 22.94 28.36 -27.41
C THR L 14 22.23 27.49 -26.37
N VAL L 15 20.96 27.81 -26.11
CA VAL L 15 20.12 27.05 -25.19
C VAL L 15 19.06 26.31 -26.00
N ASP L 16 18.82 25.05 -25.64
CA ASP L 16 17.84 24.22 -26.31
C ASP L 16 16.81 23.73 -25.31
N PHE L 17 15.55 23.73 -25.73
CA PHE L 17 14.42 23.31 -24.90
C PHE L 17 13.66 22.23 -25.63
N SER L 18 13.30 21.16 -24.94
CA SER L 18 12.72 20.00 -25.61
C SER L 18 11.73 19.30 -24.69
N GLY L 19 11.41 18.04 -25.01
CA GLY L 19 10.55 17.22 -24.19
C GLY L 19 9.25 17.88 -23.78
N GLY L 20 8.90 18.99 -24.43
CA GLY L 20 7.75 19.79 -24.07
C GLY L 20 8.09 21.18 -23.56
N LEU L 21 9.33 21.40 -23.09
CA LEU L 21 9.70 22.72 -22.61
C LEU L 21 9.57 23.76 -23.71
N GLU L 22 9.85 23.39 -24.96
CA GLU L 22 9.88 24.36 -26.05
C GLU L 22 8.60 25.18 -26.12
N MET L 23 7.48 24.59 -25.69
CA MET L 23 6.19 25.26 -25.80
C MET L 23 6.06 26.43 -24.84
N LEU L 24 6.88 26.50 -23.80
CA LEU L 24 6.93 27.70 -22.98
C LEU L 24 7.62 28.85 -23.69
N PHE L 25 8.16 28.60 -24.88
CA PHE L 25 8.91 29.59 -25.66
C PHE L 25 8.41 29.60 -27.09
N ASP L 26 7.09 29.70 -27.23
CA ASP L 26 6.42 29.69 -28.53
C ASP L 26 6.94 28.55 -29.41
N ASN L 27 7.15 27.39 -28.80
CA ASN L 27 7.52 26.16 -29.50
C ASN L 27 8.87 26.23 -30.19
N GLN L 28 9.66 27.27 -29.93
CA GLN L 28 11.00 27.39 -30.50
C GLN L 28 11.98 26.65 -29.60
N ARG L 29 12.66 25.65 -30.16
CA ARG L 29 13.63 24.88 -29.38
C ARG L 29 14.89 25.69 -29.12
N ARG L 30 15.60 26.06 -30.19
CA ARG L 30 16.93 26.66 -30.07
C ARG L 30 16.85 28.17 -29.97
N HIS L 31 17.74 28.74 -29.15
CA HIS L 31 17.84 30.17 -28.96
C HIS L 31 19.31 30.55 -28.76
N SER L 32 19.73 31.66 -29.37
CA SER L 32 21.08 32.18 -29.22
C SER L 32 21.04 33.39 -28.29
N ILE L 33 21.69 33.29 -27.13
CA ILE L 33 21.63 34.31 -26.10
C ILE L 33 23.06 34.74 -25.78
N SER L 34 23.20 35.97 -25.28
CA SER L 34 24.49 36.50 -24.83
C SER L 34 24.39 36.86 -23.36
N LEU L 35 25.21 36.22 -22.53
CA LEU L 35 25.18 36.41 -21.08
C LEU L 35 26.30 37.34 -20.63
N PRO L 36 26.04 38.23 -19.66
CA PRO L 36 27.15 38.92 -19.00
C PRO L 36 28.13 37.93 -18.38
N ALA L 37 29.43 38.24 -18.54
CA ALA L 37 30.48 37.37 -18.03
C ALA L 37 30.53 37.35 -16.51
N LYS L 38 30.00 38.39 -15.86
CA LYS L 38 30.03 38.50 -14.41
C LYS L 38 28.62 38.74 -13.93
N ASP L 39 28.27 38.11 -12.81
CA ASP L 39 26.91 38.19 -12.29
C ASP L 39 26.77 39.46 -11.46
N THR L 40 25.62 39.62 -10.80
CA THR L 40 25.41 40.77 -9.94
C THR L 40 26.44 40.84 -8.82
N GLU L 41 27.00 39.69 -8.43
CA GLU L 41 27.93 39.60 -7.31
C GLU L 41 29.39 39.62 -7.75
N GLY L 42 29.67 39.99 -8.99
CA GLY L 42 31.05 40.08 -9.45
C GLY L 42 31.77 38.76 -9.50
N LYS L 43 31.10 37.70 -9.95
CA LYS L 43 31.68 36.37 -10.05
C LYS L 43 31.39 35.80 -11.43
N PRO L 44 32.24 34.87 -11.90
CA PRO L 44 32.00 34.28 -13.23
C PRO L 44 30.60 33.68 -13.31
N VAL L 45 29.93 33.96 -14.42
CA VAL L 45 28.52 33.58 -14.56
C VAL L 45 28.38 32.06 -14.54
N THR L 46 27.29 31.59 -13.92
CA THR L 46 27.05 30.17 -13.73
C THR L 46 25.64 29.81 -14.19
N ILE L 47 25.43 28.51 -14.42
CA ILE L 47 24.13 28.06 -14.92
C ILE L 47 23.01 28.52 -14.00
N ALA L 48 23.31 28.70 -12.71
CA ALA L 48 22.30 29.22 -11.77
C ALA L 48 21.81 30.59 -12.22
N PHE L 49 22.74 31.50 -12.53
CA PHE L 49 22.34 32.80 -13.08
C PHE L 49 21.50 32.61 -14.33
N LEU L 50 21.96 31.74 -15.23
CA LEU L 50 21.23 31.51 -16.47
C LEU L 50 19.79 31.07 -16.19
N ILE L 51 19.63 29.99 -15.44
CA ILE L 51 18.28 29.51 -15.11
C ILE L 51 17.43 30.68 -14.64
N ASP L 52 17.96 31.50 -13.73
CA ASP L 52 17.26 32.69 -13.30
C ASP L 52 16.95 33.62 -14.47
N TYR L 53 17.89 33.71 -15.42
CA TYR L 53 17.69 34.56 -16.59
C TYR L 53 16.58 34.04 -17.49
N ILE L 54 16.53 32.72 -17.70
CA ILE L 54 15.50 32.16 -18.57
C ILE L 54 14.11 32.39 -17.98
N SER L 55 13.97 32.19 -16.68
CA SER L 55 12.65 32.27 -16.07
C SER L 55 12.05 33.67 -16.18
N LYS L 56 12.89 34.70 -16.09
CA LYS L 56 12.42 36.07 -15.99
C LYS L 56 12.41 36.81 -17.33
N LYS L 57 13.23 36.41 -18.29
CA LYS L 57 13.42 37.20 -19.50
C LYS L 57 13.10 36.49 -20.81
N LEU L 58 12.97 35.16 -20.82
CA LEU L 58 12.84 34.44 -22.08
C LEU L 58 11.51 33.71 -22.23
N MET L 59 10.91 33.20 -21.15
CA MET L 59 9.70 32.40 -21.28
C MET L 59 8.53 33.26 -21.69
N LYS L 60 7.82 32.84 -22.74
CA LYS L 60 6.62 33.51 -23.21
C LYS L 60 5.35 32.94 -22.58
N ASP L 61 5.49 31.94 -21.70
CA ASP L 61 4.37 31.35 -20.96
C ASP L 61 4.36 31.88 -19.54
N PRO L 62 3.22 32.27 -18.98
CA PRO L 62 3.23 32.89 -17.64
C PRO L 62 3.46 31.91 -16.49
N ARG L 63 3.41 30.60 -16.75
CA ARG L 63 3.53 29.60 -15.69
C ARG L 63 5.00 29.35 -15.39
N THR L 64 5.55 30.14 -14.45
CA THR L 64 6.96 29.98 -14.12
C THR L 64 7.23 28.70 -13.36
N ASP L 65 6.26 28.23 -12.54
CA ASP L 65 6.46 26.99 -11.80
C ASP L 65 6.77 25.81 -12.72
N LEU L 66 6.37 25.90 -13.99
CA LEU L 66 6.65 24.83 -14.95
C LEU L 66 8.14 24.70 -15.24
N PHE L 67 8.95 25.70 -14.90
CA PHE L 67 10.38 25.67 -15.17
C PHE L 67 11.21 25.83 -13.90
N VAL L 68 10.90 26.81 -13.05
CA VAL L 68 11.61 27.04 -11.80
C VAL L 68 10.63 26.94 -10.65
N LEU L 69 11.08 26.32 -9.55
CA LEU L 69 10.26 26.13 -8.36
C LEU L 69 11.12 26.46 -7.14
N ASP L 70 10.64 27.39 -6.31
CA ASP L 70 11.33 27.80 -5.09
C ASP L 70 12.80 28.10 -5.34
N ASN L 71 13.05 28.93 -6.36
CA ASN L 71 14.37 29.48 -6.68
C ASN L 71 15.33 28.45 -7.27
N HIS L 72 14.86 27.23 -7.55
CA HIS L 72 15.65 26.23 -8.22
C HIS L 72 14.86 25.65 -9.39
N ILE L 73 15.57 24.96 -10.27
CA ILE L 73 14.94 24.38 -11.45
C ILE L 73 13.97 23.28 -11.04
N ARG L 74 12.86 23.18 -11.74
CA ARG L 74 11.86 22.17 -11.44
C ARG L 74 12.45 20.78 -11.62
N PRO L 75 12.26 19.86 -10.67
CA PRO L 75 12.74 18.50 -10.88
C PRO L 75 12.10 17.87 -12.10
N GLY L 76 12.73 16.81 -12.61
CA GLY L 76 12.28 16.21 -13.84
C GLY L 76 12.68 16.98 -15.09
N ILE L 77 13.70 17.81 -15.00
CA ILE L 77 14.34 18.42 -16.16
C ILE L 77 15.79 17.99 -16.16
N LEU L 78 16.18 17.23 -17.19
CA LEU L 78 17.59 16.92 -17.39
C LEU L 78 18.28 18.15 -17.96
N VAL L 79 19.50 18.41 -17.46
CA VAL L 79 20.31 19.53 -17.93
C VAL L 79 21.59 18.93 -18.50
N LEU L 80 21.80 19.11 -19.79
CA LEU L 80 22.97 18.59 -20.49
C LEU L 80 23.83 19.76 -20.94
N ILE L 81 25.10 19.76 -20.53
CA ILE L 81 26.06 20.80 -20.90
C ILE L 81 26.98 20.20 -21.95
N ASN L 82 26.83 20.65 -23.20
CA ASN L 82 27.52 20.05 -24.34
C ASN L 82 27.37 18.53 -24.30
N ASP L 83 26.10 18.09 -24.17
CA ASP L 83 25.72 16.66 -24.18
C ASP L 83 26.31 15.96 -22.95
N ALA L 84 26.51 16.64 -21.81
CA ALA L 84 26.98 16.02 -20.59
C ALA L 84 26.04 16.36 -19.44
N ASP L 85 25.59 15.34 -18.72
CA ASP L 85 24.75 15.56 -17.55
C ASP L 85 25.45 16.49 -16.56
N TRP L 86 24.77 17.57 -16.16
CA TRP L 86 25.40 18.57 -15.31
C TRP L 86 25.81 18.02 -13.96
N GLU L 87 25.22 16.90 -13.52
CA GLU L 87 25.67 16.29 -12.28
C GLU L 87 27.13 15.86 -12.36
N LEU L 88 27.71 15.83 -13.56
CA LEU L 88 29.08 15.40 -13.78
C LEU L 88 30.07 16.56 -13.87
N GLU L 89 29.74 17.58 -14.68
CA GLU L 89 30.70 18.62 -15.02
C GLU L 89 30.55 19.89 -14.20
N GLY L 90 29.79 19.85 -13.11
CA GLY L 90 29.48 21.05 -12.37
C GLY L 90 27.98 21.19 -12.25
N GLU L 91 27.44 20.87 -11.08
CA GLU L 91 26.01 20.64 -10.96
C GLU L 91 25.21 21.91 -11.21
N GLU L 92 25.31 22.89 -10.31
CA GLU L 92 24.75 24.21 -10.53
C GLU L 92 25.80 25.30 -10.53
N ALA L 93 27.07 24.93 -10.38
CA ALA L 93 28.16 25.87 -10.22
C ALA L 93 29.05 25.91 -11.46
N TYR L 94 28.55 25.41 -12.59
CA TYR L 94 29.34 25.33 -13.80
C TYR L 94 29.48 26.72 -14.41
N GLU L 95 30.72 27.21 -14.50
CA GLU L 95 30.97 28.52 -15.10
C GLU L 95 30.87 28.39 -16.62
N ILE L 96 29.96 29.15 -17.23
CA ILE L 96 29.66 28.95 -18.64
C ILE L 96 30.81 29.47 -19.49
N GLN L 97 31.17 28.70 -20.50
CA GLN L 97 32.24 29.04 -21.43
C GLN L 97 31.65 29.49 -22.76
N PRO L 98 32.43 30.19 -23.59
CA PRO L 98 31.91 30.64 -24.88
C PRO L 98 31.46 29.48 -25.76
N ASN L 99 30.32 29.68 -26.43
CA ASN L 99 29.74 28.74 -27.38
C ASN L 99 29.26 27.46 -26.73
N ASP L 100 29.16 27.42 -25.41
CA ASP L 100 28.61 26.26 -24.73
C ASP L 100 27.19 25.99 -25.24
N ASN L 101 26.84 24.72 -25.35
CA ASN L 101 25.47 24.30 -25.60
C ASN L 101 24.91 23.68 -24.33
N ILE L 102 23.71 24.12 -23.94
CA ILE L 102 23.04 23.66 -22.73
C ILE L 102 21.64 23.24 -23.11
N LEU L 103 21.27 22.02 -22.76
CA LEU L 103 20.01 21.43 -23.17
C LEU L 103 19.16 21.14 -21.94
N PHE L 104 18.02 21.83 -21.85
CA PHE L 104 16.98 21.49 -20.89
C PHE L 104 15.98 20.56 -21.58
N VAL L 105 15.73 19.40 -21.00
CA VAL L 105 14.74 18.47 -21.55
C VAL L 105 13.92 17.90 -20.39
N SER L 106 12.60 17.94 -20.54
CA SER L 106 11.68 17.47 -19.51
C SER L 106 11.43 15.98 -19.67
N THR L 107 11.59 15.22 -18.59
CA THR L 107 11.22 13.81 -18.61
C THR L 107 9.72 13.60 -18.53
N LEU L 108 8.97 14.62 -18.13
CA LEU L 108 7.52 14.57 -18.19
C LEU L 108 7.06 14.79 -19.63
N HIS L 109 6.01 14.06 -20.02
CA HIS L 109 5.65 13.99 -21.43
C HIS L 109 5.23 15.33 -22.00
N GLY L 110 4.10 15.87 -21.53
CA GLY L 110 3.67 17.16 -22.01
C GLY L 110 4.65 18.28 -21.72
N GLY L 111 5.59 18.05 -20.81
CA GLY L 111 6.41 19.12 -20.27
C GLY L 111 5.95 19.54 -18.88
ZN ZN M . 0.12 -32.87 -2.27
ZN ZN N . -12.26 -7.87 16.59
ZN ZN O . -33.08 7.49 33.84
ZN ZN P . 1.14 -3.03 4.54
ZN ZN Q . 24.15 -25.40 -4.50
ZN ZN R . 36.53 -1.35 -20.44
ZN ZN S . 47.87 -13.70 -2.35
ZN ZN T . -5.60 16.18 15.35
ZN ZN U . 1.12 32.84 11.26
ZN ZN V . 5.35 -25.71 -22.99
ZN ZN W . -25.88 -23.93 -24.92
ZN ZN X . -10.85 3.73 -24.47
ZN ZN Y . -21.15 30.21 -6.45
ZN ZN Z . -24.82 15.92 -5.23
ZN ZN AA . 30.16 -11.18 17.61
ZN ZN BA . -44.54 1.80 11.37
ZN ZN CA . -35.57 -9.42 -22.05
ZN ZN DA . -27.04 2.82 -19.50
ZN ZN EA . -24.33 -10.99 3.26
ZN ZN FA . -48.63 2.05 -0.44
ZN ZN GA . -40.45 -12.99 -8.76
ZN ZN HA . -24.86 -2.08 -14.18
ZN ZN IA . -41.59 -10.40 -6.69
ZN ZN JA . 3.87 4.53 -30.26
ZN ZN KA . 38.74 5.72 -21.00
ZN ZN LA . 32.58 5.59 -32.56
ZN ZN MA . 21.13 20.42 -29.11
ZN ZN NA . 20.05 13.55 -9.88
ZN ZN OA . 8.49 -11.77 28.90
ZN ZN PA . 16.44 0.74 48.06
ZN ZN QA . 21.13 2.90 17.99
ZN ZN RA . 0.40 -5.43 33.36
ZN ZN SA . -11.65 -24.19 -3.93
ZN ZN TA . -26.85 -7.59 -13.23
ZN ZN UA . -31.06 -21.50 -25.81
ZN ZN VA . -37.18 -26.02 -15.04
ZN ZN WA . -23.17 -23.44 5.63
ZN ZN XA . -24.44 -16.46 7.92
ZN ZN YA . 7.31 26.26 -1.88
ZN ZN ZA . 23.31 17.06 -29.11
ZN ZN AB . 6.29 7.80 -23.91
#